data_4FEG
#
_entry.id   4FEG
#
_cell.length_a   118.600
_cell.length_b   154.400
_cell.length_c   165.520
_cell.angle_alpha   90.00
_cell.angle_beta   90.00
_cell.angle_gamma   90.00
#
_symmetry.space_group_name_H-M   'C 2 2 21'
#
loop_
_entity.id
_entity.type
_entity.pdbx_description
1 polymer 'Pyruvate oxidase'
2 non-polymer 'PYRUVIC ACID'
3 non-polymer 'PHOSPHATE ION'
4 non-polymer GLYCEROL
5 non-polymer 'MAGNESIUM ION'
6 non-polymer '2-[(2E)-3-[(4-AMINO-2-METHYLPYRIMIDIN-5-YL)METHYL]-2-(1-HYDROXYETHYLIDENE)-4-METHYL-2,3-DIHYDRO-1,3-THIAZOL-5-YL]ETHYL TRIHYDROGEN DIPHOSPHATE'
7 non-polymer 'FLAVIN-ADENINE DINUCLEOTIDE'
8 water water
#
_entity_poly.entity_id   1
_entity_poly.type   'polypeptide(L)'
_entity_poly.pdbx_seq_one_letter_code
;MVMKQTKQTNILAGAAVIKVLEAWGVDHLYGIPGGSINSIMDALSAERDRIHYIQVRHEEVGAMAAAADAKLTGKIGVCF
GSAGPGGTHLMNGLYDAREDHVPVLALIGQFGTTGMNMDTFQEMNENPIYADVADYNVTAVNAATLPHVIDEAIRRAYAH
QGVAVVQIPVDLPWQQIPAEDWYASANSYQTPLLPEPDVQAVTRLTQTLLAAERPLIYYGIGARKAGKELEQLSKTLKIP
LMSTYPAKGIVADRYPAYLGSANRVAQKPANEALAQADVVLFVGNNYPFAEVSKAFKNTRYFLQIDIDPAKLGKRHKTDI
AVLADAQKTLAAILAQVSERESTPWWQANLANVKNWRAYLASLEDKQEGPLQAYQVLRAVNKIAEPDAIYSIDVGDINLN
ANRHLKLTPSNRHITSNLFATMGVGIPGAIAAKLNYPERQVFNLAGDGGASMTMQDLATQVQYHLPVINVVFTNCQYGFI
KDEQEDTNQNDFIGVEFNDIDFSKIADGVHMQAFRVNKIEQLPDVFEQAKAIAQHEPVLIDAVITGDRPLPAEKLRLDSA
MSSAADIEAFKQRYEAQDLQPLSTYLKQFGLDDLQHQIGQGGF
;
_entity_poly.pdbx_strand_id   A,B
#
loop_
_chem_comp.id
_chem_comp.type
_chem_comp.name
_chem_comp.formula
FAD non-polymer 'FLAVIN-ADENINE DINUCLEOTIDE' 'C27 H33 N9 O15 P2'
GOL non-polymer GLYCEROL 'C3 H8 O3'
MG non-polymer 'MAGNESIUM ION' 'Mg 2'
PO4 non-polymer 'PHOSPHATE ION' 'O4 P -3'
PYR non-polymer 'PYRUVIC ACID' 'C3 H4 O3'
TDM non-polymer '2-[(2E)-3-[(4-AMINO-2-METHYLPYRIMIDIN-5-YL)METHYL]-2-(1-HYDROXYETHYLIDENE)-4-METHYL-2,3-DIHYDRO-1,3-THIAZOL-5-YL]ETHYL TRIHYDROGEN DIPHOSPHATE' 'C14 H22 N4 O8 P2 S'
#
# COMPACT_ATOMS: atom_id res chain seq x y z
N THR A 9 -20.62 31.49 8.53
CA THR A 9 -19.38 32.12 8.02
C THR A 9 -18.13 31.43 8.56
N ASN A 10 -17.90 31.24 9.86
CA ASN A 10 -16.71 30.51 10.35
C ASN A 10 -17.16 29.29 11.12
N ILE A 11 -16.27 28.33 11.25
CA ILE A 11 -16.46 27.19 12.11
C ILE A 11 -15.15 26.95 12.84
N LEU A 12 -15.20 26.44 14.09
CA LEU A 12 -13.94 26.04 14.70
C LEU A 12 -13.37 24.86 13.95
N ALA A 13 -12.04 24.84 13.77
CA ALA A 13 -11.47 23.72 13.05
C ALA A 13 -11.76 22.40 13.72
N GLY A 14 -11.77 22.38 15.07
CA GLY A 14 -12.08 21.15 15.77
C GLY A 14 -13.48 20.65 15.50
N ALA A 15 -14.46 21.58 15.41
CA ALA A 15 -15.81 21.20 15.05
C ALA A 15 -15.85 20.58 13.67
N ALA A 16 -15.14 21.16 12.73
CA ALA A 16 -15.07 20.60 11.38
C ALA A 16 -14.46 19.20 11.41
N VAL A 17 -13.40 18.99 12.19
CA VAL A 17 -12.80 17.65 12.30
C VAL A 17 -13.83 16.63 12.77
N ILE A 18 -14.60 17.00 13.82
CA ILE A 18 -15.60 16.05 14.29
C ILE A 18 -16.66 15.81 13.24
N LYS A 19 -17.06 16.79 12.49
N LYS A 19 -17.00 16.83 12.51
CA LYS A 19 -18.01 16.55 11.39
CA LYS A 19 -17.93 16.64 11.40
C LYS A 19 -17.40 15.70 10.28
C LYS A 19 -17.38 15.69 10.34
N VAL A 20 -16.09 15.72 10.08
CA VAL A 20 -15.48 14.77 9.15
C VAL A 20 -15.68 13.34 9.68
N LEU A 21 -15.39 13.14 10.99
CA LEU A 21 -15.61 11.82 11.56
C LEU A 21 -17.06 11.38 11.38
N GLU A 22 -18.00 12.29 11.61
CA GLU A 22 -19.39 11.96 11.47
C GLU A 22 -19.74 11.62 10.04
N ALA A 23 -19.19 12.34 9.09
CA ALA A 23 -19.45 12.04 7.69
C ALA A 23 -19.00 10.63 7.31
N TRP A 24 -17.90 10.20 7.88
CA TRP A 24 -17.36 8.87 7.69
C TRP A 24 -18.06 7.82 8.53
N GLY A 25 -19.10 8.18 9.26
CA GLY A 25 -19.89 7.19 9.93
C GLY A 25 -19.28 6.69 11.23
N VAL A 26 -18.35 7.42 11.85
CA VAL A 26 -17.80 6.99 13.09
C VAL A 26 -18.85 7.17 14.21
N ASP A 27 -19.22 6.07 14.86
CA ASP A 27 -20.18 6.10 15.94
C ASP A 27 -19.52 6.38 17.30
N HIS A 28 -18.36 5.76 17.55
CA HIS A 28 -17.73 5.84 18.83
C HIS A 28 -16.23 5.84 18.67
N LEU A 29 -15.52 6.40 19.64
N LEU A 29 -15.56 6.42 19.66
CA LEU A 29 -14.06 6.55 19.63
CA LEU A 29 -14.10 6.53 19.65
C LEU A 29 -13.62 6.54 21.09
C LEU A 29 -13.61 6.57 21.08
N TYR A 30 -12.34 6.22 21.29
CA TYR A 30 -11.79 5.98 22.63
C TYR A 30 -10.61 6.87 22.93
N GLY A 31 -10.45 7.24 24.20
CA GLY A 31 -9.20 7.87 24.65
C GLY A 31 -9.32 8.41 26.03
N ILE A 32 -8.31 9.15 26.44
CA ILE A 32 -8.20 9.78 27.76
C ILE A 32 -7.79 11.23 27.51
N PRO A 33 -8.47 12.20 28.11
CA PRO A 33 -8.16 13.61 27.81
C PRO A 33 -6.85 14.03 28.46
N GLY A 34 -6.36 15.17 27.97
CA GLY A 34 -5.24 15.88 28.51
C GLY A 34 -5.26 17.30 27.98
N GLY A 35 -4.50 18.20 28.61
CA GLY A 35 -4.43 19.55 28.09
C GLY A 35 -4.09 19.63 26.64
N SER A 36 -3.18 18.79 26.19
CA SER A 36 -2.68 18.75 24.86
C SER A 36 -3.70 18.25 23.82
N ILE A 37 -4.84 17.77 24.27
CA ILE A 37 -5.92 17.37 23.36
C ILE A 37 -7.24 17.92 23.82
N ASN A 38 -7.25 18.98 24.63
CA ASN A 38 -8.50 19.47 25.16
C ASN A 38 -9.33 20.24 24.17
N SER A 39 -8.74 20.70 23.05
CA SER A 39 -9.53 21.37 22.05
C SER A 39 -10.31 20.38 21.17
N ILE A 40 -9.77 19.20 20.92
CA ILE A 40 -10.58 18.12 20.34
C ILE A 40 -11.64 17.68 21.35
N MET A 41 -11.28 17.55 22.62
CA MET A 41 -12.26 17.20 23.62
C MET A 41 -13.43 18.21 23.60
N ASP A 42 -13.11 19.49 23.46
CA ASP A 42 -14.17 20.51 23.49
C ASP A 42 -15.13 20.31 22.32
N ALA A 43 -14.55 19.96 21.17
CA ALA A 43 -15.40 19.73 20.00
C ALA A 43 -16.24 18.47 20.16
N LEU A 44 -15.68 17.42 20.75
CA LEU A 44 -16.42 16.20 21.04
C LEU A 44 -17.58 16.50 21.98
N SER A 45 -17.33 17.36 22.98
CA SER A 45 -18.34 17.66 23.98
C SER A 45 -19.58 18.25 23.34
N ALA A 46 -19.37 19.18 22.38
CA ALA A 46 -20.49 19.78 21.67
C ALA A 46 -21.25 18.79 20.80
N GLU A 47 -20.64 17.70 20.36
CA GLU A 47 -21.16 16.72 19.41
C GLU A 47 -21.58 15.42 20.08
N ARG A 48 -21.78 15.46 21.37
N ARG A 48 -21.73 15.40 21.38
CA ARG A 48 -21.98 14.21 22.09
CA ARG A 48 -22.01 14.18 22.11
C ARG A 48 -23.33 13.60 21.79
C ARG A 48 -23.30 13.52 21.64
N ASP A 49 -24.27 14.24 21.12
CA ASP A 49 -25.49 13.56 20.69
C ASP A 49 -25.33 12.79 19.37
N ARG A 50 -24.22 13.05 18.73
N ARG A 50 -24.27 13.04 18.62
CA ARG A 50 -23.98 12.53 17.38
CA ARG A 50 -24.07 12.38 17.33
C ARG A 50 -22.86 11.52 17.29
C ARG A 50 -22.81 11.52 17.21
N ILE A 51 -21.82 11.68 18.07
CA ILE A 51 -20.65 10.81 18.08
C ILE A 51 -20.29 10.57 19.52
N HIS A 52 -19.89 9.34 19.84
CA HIS A 52 -19.89 8.90 21.22
C HIS A 52 -18.50 8.56 21.74
N TYR A 53 -18.03 9.38 22.63
CA TYR A 53 -16.70 9.23 23.23
C TYR A 53 -16.79 8.24 24.39
N ILE A 54 -15.88 7.27 24.33
CA ILE A 54 -15.72 6.24 25.34
C ILE A 54 -14.38 6.50 26.06
N GLN A 55 -14.51 6.93 27.31
CA GLN A 55 -13.33 7.16 28.15
C GLN A 55 -12.85 5.84 28.73
N VAL A 56 -11.68 5.42 28.32
CA VAL A 56 -11.03 4.21 28.82
C VAL A 56 -10.15 4.59 30.02
N ARG A 57 -9.60 3.56 30.69
CA ARG A 57 -8.73 3.77 31.85
C ARG A 57 -7.26 3.65 31.51
N HIS A 58 -6.93 3.14 30.33
CA HIS A 58 -5.55 3.07 29.87
C HIS A 58 -5.63 3.19 28.34
N GLU A 59 -4.83 4.06 27.74
CA GLU A 59 -4.98 4.31 26.29
C GLU A 59 -4.74 3.08 25.44
N GLU A 60 -3.98 2.12 25.85
CA GLU A 60 -3.77 0.92 25.09
C GLU A 60 -5.11 0.23 24.84
N VAL A 61 -6.00 0.27 25.82
CA VAL A 61 -7.32 -0.36 25.66
C VAL A 61 -8.10 0.38 24.62
N GLY A 62 -7.98 1.71 24.55
CA GLY A 62 -8.63 2.45 23.48
C GLY A 62 -8.14 2.10 22.11
N ALA A 63 -6.82 1.96 21.96
CA ALA A 63 -6.26 1.56 20.70
C ALA A 63 -6.65 0.15 20.32
N MET A 64 -6.59 -0.78 21.27
N MET A 64 -6.63 -0.79 21.26
CA MET A 64 -7.00 -2.14 21.01
CA MET A 64 -7.02 -2.17 20.94
C MET A 64 -8.49 -2.19 20.62
C MET A 64 -8.53 -2.29 20.70
N ALA A 65 -9.32 -1.44 21.32
CA ALA A 65 -10.75 -1.43 21.03
C ALA A 65 -11.00 -0.87 19.64
N ALA A 66 -10.28 0.17 19.25
CA ALA A 66 -10.42 0.71 17.93
C ALA A 66 -10.05 -0.32 16.86
N ALA A 67 -8.96 -1.05 17.09
CA ALA A 67 -8.59 -2.11 16.15
C ALA A 67 -9.70 -3.16 16.10
N ALA A 68 -10.26 -3.54 17.27
CA ALA A 68 -11.32 -4.54 17.30
C ALA A 68 -12.58 -4.06 16.59
N ASP A 69 -12.92 -2.80 16.73
CA ASP A 69 -14.03 -2.24 15.99
C ASP A 69 -13.91 -2.55 14.53
N ALA A 70 -12.73 -2.27 13.99
CA ALA A 70 -12.49 -2.48 12.54
C ALA A 70 -12.46 -3.95 12.19
N LYS A 71 -11.88 -4.80 13.06
CA LYS A 71 -11.93 -6.24 12.83
C LYS A 71 -13.34 -6.75 12.70
N LEU A 72 -14.23 -6.22 13.52
CA LEU A 72 -15.60 -6.67 13.61
C LEU A 72 -16.47 -6.16 12.48
N THR A 73 -16.45 -4.85 12.24
CA THR A 73 -17.42 -4.24 11.36
C THR A 73 -16.82 -3.81 10.04
N GLY A 74 -15.50 -3.71 9.93
CA GLY A 74 -14.87 -3.09 8.78
C GLY A 74 -14.84 -1.61 8.71
N LYS A 75 -15.40 -0.90 9.57
CA LYS A 75 -15.49 0.52 9.81
C LYS A 75 -14.20 0.93 10.53
N ILE A 76 -13.60 2.01 10.08
CA ILE A 76 -12.36 2.50 10.69
C ILE A 76 -12.57 2.71 12.17
N GLY A 77 -11.64 2.20 12.98
CA GLY A 77 -11.66 2.46 14.38
C GLY A 77 -10.94 3.76 14.71
N VAL A 78 -11.37 4.45 15.79
CA VAL A 78 -10.78 5.74 16.10
C VAL A 78 -10.40 5.77 17.58
N CYS A 79 -9.15 6.16 17.82
CA CYS A 79 -8.66 6.37 19.19
C CYS A 79 -7.79 7.61 19.24
N PHE A 80 -7.51 8.03 20.50
CA PHE A 80 -6.58 9.13 20.68
C PHE A 80 -5.81 8.97 21.97
N GLY A 81 -4.73 9.70 22.04
CA GLY A 81 -3.90 9.80 23.22
C GLY A 81 -3.33 11.19 23.35
N SER A 82 -3.18 11.65 24.58
CA SER A 82 -2.56 12.92 24.87
C SER A 82 -1.09 12.90 24.54
N ALA A 83 -0.50 14.08 24.46
CA ALA A 83 0.90 14.22 24.10
C ALA A 83 1.81 13.36 24.95
N GLY A 84 2.86 12.87 24.33
CA GLY A 84 3.82 12.04 25.08
C GLY A 84 3.22 10.73 25.51
N PRO A 85 3.06 10.51 26.81
CA PRO A 85 2.66 9.20 27.30
C PRO A 85 1.28 8.76 26.95
N GLY A 86 0.34 9.64 26.67
CA GLY A 86 -0.97 9.16 26.22
C GLY A 86 -0.86 8.41 24.89
N GLY A 87 -0.19 9.03 23.95
CA GLY A 87 0.03 8.43 22.65
C GLY A 87 0.90 7.21 22.69
N THR A 88 1.99 7.21 23.45
CA THR A 88 2.83 6.03 23.43
C THR A 88 2.13 4.84 24.05
N HIS A 89 1.18 5.08 24.92
CA HIS A 89 0.37 3.98 25.44
C HIS A 89 -0.50 3.31 24.36
N LEU A 90 -0.78 4.00 23.25
CA LEU A 90 -1.57 3.41 22.18
C LEU A 90 -0.82 2.26 21.50
N MET A 91 0.48 2.17 21.62
N MET A 91 0.48 2.13 21.65
CA MET A 91 1.26 1.37 20.69
CA MET A 91 1.22 1.41 20.61
C MET A 91 0.80 -0.08 20.55
C MET A 91 0.88 -0.06 20.57
N ASN A 92 0.52 -0.80 21.62
CA ASN A 92 0.20 -2.20 21.41
C ASN A 92 -1.06 -2.38 20.55
N GLY A 93 -2.01 -1.45 20.67
CA GLY A 93 -3.17 -1.51 19.82
C GLY A 93 -2.91 -1.09 18.38
N LEU A 94 -2.06 -0.08 18.21
CA LEU A 94 -1.72 0.34 16.86
C LEU A 94 -0.96 -0.73 16.10
N TYR A 95 0.02 -1.39 16.78
CA TYR A 95 0.73 -2.48 16.12
C TYR A 95 -0.20 -3.66 15.83
N ASP A 96 -1.17 -3.89 16.70
CA ASP A 96 -2.19 -4.91 16.42
C ASP A 96 -2.93 -4.56 15.14
N ALA A 97 -3.34 -3.30 14.99
CA ALA A 97 -4.03 -2.89 13.78
C ALA A 97 -3.16 -3.03 12.55
N ARG A 98 -1.90 -2.67 12.65
CA ARG A 98 -1.00 -2.82 11.52
C ARG A 98 -0.92 -4.27 11.11
N GLU A 99 -0.60 -5.13 12.05
CA GLU A 99 -0.31 -6.53 11.76
C GLU A 99 -1.57 -7.31 11.37
N ASP A 100 -2.71 -6.95 11.93
CA ASP A 100 -3.99 -7.53 11.53
C ASP A 100 -4.65 -6.76 10.42
N HIS A 101 -3.95 -5.78 9.82
CA HIS A 101 -4.33 -5.05 8.64
C HIS A 101 -5.76 -4.60 8.66
N VAL A 102 -6.09 -3.81 9.71
CA VAL A 102 -7.40 -3.17 9.82
C VAL A 102 -7.19 -1.63 9.94
N PRO A 103 -8.17 -0.91 9.43
CA PRO A 103 -8.04 0.57 9.44
C PRO A 103 -8.31 1.16 10.82
N VAL A 104 -7.35 1.99 11.28
CA VAL A 104 -7.48 2.75 12.51
C VAL A 104 -6.91 4.14 12.31
N LEU A 105 -7.64 5.12 12.81
CA LEU A 105 -7.18 6.51 12.94
C LEU A 105 -6.80 6.75 14.40
N ALA A 106 -5.59 7.24 14.62
CA ALA A 106 -5.12 7.65 15.94
C ALA A 106 -4.79 9.12 15.92
N LEU A 107 -5.38 9.87 16.84
CA LEU A 107 -5.05 11.29 17.02
C LEU A 107 -4.17 11.42 18.24
N ILE A 108 -3.10 12.19 18.09
CA ILE A 108 -2.12 12.37 19.15
C ILE A 108 -2.07 13.83 19.54
N GLY A 109 -2.29 14.11 20.84
CA GLY A 109 -2.17 15.50 21.29
C GLY A 109 -0.74 15.98 21.10
N GLN A 110 -0.61 17.30 20.99
CA GLN A 110 0.67 18.00 20.90
C GLN A 110 0.47 19.37 21.47
N PHE A 111 1.54 19.92 22.00
N PHE A 111 1.49 19.93 22.08
CA PHE A 111 1.65 21.31 22.45
CA PHE A 111 1.28 21.30 22.55
C PHE A 111 1.25 22.24 21.33
C PHE A 111 1.24 22.23 21.38
N GLY A 112 0.80 23.45 21.67
CA GLY A 112 0.48 24.39 20.63
C GLY A 112 1.67 24.82 19.80
N THR A 113 1.40 25.28 18.61
CA THR A 113 2.46 25.66 17.68
C THR A 113 3.38 26.75 18.27
N THR A 114 2.91 27.56 19.20
CA THR A 114 3.79 28.57 19.80
C THR A 114 4.81 27.99 20.77
N GLY A 115 4.60 26.79 21.28
CA GLY A 115 5.47 26.12 22.23
C GLY A 115 6.22 24.92 21.69
N MET A 116 5.85 24.42 20.51
CA MET A 116 6.59 23.34 19.91
C MET A 116 8.04 23.72 19.68
N ASN A 117 8.92 22.77 19.88
CA ASN A 117 10.35 22.95 19.70
C ASN A 117 10.94 23.90 20.71
N MET A 118 10.24 24.19 21.82
CA MET A 118 10.80 24.96 22.92
C MET A 118 11.33 24.11 24.07
N ASP A 119 11.18 22.80 23.96
CA ASP A 119 11.49 21.89 25.05
C ASP A 119 10.71 22.32 26.31
N THR A 120 9.41 22.41 26.10
CA THR A 120 8.51 22.68 27.23
C THR A 120 7.95 21.35 27.78
N PHE A 121 7.06 21.46 28.75
CA PHE A 121 6.62 20.30 29.48
C PHE A 121 5.94 19.30 28.57
N GLN A 122 6.48 18.08 28.65
N GLN A 122 6.21 18.01 28.63
CA GLN A 122 5.89 16.95 27.90
CA GLN A 122 5.65 16.92 27.80
C GLN A 122 5.79 17.26 26.41
C GLN A 122 5.80 17.20 26.31
N GLU A 123 6.74 18.06 25.93
CA GLU A 123 6.78 18.52 24.54
C GLU A 123 7.99 17.89 23.90
N MET A 124 7.78 17.22 22.78
CA MET A 124 8.82 16.52 22.04
CA MET A 124 8.81 16.54 22.04
C MET A 124 8.37 16.49 20.59
N ASN A 125 9.31 16.13 19.72
CA ASN A 125 8.98 15.84 18.34
C ASN A 125 8.30 14.46 18.33
N GLU A 126 6.96 14.45 18.15
CA GLU A 126 6.21 13.23 18.25
C GLU A 126 6.19 12.44 16.94
N ASN A 127 6.48 13.07 15.82
CA ASN A 127 6.35 12.37 14.54
C ASN A 127 7.19 11.10 14.46
N PRO A 128 8.46 11.08 14.90
CA PRO A 128 9.23 9.84 14.76
C PRO A 128 8.69 8.70 15.61
N ILE A 129 7.91 8.96 16.64
CA ILE A 129 7.40 7.90 17.50
C ILE A 129 6.56 6.93 16.66
N TYR A 130 5.79 7.44 15.71
CA TYR A 130 4.75 6.71 14.99
C TYR A 130 5.17 6.29 13.60
N ALA A 131 6.37 6.63 13.18
CA ALA A 131 6.79 6.40 11.79
C ALA A 131 6.76 4.93 11.42
N ASP A 132 7.15 4.04 12.34
CA ASP A 132 7.19 2.62 11.99
C ASP A 132 5.78 2.00 11.92
N VAL A 133 4.91 2.36 12.83
CA VAL A 133 3.61 1.66 12.89
C VAL A 133 2.65 2.11 11.80
N ALA A 134 2.82 3.36 11.34
CA ALA A 134 1.75 4.00 10.59
C ALA A 134 1.94 3.95 9.10
N ASP A 135 0.84 3.77 8.39
CA ASP A 135 0.79 3.96 6.95
C ASP A 135 0.90 5.44 6.55
N TYR A 136 0.33 6.31 7.41
CA TYR A 136 0.26 7.74 7.21
C TYR A 136 0.54 8.37 8.57
N ASN A 137 1.44 9.35 8.65
CA ASN A 137 1.96 9.81 9.94
C ASN A 137 2.39 11.26 9.81
N VAL A 138 1.54 12.19 10.19
CA VAL A 138 1.81 13.59 9.95
C VAL A 138 1.48 14.42 11.20
N THR A 139 2.24 15.50 11.35
CA THR A 139 1.94 16.56 12.29
C THR A 139 1.25 17.69 11.55
N ALA A 140 0.03 18.00 11.99
CA ALA A 140 -0.74 19.10 11.43
C ALA A 140 -0.12 20.42 11.87
N VAL A 141 -0.12 21.39 10.95
CA VAL A 141 0.50 22.71 11.20
C VAL A 141 -0.39 23.87 10.83
N ASN A 142 -1.61 23.64 10.42
CA ASN A 142 -2.52 24.66 9.96
C ASN A 142 -3.94 24.24 10.31
N ALA A 143 -4.78 25.19 10.74
CA ALA A 143 -6.16 24.89 11.08
C ALA A 143 -7.05 24.68 9.85
N ALA A 144 -6.92 25.53 8.84
CA ALA A 144 -7.82 25.44 7.69
C ALA A 144 -7.65 24.11 6.95
N THR A 145 -6.45 23.53 6.93
CA THR A 145 -6.28 22.27 6.26
C THR A 145 -6.47 21.06 7.17
N LEU A 146 -6.75 21.29 8.46
CA LEU A 146 -6.87 20.18 9.40
C LEU A 146 -8.01 19.21 9.01
N PRO A 147 -9.20 19.69 8.61
CA PRO A 147 -10.21 18.73 8.19
C PRO A 147 -9.72 17.85 7.05
N HIS A 148 -9.06 18.43 6.08
CA HIS A 148 -8.51 17.64 4.98
C HIS A 148 -7.51 16.64 5.49
N VAL A 149 -6.62 16.99 6.39
CA VAL A 149 -5.63 16.04 6.88
C VAL A 149 -6.29 14.87 7.56
N ILE A 150 -7.32 15.11 8.35
CA ILE A 150 -8.05 14.01 8.96
C ILE A 150 -8.75 13.16 7.90
N ASP A 151 -9.40 13.81 6.92
CA ASP A 151 -10.06 13.10 5.84
C ASP A 151 -9.07 12.19 5.09
N GLU A 152 -7.91 12.75 4.78
CA GLU A 152 -6.82 12.05 4.09
C GLU A 152 -6.39 10.81 4.89
N ALA A 153 -6.21 11.01 6.19
CA ALA A 153 -5.80 9.95 7.08
C ALA A 153 -6.81 8.80 7.04
N ILE A 154 -8.10 9.12 7.14
CA ILE A 154 -9.14 8.10 7.11
C ILE A 154 -9.12 7.35 5.75
N ARG A 155 -9.09 8.13 4.68
CA ARG A 155 -9.16 7.56 3.35
C ARG A 155 -7.97 6.63 3.11
N ARG A 156 -6.78 7.02 3.54
CA ARG A 156 -5.61 6.18 3.43
C ARG A 156 -5.66 4.96 4.33
N ALA A 157 -6.08 5.11 5.57
CA ALA A 157 -6.19 3.98 6.45
C ALA A 157 -7.09 2.91 5.87
N TYR A 158 -8.24 3.29 5.29
CA TYR A 158 -9.09 2.34 4.62
C TYR A 158 -8.42 1.72 3.39
N ALA A 159 -7.91 2.55 2.50
CA ALA A 159 -7.40 2.06 1.22
C ALA A 159 -6.24 1.12 1.47
N HIS A 160 -5.42 1.42 2.46
CA HIS A 160 -4.19 0.71 2.75
C HIS A 160 -4.33 -0.30 3.89
N GLN A 161 -5.51 -0.39 4.50
CA GLN A 161 -5.82 -1.31 5.57
C GLN A 161 -4.76 -1.26 6.68
N GLY A 162 -4.64 -0.10 7.28
CA GLY A 162 -3.67 0.08 8.34
C GLY A 162 -3.93 1.37 9.11
N VAL A 163 -2.89 1.81 9.79
CA VAL A 163 -3.01 2.86 10.78
C VAL A 163 -2.61 4.22 10.22
N ALA A 164 -3.42 5.21 10.45
CA ALA A 164 -3.09 6.58 10.13
C ALA A 164 -3.03 7.34 11.44
N VAL A 165 -1.95 8.11 11.63
CA VAL A 165 -1.69 8.86 12.84
C VAL A 165 -1.55 10.34 12.47
N VAL A 166 -2.27 11.20 13.23
CA VAL A 166 -2.15 12.63 13.05
C VAL A 166 -1.82 13.24 14.41
N GLN A 167 -0.69 13.92 14.51
CA GLN A 167 -0.34 14.70 15.70
C GLN A 167 -0.95 16.09 15.51
N ILE A 168 -1.71 16.54 16.52
CA ILE A 168 -2.48 17.79 16.40
C ILE A 168 -2.03 18.78 17.47
N PRO A 169 -1.31 19.82 17.09
CA PRO A 169 -1.00 20.90 18.05
C PRO A 169 -2.34 21.48 18.57
N VAL A 170 -2.44 21.64 19.90
CA VAL A 170 -3.71 21.89 20.55
C VAL A 170 -4.31 23.22 20.17
N ASP A 171 -3.53 24.19 19.71
CA ASP A 171 -4.11 25.47 19.30
C ASP A 171 -4.97 25.32 18.05
N LEU A 172 -4.63 24.41 17.14
CA LEU A 172 -5.31 24.44 15.84
C LEU A 172 -6.81 24.21 15.96
N PRO A 173 -7.29 23.25 16.73
CA PRO A 173 -8.74 23.02 16.76
C PRO A 173 -9.57 24.14 17.36
N TRP A 174 -8.97 25.07 18.07
CA TRP A 174 -9.66 26.25 18.60
C TRP A 174 -9.61 27.44 17.63
N GLN A 175 -8.98 27.31 16.48
CA GLN A 175 -8.97 28.40 15.52
C GLN A 175 -10.19 28.33 14.63
N GLN A 176 -10.74 29.50 14.32
CA GLN A 176 -11.84 29.62 13.35
C GLN A 176 -11.28 29.46 11.93
N ILE A 177 -12.05 28.72 11.12
CA ILE A 177 -11.76 28.56 9.72
C ILE A 177 -13.04 28.84 8.92
N PRO A 178 -12.92 29.13 7.64
CA PRO A 178 -14.17 29.41 6.88
C PRO A 178 -15.09 28.21 6.87
N ALA A 179 -16.37 28.46 7.12
CA ALA A 179 -17.33 27.39 7.24
C ALA A 179 -17.54 26.61 5.95
N GLU A 180 -17.36 27.30 4.83
N GLU A 180 -17.40 27.29 4.82
CA GLU A 180 -17.78 26.86 3.52
CA GLU A 180 -17.87 26.67 3.58
C GLU A 180 -16.74 25.94 2.89
C GLU A 180 -16.70 26.13 2.78
N ASP A 181 -15.53 26.02 3.38
CA ASP A 181 -14.42 25.48 2.54
C ASP A 181 -14.19 23.99 2.73
N TRP A 182 -14.25 23.47 3.93
CA TRP A 182 -13.83 22.11 4.25
C TRP A 182 -14.88 21.13 3.74
N TYR A 183 -14.47 19.90 3.53
CA TYR A 183 -15.39 18.84 3.16
C TYR A 183 -14.79 17.51 3.61
N ALA A 184 -15.64 16.48 3.60
CA ALA A 184 -15.24 15.12 3.78
C ALA A 184 -15.42 14.35 2.47
N SER A 185 -14.56 13.40 2.18
CA SER A 185 -14.68 12.55 0.99
C SER A 185 -15.36 11.23 1.30
N ALA A 186 -16.01 11.10 2.45
CA ALA A 186 -16.73 9.89 2.77
C ALA A 186 -17.75 9.52 1.67
N ASN A 187 -18.39 10.49 1.08
CA ASN A 187 -19.37 10.31 0.02
CA ASN A 187 -19.40 10.13 0.09
C ASN A 187 -18.77 9.57 -1.17
N SER A 188 -17.47 9.70 -1.39
CA SER A 188 -16.79 9.12 -2.54
C SER A 188 -16.19 7.77 -2.25
N TYR A 189 -16.22 7.30 -1.00
CA TYR A 189 -15.56 6.07 -0.58
C TYR A 189 -16.06 4.87 -1.36
N GLN A 190 -15.14 3.99 -1.72
CA GLN A 190 -15.50 2.66 -2.20
C GLN A 190 -14.44 1.67 -1.71
N THR A 191 -14.82 0.43 -1.55
N THR A 191 -14.78 0.41 -1.73
CA THR A 191 -13.83 -0.62 -1.27
CA THR A 191 -13.94 -0.70 -1.28
C THR A 191 -13.09 -1.11 -2.50
C THR A 191 -13.11 -1.16 -2.46
N PRO A 192 -11.88 -1.67 -2.38
CA PRO A 192 -11.17 -2.12 -3.60
C PRO A 192 -12.01 -3.07 -4.47
N LEU A 193 -11.80 -2.93 -5.77
CA LEU A 193 -12.36 -3.83 -6.76
C LEU A 193 -11.96 -5.29 -6.50
N LEU A 194 -12.85 -6.25 -6.78
CA LEU A 194 -12.62 -7.68 -6.56
C LEU A 194 -12.19 -8.27 -7.91
N PRO A 195 -10.93 -8.67 -8.05
N PRO A 195 -10.94 -8.76 -7.95
CA PRO A 195 -10.59 -9.27 -9.35
CA PRO A 195 -10.38 -9.36 -9.17
C PRO A 195 -11.25 -10.64 -9.46
C PRO A 195 -11.05 -10.71 -9.47
N GLU A 196 -11.31 -10.98 -10.76
CA GLU A 196 -12.02 -12.14 -11.22
C GLU A 196 -11.08 -13.21 -11.68
N PRO A 197 -11.52 -14.46 -11.49
CA PRO A 197 -10.59 -15.53 -11.87
C PRO A 197 -10.52 -15.81 -13.35
N ASP A 198 -9.29 -16.00 -13.83
CA ASP A 198 -9.05 -16.44 -15.23
C ASP A 198 -9.60 -17.85 -15.40
N VAL A 199 -10.33 -18.03 -16.51
N VAL A 199 -10.55 -17.94 -16.31
CA VAL A 199 -11.13 -19.27 -16.54
CA VAL A 199 -11.14 -19.21 -16.69
C VAL A 199 -10.22 -20.44 -16.93
C VAL A 199 -10.17 -20.36 -16.82
N GLN A 200 -9.27 -20.24 -17.82
N GLN A 200 -9.14 -20.18 -17.62
CA GLN A 200 -8.29 -21.29 -18.06
CA GLN A 200 -8.37 -21.38 -17.93
C GLN A 200 -7.56 -21.67 -16.77
C GLN A 200 -7.43 -21.72 -16.79
N ALA A 201 -7.06 -20.69 -16.05
CA ALA A 201 -6.26 -21.01 -14.86
C ALA A 201 -7.11 -21.81 -13.89
N VAL A 202 -8.37 -21.40 -13.70
CA VAL A 202 -9.20 -22.15 -12.75
C VAL A 202 -9.46 -23.57 -13.20
N THR A 203 -9.63 -23.74 -14.51
CA THR A 203 -9.79 -25.11 -14.99
C THR A 203 -8.55 -25.94 -14.76
N ARG A 204 -7.37 -25.36 -14.97
CA ARG A 204 -6.13 -26.08 -14.71
C ARG A 204 -5.95 -26.41 -13.23
N LEU A 205 -6.28 -25.46 -12.37
CA LEU A 205 -6.23 -25.66 -10.92
C LEU A 205 -7.14 -26.83 -10.57
N THR A 206 -8.38 -26.79 -11.09
CA THR A 206 -9.34 -27.83 -10.78
C THR A 206 -8.83 -29.19 -11.20
N GLN A 207 -8.25 -29.28 -12.40
N GLN A 207 -8.21 -29.30 -12.38
CA GLN A 207 -7.71 -30.53 -12.88
CA GLN A 207 -7.82 -30.64 -12.79
C GLN A 207 -6.63 -31.07 -11.93
C GLN A 207 -6.59 -31.10 -12.00
N THR A 208 -5.73 -30.21 -11.53
CA THR A 208 -4.69 -30.63 -10.63
C THR A 208 -5.24 -31.09 -9.30
N LEU A 209 -6.20 -30.37 -8.76
CA LEU A 209 -6.83 -30.71 -7.50
C LEU A 209 -7.49 -32.08 -7.61
N LEU A 210 -8.24 -32.30 -8.70
CA LEU A 210 -8.94 -33.57 -8.86
C LEU A 210 -7.98 -34.77 -9.08
N ALA A 211 -6.82 -34.54 -9.67
CA ALA A 211 -5.88 -35.62 -9.92
C ALA A 211 -5.12 -36.00 -8.68
N ALA A 212 -5.18 -35.21 -7.62
CA ALA A 212 -4.46 -35.47 -6.41
C ALA A 212 -4.91 -36.80 -5.78
N GLU A 213 -3.97 -37.47 -5.14
CA GLU A 213 -4.34 -38.64 -4.35
C GLU A 213 -4.73 -38.31 -2.91
N ARG A 214 -4.13 -37.26 -2.36
N ARG A 214 -4.12 -37.25 -2.37
CA ARG A 214 -4.30 -36.87 -0.95
CA ARG A 214 -4.30 -36.87 -0.95
C ARG A 214 -4.50 -35.35 -0.89
C ARG A 214 -4.47 -35.34 -0.90
N PRO A 215 -5.56 -34.82 -1.49
CA PRO A 215 -5.76 -33.37 -1.51
C PRO A 215 -6.25 -32.80 -0.18
N LEU A 216 -5.94 -31.52 0.00
CA LEU A 216 -6.51 -30.72 1.07
C LEU A 216 -6.83 -29.34 0.54
N ILE A 217 -7.91 -28.76 1.08
CA ILE A 217 -8.19 -27.34 0.89
C ILE A 217 -7.86 -26.65 2.24
N TYR A 218 -6.98 -25.65 2.17
CA TYR A 218 -6.42 -24.99 3.36
C TYR A 218 -6.67 -23.49 3.23
N TYR A 219 -7.70 -23.02 3.94
CA TYR A 219 -8.15 -21.62 3.79
C TYR A 219 -7.86 -20.80 5.04
N GLY A 220 -7.76 -19.49 4.76
CA GLY A 220 -7.74 -18.51 5.84
C GLY A 220 -8.89 -17.55 5.73
N ILE A 221 -8.78 -16.44 6.43
CA ILE A 221 -9.89 -15.48 6.54
C ILE A 221 -10.13 -14.72 5.27
N GLY A 222 -9.21 -14.81 4.28
CA GLY A 222 -9.52 -14.30 2.97
C GLY A 222 -10.67 -15.02 2.34
N ALA A 223 -11.01 -16.22 2.82
CA ALA A 223 -12.14 -17.00 2.35
C ALA A 223 -13.37 -16.80 3.23
N ARG A 224 -13.45 -15.73 4.04
CA ARG A 224 -14.56 -15.56 4.94
C ARG A 224 -15.90 -15.43 4.28
N LYS A 225 -15.99 -15.00 3.03
N LYS A 225 -16.00 -15.04 3.01
CA LYS A 225 -17.22 -14.95 2.26
CA LYS A 225 -17.35 -14.99 2.43
C LYS A 225 -17.59 -16.24 1.59
C LYS A 225 -17.66 -16.27 1.70
N ALA A 226 -16.77 -17.26 1.70
CA ALA A 226 -16.84 -18.46 0.88
C ALA A 226 -17.11 -19.73 1.67
N GLY A 227 -17.66 -19.66 2.89
CA GLY A 227 -17.88 -20.86 3.68
C GLY A 227 -18.80 -21.85 2.99
N LYS A 228 -19.85 -21.39 2.30
N LYS A 228 -19.84 -21.33 2.34
CA LYS A 228 -20.75 -22.35 1.63
CA LYS A 228 -20.76 -22.26 1.67
C LYS A 228 -20.05 -23.10 0.51
C LYS A 228 -20.00 -23.05 0.60
N GLU A 229 -19.24 -22.35 -0.22
CA GLU A 229 -18.49 -22.97 -1.31
C GLU A 229 -17.45 -23.96 -0.79
N LEU A 230 -16.77 -23.57 0.28
CA LEU A 230 -15.78 -24.48 0.86
C LEU A 230 -16.39 -25.79 1.31
N GLU A 231 -17.47 -25.69 2.05
CA GLU A 231 -18.09 -26.92 2.56
C GLU A 231 -18.64 -27.75 1.41
N GLN A 232 -19.29 -27.10 0.44
CA GLN A 232 -19.82 -27.87 -0.70
C GLN A 232 -18.73 -28.47 -1.55
N LEU A 233 -17.62 -27.79 -1.77
CA LEU A 233 -16.53 -28.42 -2.49
C LEU A 233 -16.02 -29.62 -1.75
N SER A 234 -15.84 -29.49 -0.45
CA SER A 234 -15.36 -30.60 0.38
C SER A 234 -16.28 -31.81 0.28
N LYS A 235 -17.59 -31.59 0.42
CA LYS A 235 -18.54 -32.68 0.35
C LYS A 235 -18.61 -33.29 -1.06
N THR A 236 -18.65 -32.47 -2.08
CA THR A 236 -18.82 -32.98 -3.46
C THR A 236 -17.59 -33.75 -3.88
N LEU A 237 -16.43 -33.20 -3.62
CA LEU A 237 -15.18 -33.78 -4.10
C LEU A 237 -14.56 -34.78 -3.15
N LYS A 238 -15.05 -34.88 -1.92
CA LYS A 238 -14.48 -35.73 -0.88
C LYS A 238 -13.06 -35.30 -0.56
N ILE A 239 -12.92 -33.99 -0.27
CA ILE A 239 -11.64 -33.38 0.02
C ILE A 239 -11.71 -32.75 1.39
N PRO A 240 -10.91 -33.17 2.36
CA PRO A 240 -10.98 -32.57 3.69
C PRO A 240 -10.57 -31.10 3.67
N LEU A 241 -11.10 -30.38 4.68
CA LEU A 241 -10.85 -28.98 4.89
C LEU A 241 -9.95 -28.75 6.13
N MET A 242 -9.06 -27.78 6.01
CA MET A 242 -8.33 -27.29 7.17
C MET A 242 -8.20 -25.75 7.02
N SER A 243 -7.93 -25.11 8.15
CA SER A 243 -7.94 -23.67 8.09
C SER A 243 -6.84 -23.09 8.95
N THR A 244 -6.61 -21.78 8.79
CA THR A 244 -5.87 -21.04 9.81
C THR A 244 -6.74 -20.98 11.07
N TYR A 245 -6.10 -20.76 12.23
CA TYR A 245 -6.88 -20.60 13.46
C TYR A 245 -7.90 -19.48 13.30
N PRO A 246 -7.56 -18.29 12.84
CA PRO A 246 -8.56 -17.23 12.75
C PRO A 246 -9.76 -17.58 11.88
N ALA A 247 -9.59 -18.46 10.90
CA ALA A 247 -10.63 -18.91 10.01
C ALA A 247 -11.51 -19.98 10.59
N LYS A 248 -11.29 -20.43 11.83
CA LYS A 248 -12.26 -21.25 12.54
C LYS A 248 -13.62 -20.54 12.48
N GLY A 249 -14.68 -21.28 12.24
CA GLY A 249 -16.05 -20.77 12.18
C GLY A 249 -16.56 -20.40 10.81
N ILE A 250 -15.68 -20.16 9.83
CA ILE A 250 -16.16 -19.88 8.49
C ILE A 250 -16.95 -21.05 7.93
N VAL A 251 -16.43 -22.26 8.21
CA VAL A 251 -17.18 -23.52 8.06
C VAL A 251 -17.53 -23.97 9.48
N ALA A 252 -18.74 -24.44 9.73
CA ALA A 252 -19.10 -24.85 11.06
C ALA A 252 -18.13 -25.95 11.58
N ASP A 253 -17.71 -25.81 12.83
CA ASP A 253 -16.85 -26.79 13.47
C ASP A 253 -17.45 -28.20 13.44
N ARG A 254 -18.82 -28.30 13.43
CA ARG A 254 -19.42 -29.63 13.39
C ARG A 254 -19.22 -30.32 12.07
N TYR A 255 -18.81 -29.69 11.01
CA TYR A 255 -18.67 -30.34 9.72
C TYR A 255 -17.69 -31.51 9.84
N PRO A 256 -18.08 -32.73 9.53
CA PRO A 256 -17.21 -33.87 9.85
C PRO A 256 -15.86 -34.01 9.13
N ALA A 257 -15.65 -33.21 8.08
CA ALA A 257 -14.39 -33.19 7.37
C ALA A 257 -13.60 -31.90 7.61
N TYR A 258 -13.96 -31.15 8.65
CA TYR A 258 -13.13 -30.03 9.12
C TYR A 258 -12.07 -30.56 10.07
N LEU A 259 -10.81 -30.46 9.65
CA LEU A 259 -9.68 -31.01 10.38
C LEU A 259 -9.16 -30.10 11.47
N GLY A 260 -9.47 -28.79 11.38
CA GLY A 260 -8.89 -27.79 12.25
C GLY A 260 -7.73 -27.04 11.62
N SER A 261 -6.91 -26.45 12.46
CA SER A 261 -5.74 -25.67 12.08
C SER A 261 -4.45 -26.44 12.41
N ALA A 262 -3.35 -25.99 11.81
CA ALA A 262 -2.05 -26.60 11.94
C ALA A 262 -1.14 -25.77 12.86
N ASN A 263 0.00 -26.38 13.16
CA ASN A 263 1.01 -25.88 14.07
C ASN A 263 0.65 -26.19 15.53
N ARG A 264 0.44 -25.19 16.36
CA ARG A 264 0.29 -25.34 17.81
C ARG A 264 -1.07 -24.91 18.28
N VAL A 265 -1.56 -23.75 17.86
CA VAL A 265 -2.96 -23.37 18.05
C VAL A 265 -3.66 -24.11 16.87
N ALA A 266 -3.89 -25.40 17.15
CA ALA A 266 -3.96 -26.45 16.13
C ALA A 266 -4.76 -27.60 16.67
N GLN A 267 -5.21 -28.41 15.70
CA GLN A 267 -5.90 -29.66 16.03
C GLN A 267 -5.14 -30.79 15.36
N LYS A 268 -5.03 -31.91 16.12
CA LYS A 268 -4.28 -33.07 15.64
C LYS A 268 -4.58 -33.48 14.20
N PRO A 269 -5.85 -33.59 13.78
CA PRO A 269 -6.08 -34.11 12.41
C PRO A 269 -5.47 -33.23 11.32
N ALA A 270 -5.42 -31.92 11.53
CA ALA A 270 -4.86 -31.01 10.52
C ALA A 270 -3.39 -31.17 10.35
N ASN A 271 -2.66 -31.25 11.48
CA ASN A 271 -1.21 -31.47 11.38
C ASN A 271 -0.94 -32.77 10.64
N GLU A 272 -1.63 -33.84 11.03
CA GLU A 272 -1.32 -35.15 10.49
C GLU A 272 -1.63 -35.22 9.01
N ALA A 273 -2.78 -34.68 8.61
CA ALA A 273 -3.14 -34.71 7.20
C ALA A 273 -2.24 -33.87 6.36
N LEU A 274 -1.87 -32.69 6.83
CA LEU A 274 -1.02 -31.82 6.05
C LEU A 274 0.33 -32.50 5.73
N ALA A 275 0.86 -33.27 6.70
CA ALA A 275 2.12 -33.94 6.51
C ALA A 275 2.04 -34.99 5.39
N GLN A 276 0.85 -35.53 5.11
CA GLN A 276 0.67 -36.55 4.07
C GLN A 276 0.16 -36.04 2.76
N ALA A 277 -0.36 -34.79 2.69
CA ALA A 277 -1.02 -34.31 1.49
C ALA A 277 -0.09 -34.18 0.29
N ASP A 278 -0.60 -34.50 -0.89
CA ASP A 278 0.16 -34.26 -2.09
C ASP A 278 -0.15 -32.96 -2.80
N VAL A 279 -1.38 -32.47 -2.65
CA VAL A 279 -1.82 -31.23 -3.30
C VAL A 279 -2.58 -30.44 -2.25
N VAL A 280 -2.18 -29.16 -2.12
CA VAL A 280 -2.85 -28.22 -1.22
C VAL A 280 -3.39 -27.07 -2.07
N LEU A 281 -4.68 -26.78 -1.88
CA LEU A 281 -5.31 -25.57 -2.38
C LEU A 281 -5.30 -24.57 -1.24
N PHE A 282 -4.43 -23.58 -1.34
CA PHE A 282 -4.12 -22.56 -0.33
C PHE A 282 -4.88 -21.29 -0.74
N VAL A 283 -5.92 -20.96 0.00
CA VAL A 283 -6.90 -19.97 -0.41
C VAL A 283 -7.10 -18.91 0.65
N GLY A 284 -6.85 -17.66 0.31
CA GLY A 284 -7.11 -16.59 1.27
C GLY A 284 -6.34 -16.75 2.55
N ASN A 285 -5.08 -17.12 2.43
CA ASN A 285 -4.30 -17.68 3.52
C ASN A 285 -2.90 -17.07 3.51
N ASN A 286 -2.49 -16.56 4.65
CA ASN A 286 -1.11 -16.09 4.83
C ASN A 286 -0.49 -16.67 6.07
N TYR A 287 -0.77 -17.96 6.32
CA TYR A 287 -0.22 -18.75 7.42
C TYR A 287 1.26 -18.44 7.72
N PRO A 288 1.58 -17.90 8.87
CA PRO A 288 2.92 -17.37 9.07
C PRO A 288 3.93 -18.46 9.43
N PHE A 289 3.48 -19.65 9.72
CA PHE A 289 4.34 -20.77 10.09
C PHE A 289 4.78 -21.57 8.86
N ALA A 290 4.35 -21.24 7.67
CA ALA A 290 4.56 -22.13 6.51
C ALA A 290 6.02 -22.55 6.38
N GLU A 291 6.90 -21.58 6.28
CA GLU A 291 8.29 -21.88 6.05
C GLU A 291 8.97 -22.41 7.30
N VAL A 292 8.81 -21.77 8.42
CA VAL A 292 9.60 -22.15 9.60
C VAL A 292 9.22 -23.56 10.06
N SER A 293 7.97 -23.98 9.89
CA SER A 293 7.56 -25.33 10.30
C SER A 293 7.73 -26.35 9.19
N LYS A 294 8.19 -25.93 8.01
CA LYS A 294 8.36 -26.83 6.87
C LYS A 294 7.03 -27.52 6.52
N ALA A 295 5.94 -26.78 6.63
CA ALA A 295 4.59 -27.30 6.47
C ALA A 295 4.41 -28.03 5.15
N PHE A 296 4.95 -27.47 4.09
CA PHE A 296 4.74 -27.93 2.72
C PHE A 296 5.94 -28.67 2.15
N LYS A 297 6.85 -29.15 3.02
N LYS A 297 6.81 -29.15 3.02
CA LYS A 297 8.05 -29.80 2.55
CA LYS A 297 8.05 -29.76 2.53
C LYS A 297 7.77 -30.95 1.61
C LYS A 297 7.82 -30.98 1.66
N ASN A 298 6.71 -31.68 1.81
CA ASN A 298 6.47 -32.88 0.98
C ASN A 298 5.28 -32.69 0.05
N THR A 299 4.78 -31.47 -0.04
CA THR A 299 3.68 -31.20 -0.95
C THR A 299 4.15 -31.22 -2.37
N ARG A 300 3.46 -31.96 -3.25
CA ARG A 300 3.84 -32.08 -4.65
C ARG A 300 3.41 -30.85 -5.41
N TYR A 301 2.14 -30.48 -5.35
CA TYR A 301 1.62 -29.34 -6.09
C TYR A 301 0.90 -28.40 -5.12
N PHE A 302 1.15 -27.12 -5.32
CA PHE A 302 0.68 -26.05 -4.44
C PHE A 302 -0.10 -25.08 -5.29
N LEU A 303 -1.37 -24.91 -4.98
CA LEU A 303 -2.31 -24.13 -5.78
C LEU A 303 -2.76 -22.98 -4.90
N GLN A 304 -2.67 -21.73 -5.37
CA GLN A 304 -2.96 -20.59 -4.46
C GLN A 304 -4.00 -19.69 -5.13
N ILE A 305 -4.93 -19.20 -4.30
CA ILE A 305 -5.90 -18.19 -4.65
C ILE A 305 -5.78 -17.04 -3.62
N ASP A 306 -5.48 -15.83 -4.08
CA ASP A 306 -5.40 -14.69 -3.18
C ASP A 306 -5.69 -13.41 -3.99
N ILE A 307 -6.26 -12.40 -3.33
CA ILE A 307 -6.52 -11.11 -3.95
CA ILE A 307 -6.50 -11.13 -4.01
C ILE A 307 -5.31 -10.19 -4.01
N ASP A 308 -4.27 -10.51 -3.22
CA ASP A 308 -3.15 -9.61 -3.03
C ASP A 308 -1.96 -10.12 -3.80
N PRO A 309 -1.46 -9.44 -4.79
CA PRO A 309 -0.30 -9.95 -5.53
C PRO A 309 0.91 -10.13 -4.66
N ALA A 310 1.04 -9.39 -3.58
CA ALA A 310 2.16 -9.53 -2.66
C ALA A 310 2.21 -10.92 -2.00
N LYS A 311 1.15 -11.67 -2.02
N LYS A 311 1.14 -11.68 -2.04
CA LYS A 311 1.02 -12.97 -1.41
CA LYS A 311 1.05 -12.98 -1.39
C LYS A 311 1.32 -14.10 -2.36
C LYS A 311 1.30 -14.13 -2.36
N LEU A 312 1.31 -13.89 -3.67
CA LEU A 312 1.33 -15.02 -4.59
C LEU A 312 2.73 -15.62 -4.70
N GLY A 313 2.82 -16.89 -4.28
CA GLY A 313 4.11 -17.54 -4.15
C GLY A 313 4.88 -17.15 -2.95
N LYS A 314 4.28 -16.45 -1.99
CA LYS A 314 5.00 -16.02 -0.81
C LYS A 314 5.40 -17.17 0.10
N ARG A 315 4.47 -18.10 0.37
CA ARG A 315 4.63 -19.11 1.40
C ARG A 315 5.17 -20.45 0.91
N HIS A 316 5.13 -20.65 -0.39
CA HIS A 316 5.61 -21.80 -1.09
C HIS A 316 5.55 -21.50 -2.59
N LYS A 317 6.40 -22.15 -3.39
CA LYS A 317 6.34 -22.00 -4.84
C LYS A 317 5.01 -22.51 -5.36
N THR A 318 4.34 -21.73 -6.23
CA THR A 318 3.05 -22.15 -6.73
C THR A 318 3.23 -22.89 -8.09
N ASP A 319 2.31 -23.85 -8.25
CA ASP A 319 2.12 -24.48 -9.54
C ASP A 319 1.01 -23.79 -10.36
N ILE A 320 -0.03 -23.31 -9.70
CA ILE A 320 -1.01 -22.44 -10.30
C ILE A 320 -1.31 -21.37 -9.24
N ALA A 321 -1.32 -20.13 -9.66
CA ALA A 321 -1.62 -18.98 -8.77
C ALA A 321 -2.75 -18.20 -9.44
N VAL A 322 -3.79 -17.89 -8.72
CA VAL A 322 -4.94 -17.13 -9.19
C VAL A 322 -5.09 -15.89 -8.34
N LEU A 323 -4.96 -14.74 -9.01
CA LEU A 323 -5.11 -13.45 -8.37
C LEU A 323 -6.59 -13.07 -8.46
N ALA A 324 -7.39 -13.47 -7.48
CA ALA A 324 -8.82 -13.27 -7.58
C ALA A 324 -9.46 -13.43 -6.21
N ASP A 325 -10.69 -12.94 -6.13
CA ASP A 325 -11.49 -13.14 -4.96
C ASP A 325 -11.72 -14.62 -4.67
N ALA A 326 -11.64 -15.01 -3.40
CA ALA A 326 -11.79 -16.39 -3.01
C ALA A 326 -13.18 -16.93 -3.34
N GLN A 327 -14.23 -16.22 -2.95
N GLN A 327 -14.24 -16.23 -2.94
CA GLN A 327 -15.55 -16.77 -3.21
CA GLN A 327 -15.57 -16.73 -3.23
C GLN A 327 -15.84 -16.87 -4.68
C GLN A 327 -15.73 -16.94 -4.72
N LYS A 328 -15.45 -15.90 -5.51
CA LYS A 328 -15.71 -16.03 -6.95
C LYS A 328 -14.93 -17.24 -7.48
N THR A 329 -13.71 -17.43 -7.01
CA THR A 329 -12.89 -18.52 -7.55
C THR A 329 -13.40 -19.87 -7.12
N LEU A 330 -13.70 -19.99 -5.83
CA LEU A 330 -14.22 -21.26 -5.34
C LEU A 330 -15.58 -21.61 -6.00
N ALA A 331 -16.40 -20.60 -6.25
CA ALA A 331 -17.70 -20.80 -6.95
C ALA A 331 -17.40 -21.33 -8.37
N ALA A 332 -16.37 -20.79 -9.02
CA ALA A 332 -16.08 -21.20 -10.36
C ALA A 332 -15.54 -22.62 -10.40
N ILE A 333 -14.78 -23.03 -9.40
CA ILE A 333 -14.39 -24.42 -9.28
C ILE A 333 -15.62 -25.32 -9.10
N LEU A 334 -16.47 -24.95 -8.13
CA LEU A 334 -17.65 -25.75 -7.80
C LEU A 334 -18.52 -25.94 -9.02
N ALA A 335 -18.64 -24.89 -9.85
CA ALA A 335 -19.55 -24.91 -10.97
C ALA A 335 -19.08 -25.86 -12.04
N GLN A 336 -17.79 -26.26 -12.09
CA GLN A 336 -17.29 -27.12 -13.10
C GLN A 336 -16.95 -28.54 -12.62
N VAL A 337 -17.37 -28.91 -11.43
CA VAL A 337 -17.14 -30.26 -10.93
C VAL A 337 -18.48 -30.93 -10.59
N SER A 338 -18.44 -32.25 -10.44
CA SER A 338 -19.62 -33.00 -10.00
C SER A 338 -19.20 -33.97 -8.90
N GLU A 339 -20.21 -34.58 -8.29
CA GLU A 339 -20.04 -35.46 -7.17
C GLU A 339 -19.06 -36.57 -7.51
N ARG A 340 -18.08 -36.81 -6.62
CA ARG A 340 -17.08 -37.86 -6.71
C ARG A 340 -17.36 -38.87 -5.62
N GLU A 341 -17.07 -40.11 -5.84
N GLU A 341 -17.06 -40.12 -5.90
CA GLU A 341 -17.15 -41.16 -4.87
CA GLU A 341 -17.09 -41.19 -4.93
C GLU A 341 -16.06 -40.93 -3.80
C GLU A 341 -16.04 -41.01 -3.83
N SER A 342 -16.40 -41.49 -2.64
CA SER A 342 -15.45 -41.67 -1.54
C SER A 342 -14.11 -42.22 -2.04
N THR A 343 -13.06 -41.86 -1.31
CA THR A 343 -11.73 -42.37 -1.48
C THR A 343 -11.19 -42.89 -0.14
N PRO A 344 -10.14 -43.70 -0.18
CA PRO A 344 -9.46 -44.11 1.06
C PRO A 344 -8.96 -42.91 1.87
N TRP A 345 -8.42 -41.90 1.21
CA TRP A 345 -7.93 -40.70 1.88
C TRP A 345 -9.02 -39.99 2.63
N TRP A 346 -10.18 -39.84 1.94
CA TRP A 346 -11.32 -39.23 2.59
C TRP A 346 -11.74 -39.98 3.85
N GLN A 347 -11.90 -41.29 3.74
CA GLN A 347 -12.37 -42.05 4.89
C GLN A 347 -11.33 -42.03 6.03
N ALA A 348 -10.06 -42.13 5.74
CA ALA A 348 -9.04 -42.12 6.79
C ALA A 348 -9.14 -40.82 7.60
N ASN A 349 -9.27 -39.71 6.89
CA ASN A 349 -9.41 -38.41 7.58
C ASN A 349 -10.70 -38.32 8.36
N LEU A 350 -11.85 -38.80 7.82
CA LEU A 350 -13.06 -38.75 8.59
C LEU A 350 -12.93 -39.52 9.88
N ALA A 351 -12.31 -40.69 9.84
CA ALA A 351 -12.15 -41.52 11.04
C ALA A 351 -11.24 -40.81 12.05
N ASN A 352 -10.20 -40.17 11.55
CA ASN A 352 -9.26 -39.47 12.43
C ASN A 352 -9.98 -38.32 13.15
N VAL A 353 -10.81 -37.56 12.42
CA VAL A 353 -11.58 -36.50 13.04
C VAL A 353 -12.50 -37.04 14.10
N LYS A 354 -13.25 -38.12 13.88
N LYS A 354 -13.20 -38.12 13.80
CA LYS A 354 -14.13 -38.65 14.89
CA LYS A 354 -14.13 -38.70 14.76
C LYS A 354 -13.38 -39.01 16.15
C LYS A 354 -13.41 -39.08 16.04
N ASN A 355 -12.22 -39.65 15.93
CA ASN A 355 -11.42 -40.06 17.10
C ASN A 355 -10.99 -38.84 17.91
N TRP A 356 -10.54 -37.79 17.23
CA TRP A 356 -10.11 -36.56 17.86
C TRP A 356 -11.23 -35.87 18.61
N ARG A 357 -12.39 -35.77 17.99
CA ARG A 357 -13.51 -35.11 18.63
C ARG A 357 -13.98 -35.88 19.84
N ALA A 358 -13.90 -37.22 19.80
CA ALA A 358 -14.26 -38.00 21.00
C ALA A 358 -13.31 -37.70 22.15
N TYR A 359 -12.04 -37.49 21.86
CA TYR A 359 -11.07 -37.08 22.87
C TYR A 359 -11.46 -35.76 23.49
N LEU A 360 -11.72 -34.79 22.65
CA LEU A 360 -12.06 -33.48 23.21
C LEU A 360 -13.32 -33.55 24.03
N ALA A 361 -14.34 -34.32 23.57
CA ALA A 361 -15.56 -34.48 24.32
C ALA A 361 -15.26 -35.13 25.66
N SER A 362 -14.36 -36.09 25.71
CA SER A 362 -14.07 -36.76 26.96
C SER A 362 -13.55 -35.77 28.02
N LEU A 363 -12.75 -34.79 27.57
CA LEU A 363 -12.24 -33.78 28.49
C LEU A 363 -13.36 -32.86 28.95
N GLU A 364 -14.22 -32.46 28.02
CA GLU A 364 -15.33 -31.55 28.29
C GLU A 364 -16.35 -32.16 29.22
N ASP A 365 -16.57 -33.46 29.12
CA ASP A 365 -17.70 -34.16 29.75
C ASP A 365 -17.46 -34.64 31.17
N LYS A 366 -16.28 -34.40 31.74
CA LYS A 366 -16.09 -34.62 33.17
C LYS A 366 -17.13 -33.83 33.96
N GLN A 367 -17.58 -34.40 35.07
N GLN A 367 -17.55 -34.43 35.06
CA GLN A 367 -18.65 -33.73 35.80
CA GLN A 367 -18.67 -33.90 35.82
C GLN A 367 -18.31 -33.38 37.25
C GLN A 367 -18.27 -33.35 37.20
N GLU A 368 -17.13 -33.82 37.70
CA GLU A 368 -16.70 -33.46 39.04
C GLU A 368 -15.17 -33.53 39.11
N GLY A 369 -14.59 -32.75 40.00
CA GLY A 369 -13.13 -32.78 40.30
C GLY A 369 -12.49 -31.45 39.98
N PRO A 370 -11.17 -31.46 40.00
CA PRO A 370 -10.39 -30.22 39.80
C PRO A 370 -10.68 -29.65 38.45
N LEU A 371 -10.96 -28.34 38.44
CA LEU A 371 -11.38 -27.67 37.24
C LEU A 371 -10.20 -27.53 36.25
N GLN A 372 -10.50 -27.87 35.00
CA GLN A 372 -9.56 -27.67 33.90
C GLN A 372 -10.18 -26.71 32.90
N ALA A 373 -9.34 -26.14 32.06
CA ALA A 373 -9.81 -25.23 31.03
C ALA A 373 -10.90 -25.86 30.15
N TYR A 374 -10.81 -27.18 29.94
CA TYR A 374 -11.68 -27.85 28.99
C TYR A 374 -13.14 -27.77 29.44
N GLN A 375 -13.34 -27.96 30.76
CA GLN A 375 -14.73 -27.91 31.21
C GLN A 375 -15.28 -26.46 31.27
N VAL A 376 -14.40 -25.51 31.54
CA VAL A 376 -14.79 -24.12 31.49
C VAL A 376 -15.34 -23.80 30.11
N LEU A 377 -14.66 -24.25 29.07
CA LEU A 377 -15.10 -23.96 27.72
C LEU A 377 -16.35 -24.73 27.34
N ARG A 378 -16.52 -25.96 27.84
CA ARG A 378 -17.82 -26.63 27.70
C ARG A 378 -18.91 -25.78 28.33
N ALA A 379 -18.69 -25.19 29.49
CA ALA A 379 -19.71 -24.39 30.17
C ALA A 379 -20.02 -23.13 29.38
N VAL A 380 -19.04 -22.54 28.74
CA VAL A 380 -19.24 -21.46 27.82
C VAL A 380 -20.17 -21.93 26.68
N ASN A 381 -19.83 -23.07 26.05
CA ASN A 381 -20.67 -23.58 24.94
C ASN A 381 -22.10 -23.76 25.42
N LYS A 382 -22.31 -24.25 26.64
N LYS A 382 -22.31 -24.23 26.64
CA LYS A 382 -23.65 -24.54 27.14
CA LYS A 382 -23.68 -24.55 27.08
C LYS A 382 -24.49 -23.28 27.34
C LYS A 382 -24.49 -23.30 27.38
N ILE A 383 -23.91 -22.12 27.60
CA ILE A 383 -24.70 -20.88 27.72
C ILE A 383 -24.60 -19.99 26.51
N ALA A 384 -23.90 -20.39 25.47
CA ALA A 384 -23.62 -19.51 24.34
C ALA A 384 -24.81 -19.49 23.37
N GLU A 385 -25.19 -18.29 22.98
N GLU A 385 -25.20 -18.29 22.98
CA GLU A 385 -26.15 -18.09 21.90
CA GLU A 385 -26.18 -18.01 21.92
C GLU A 385 -25.52 -18.44 20.54
C GLU A 385 -25.57 -18.36 20.55
N PRO A 386 -26.37 -18.77 19.58
CA PRO A 386 -25.82 -19.18 18.27
C PRO A 386 -25.08 -18.08 17.56
N ASP A 387 -25.30 -16.82 17.82
CA ASP A 387 -24.62 -15.72 17.15
C ASP A 387 -23.69 -14.97 18.11
N ALA A 388 -23.25 -15.65 19.18
CA ALA A 388 -22.31 -15.04 20.12
C ALA A 388 -21.02 -14.59 19.45
N ILE A 389 -20.44 -13.57 20.05
CA ILE A 389 -19.16 -13.00 19.67
C ILE A 389 -18.14 -13.25 20.78
N TYR A 390 -16.96 -13.72 20.41
CA TYR A 390 -15.92 -14.01 21.35
C TYR A 390 -14.71 -13.10 21.07
N SER A 391 -14.34 -12.34 22.11
CA SER A 391 -13.06 -11.63 22.15
C SER A 391 -12.11 -12.49 22.97
N ILE A 392 -11.03 -12.95 22.35
CA ILE A 392 -10.14 -13.93 22.94
C ILE A 392 -8.78 -13.27 23.16
N ASP A 393 -8.22 -13.42 24.35
CA ASP A 393 -6.90 -12.91 24.69
C ASP A 393 -5.83 -13.83 24.07
N VAL A 394 -4.61 -13.79 24.60
CA VAL A 394 -3.47 -14.45 23.95
C VAL A 394 -2.78 -15.36 24.96
N GLY A 395 -2.62 -16.64 24.59
CA GLY A 395 -2.01 -17.62 25.43
C GLY A 395 -2.64 -18.98 25.18
N ASP A 396 -2.64 -19.85 26.22
CA ASP A 396 -3.29 -21.11 26.07
C ASP A 396 -4.76 -20.97 25.66
N ILE A 397 -5.41 -19.86 25.97
CA ILE A 397 -6.81 -19.72 25.58
C ILE A 397 -6.97 -19.81 24.08
N ASN A 398 -6.05 -19.32 23.27
CA ASN A 398 -6.23 -19.48 21.82
C ASN A 398 -6.29 -20.97 21.46
N LEU A 399 -5.35 -21.73 22.02
CA LEU A 399 -5.25 -23.17 21.78
C LEU A 399 -6.55 -23.87 22.23
N ASN A 400 -6.95 -23.60 23.47
CA ASN A 400 -8.12 -24.29 24.04
C ASN A 400 -9.40 -23.82 23.34
N ALA A 401 -9.59 -22.53 23.13
CA ALA A 401 -10.81 -22.09 22.47
C ALA A 401 -10.88 -22.64 21.06
N ASN A 402 -9.77 -22.70 20.34
CA ASN A 402 -9.75 -23.24 19.00
C ASN A 402 -10.24 -24.68 18.98
N ARG A 403 -9.90 -25.46 20.01
CA ARG A 403 -10.36 -26.86 20.08
C ARG A 403 -11.79 -26.97 20.52
N HIS A 404 -12.22 -26.20 21.51
CA HIS A 404 -13.48 -26.49 22.20
C HIS A 404 -14.65 -25.62 21.78
N LEU A 405 -14.45 -24.36 21.36
CA LEU A 405 -15.64 -23.58 21.01
C LEU A 405 -16.29 -24.21 19.78
N LYS A 406 -17.59 -24.27 19.82
CA LYS A 406 -18.42 -24.85 18.76
C LYS A 406 -19.01 -23.74 17.92
N LEU A 407 -18.25 -23.28 16.94
CA LEU A 407 -18.60 -22.10 16.18
C LEU A 407 -19.26 -22.48 14.85
N THR A 408 -20.05 -21.53 14.36
CA THR A 408 -20.72 -21.62 13.09
C THR A 408 -20.54 -20.30 12.36
N PRO A 409 -21.00 -20.24 11.12
CA PRO A 409 -20.90 -18.97 10.40
C PRO A 409 -21.57 -17.78 11.05
N SER A 410 -22.47 -17.96 11.94
N SER A 410 -22.59 -17.91 11.88
CA SER A 410 -23.20 -16.95 12.69
CA SER A 410 -23.23 -16.86 12.65
C SER A 410 -22.39 -16.32 13.81
C SER A 410 -22.45 -16.38 13.88
N ASN A 411 -21.32 -16.94 14.22
CA ASN A 411 -20.43 -16.41 15.25
C ASN A 411 -19.42 -15.45 14.66
N ARG A 412 -18.81 -14.65 15.56
CA ARG A 412 -17.54 -14.01 15.28
C ARG A 412 -16.61 -14.33 16.44
N HIS A 413 -15.33 -14.44 16.13
CA HIS A 413 -14.27 -14.43 17.14
C HIS A 413 -13.12 -13.56 16.63
N ILE A 414 -12.49 -12.87 17.58
CA ILE A 414 -11.34 -12.04 17.30
C ILE A 414 -10.32 -12.21 18.40
N THR A 415 -9.08 -12.07 18.01
CA THR A 415 -7.91 -11.94 18.88
C THR A 415 -6.91 -11.06 18.15
N SER A 416 -5.73 -10.93 18.77
CA SER A 416 -4.59 -10.28 18.12
C SER A 416 -3.87 -11.35 17.34
N ASN A 417 -4.21 -11.48 16.04
CA ASN A 417 -3.82 -12.69 15.31
C ASN A 417 -2.31 -12.86 15.17
N LEU A 418 -1.61 -11.78 14.86
CA LEU A 418 -0.24 -11.85 14.40
C LEU A 418 0.74 -11.12 15.28
N PHE A 419 0.43 -9.89 15.69
CA PHE A 419 1.21 -9.22 16.71
C PHE A 419 1.05 -9.98 18.05
N ALA A 420 -0.11 -10.57 18.26
CA ALA A 420 -0.41 -11.37 19.42
C ALA A 420 -0.13 -10.65 20.71
N THR A 421 -0.65 -9.40 20.82
CA THR A 421 -0.56 -8.69 22.10
C THR A 421 -1.56 -9.26 23.12
N MET A 422 -1.00 -9.66 24.27
CA MET A 422 -1.85 -9.95 25.41
C MET A 422 -2.62 -8.66 25.79
N GLY A 423 -3.73 -8.90 26.46
CA GLY A 423 -4.55 -7.86 27.00
C GLY A 423 -5.76 -7.50 26.14
N VAL A 424 -5.85 -8.03 24.93
N VAL A 424 -5.83 -8.13 24.99
CA VAL A 424 -6.93 -7.65 24.01
CA VAL A 424 -6.82 -7.78 23.96
C VAL A 424 -8.29 -8.17 24.37
C VAL A 424 -8.20 -8.28 24.28
N GLY A 425 -8.37 -9.18 25.25
CA GLY A 425 -9.69 -9.74 25.55
C GLY A 425 -10.70 -8.69 25.99
N ILE A 426 -10.34 -7.90 27.00
CA ILE A 426 -11.22 -6.86 27.53
C ILE A 426 -11.54 -5.83 26.48
N PRO A 427 -10.64 -5.14 25.82
N PRO A 427 -10.59 -5.24 25.80
CA PRO A 427 -11.05 -4.16 24.78
CA PRO A 427 -10.95 -4.19 24.83
C PRO A 427 -11.83 -4.70 23.62
C PRO A 427 -11.81 -4.74 23.71
N GLY A 428 -11.47 -5.94 23.19
CA GLY A 428 -12.22 -6.50 22.08
C GLY A 428 -13.66 -6.73 22.42
N ALA A 429 -13.93 -7.11 23.70
CA ALA A 429 -15.28 -7.31 24.16
C ALA A 429 -16.04 -6.01 24.34
N ILE A 430 -15.36 -4.96 24.77
CA ILE A 430 -15.93 -3.61 24.80
C ILE A 430 -16.41 -3.21 23.40
N ALA A 431 -15.48 -3.35 22.42
CA ALA A 431 -15.85 -3.01 21.07
C ALA A 431 -16.99 -3.86 20.56
N ALA A 432 -16.95 -5.17 20.83
CA ALA A 432 -18.03 -6.05 20.35
C ALA A 432 -19.37 -5.63 20.93
N LYS A 433 -19.43 -5.33 22.22
CA LYS A 433 -20.72 -4.95 22.79
C LYS A 433 -21.20 -3.60 22.28
N LEU A 434 -20.32 -2.67 22.02
CA LEU A 434 -20.70 -1.41 21.44
C LEU A 434 -21.30 -1.59 20.04
N ASN A 435 -20.69 -2.44 19.22
CA ASN A 435 -21.12 -2.66 17.87
C ASN A 435 -22.33 -3.59 17.77
N TYR A 436 -22.56 -4.46 18.73
CA TYR A 436 -23.57 -5.49 18.68
C TYR A 436 -24.24 -5.61 20.05
N PRO A 437 -25.00 -4.58 20.46
CA PRO A 437 -25.56 -4.60 21.79
C PRO A 437 -26.52 -5.74 22.03
N GLU A 438 -27.19 -6.25 21.01
CA GLU A 438 -28.15 -7.33 21.19
C GLU A 438 -27.53 -8.71 21.02
N ARG A 439 -26.22 -8.80 20.80
CA ARG A 439 -25.57 -10.09 20.71
C ARG A 439 -24.79 -10.38 21.96
N GLN A 440 -24.74 -11.66 22.37
CA GLN A 440 -23.97 -12.07 23.51
C GLN A 440 -22.49 -11.93 23.22
N VAL A 441 -21.71 -11.41 24.16
CA VAL A 441 -20.29 -11.18 24.00
C VAL A 441 -19.54 -11.80 25.16
N PHE A 442 -18.54 -12.59 24.84
CA PHE A 442 -17.61 -13.14 25.80
C PHE A 442 -16.24 -12.48 25.63
N ASN A 443 -15.55 -12.36 26.75
CA ASN A 443 -14.11 -12.08 26.85
C ASN A 443 -13.51 -13.34 27.50
N LEU A 444 -12.74 -14.12 26.70
CA LEU A 444 -12.07 -15.31 27.22
C LEU A 444 -10.59 -14.99 27.37
N ALA A 445 -10.06 -14.99 28.56
CA ALA A 445 -8.71 -14.48 28.79
C ALA A 445 -8.00 -15.32 29.86
N GLY A 446 -6.70 -15.54 29.63
CA GLY A 446 -5.87 -16.04 30.68
C GLY A 446 -5.64 -15.01 31.75
N ASP A 447 -5.13 -15.45 32.88
CA ASP A 447 -4.87 -14.54 33.99
C ASP A 447 -3.78 -13.53 33.69
N GLY A 448 -2.74 -13.92 32.94
CA GLY A 448 -1.72 -12.98 32.57
C GLY A 448 -2.21 -11.84 31.72
N GLY A 449 -2.98 -12.20 30.67
CA GLY A 449 -3.52 -11.22 29.74
C GLY A 449 -4.61 -10.35 30.38
N ALA A 450 -5.51 -10.97 31.12
CA ALA A 450 -6.53 -10.20 31.85
C ALA A 450 -5.89 -9.21 32.80
N SER A 451 -4.80 -9.61 33.45
N SER A 451 -4.79 -9.60 33.44
CA SER A 451 -4.11 -8.72 34.38
CA SER A 451 -4.18 -8.68 34.41
C SER A 451 -3.63 -7.45 33.70
C SER A 451 -3.58 -7.47 33.72
N MET A 452 -3.14 -7.60 32.47
CA MET A 452 -2.55 -6.47 31.79
C MET A 452 -3.55 -5.37 31.52
N THR A 453 -4.82 -5.69 31.29
CA THR A 453 -5.82 -4.67 30.98
C THR A 453 -6.98 -4.67 31.99
N MET A 454 -6.76 -5.22 33.18
N MET A 454 -6.75 -5.22 33.17
CA MET A 454 -7.81 -5.41 34.18
CA MET A 454 -7.79 -5.44 34.16
C MET A 454 -8.55 -4.15 34.51
C MET A 454 -8.51 -4.16 34.58
N GLN A 455 -7.85 -3.00 34.57
CA GLN A 455 -8.53 -1.77 34.98
C GLN A 455 -9.71 -1.42 34.09
N ASP A 456 -9.67 -1.82 32.83
CA ASP A 456 -10.76 -1.50 31.91
C ASP A 456 -11.94 -2.45 32.03
N LEU A 457 -11.93 -3.38 32.95
CA LEU A 457 -13.21 -3.92 33.43
C LEU A 457 -14.12 -2.78 33.91
N ALA A 458 -13.53 -1.72 34.47
CA ALA A 458 -14.31 -0.59 34.92
C ALA A 458 -15.06 0.10 33.78
N THR A 459 -14.50 0.04 32.59
CA THR A 459 -15.12 0.65 31.43
C THR A 459 -16.39 -0.09 31.03
N GLN A 460 -16.36 -1.44 31.13
CA GLN A 460 -17.57 -2.22 30.92
C GLN A 460 -18.65 -1.81 31.92
N VAL A 461 -18.28 -1.60 33.19
CA VAL A 461 -19.24 -1.16 34.18
C VAL A 461 -19.78 0.23 33.86
N GLN A 462 -18.88 1.16 33.54
CA GLN A 462 -19.24 2.55 33.34
C GLN A 462 -20.21 2.78 32.21
N TYR A 463 -20.03 2.01 31.14
CA TYR A 463 -20.86 2.07 29.95
C TYR A 463 -21.91 0.95 29.92
N HIS A 464 -22.09 0.21 31.02
CA HIS A 464 -23.13 -0.80 31.13
C HIS A 464 -23.12 -1.77 29.92
N LEU A 465 -21.94 -2.31 29.64
CA LEU A 465 -21.68 -3.19 28.53
C LEU A 465 -21.70 -4.63 29.01
N PRO A 466 -22.77 -5.40 28.77
CA PRO A 466 -22.90 -6.70 29.47
C PRO A 466 -22.06 -7.84 28.91
N VAL A 467 -20.76 -7.70 29.00
CA VAL A 467 -19.79 -8.72 28.62
C VAL A 467 -19.77 -9.83 29.69
N ILE A 468 -19.64 -11.07 29.22
CA ILE A 468 -19.33 -12.22 30.05
C ILE A 468 -17.83 -12.45 29.99
N ASN A 469 -17.14 -12.04 31.06
CA ASN A 469 -15.68 -12.19 31.16
C ASN A 469 -15.39 -13.53 31.84
N VAL A 470 -14.53 -14.33 31.22
CA VAL A 470 -14.11 -15.60 31.82
C VAL A 470 -12.59 -15.60 31.86
N VAL A 471 -12.05 -15.61 33.07
CA VAL A 471 -10.61 -15.59 33.29
C VAL A 471 -10.17 -16.98 33.68
N PHE A 472 -9.11 -17.43 33.00
CA PHE A 472 -8.56 -18.77 33.19
C PHE A 472 -7.32 -18.64 34.09
N THR A 473 -7.53 -18.85 35.40
CA THR A 473 -6.47 -18.60 36.37
C THR A 473 -5.69 -19.85 36.65
N ASN A 474 -4.51 -19.94 36.03
CA ASN A 474 -3.58 -21.03 36.29
C ASN A 474 -2.39 -20.55 37.12
N CYS A 475 -2.30 -19.27 37.45
CA CYS A 475 -1.12 -18.74 38.16
C CYS A 475 0.18 -18.95 37.38
N GLN A 476 0.02 -18.91 36.04
CA GLN A 476 1.13 -19.14 35.16
C GLN A 476 0.99 -18.29 33.91
N TYR A 477 2.10 -18.08 33.25
CA TYR A 477 2.13 -17.80 31.80
C TYR A 477 2.24 -19.18 31.14
N GLY A 478 1.15 -19.91 31.09
CA GLY A 478 1.21 -21.32 30.74
C GLY A 478 1.79 -21.58 29.39
N PHE A 479 1.38 -20.77 28.40
CA PHE A 479 1.89 -20.95 27.05
C PHE A 479 3.40 -20.90 27.03
N ILE A 480 3.98 -20.00 27.86
CA ILE A 480 5.42 -19.80 27.91
C ILE A 480 6.13 -20.83 28.79
N LYS A 481 5.49 -21.26 29.86
CA LYS A 481 6.00 -22.35 30.64
C LYS A 481 6.28 -23.58 29.78
N ASP A 482 5.29 -23.88 28.92
CA ASP A 482 5.41 -25.05 28.08
C ASP A 482 6.55 -24.90 27.10
N GLU A 483 6.76 -23.68 26.61
CA GLU A 483 7.93 -23.39 25.75
C GLU A 483 9.23 -23.62 26.52
N GLN A 484 9.32 -23.13 27.74
CA GLN A 484 10.53 -23.38 28.53
C GLN A 484 10.73 -24.87 28.77
N GLU A 485 9.66 -25.61 29.04
CA GLU A 485 9.78 -27.07 29.17
C GLU A 485 10.45 -27.66 27.92
N ASP A 486 10.05 -27.20 26.75
CA ASP A 486 10.52 -27.73 25.52
C ASP A 486 11.94 -27.32 25.16
N THR A 487 12.38 -26.11 25.50
CA THR A 487 13.68 -25.63 25.07
C THR A 487 14.72 -25.42 26.14
N ASN A 488 14.34 -25.04 27.33
CA ASN A 488 15.29 -24.49 28.26
C ASN A 488 15.95 -25.61 29.05
N GLN A 489 17.24 -25.42 29.34
CA GLN A 489 18.02 -26.39 30.10
C GLN A 489 17.91 -26.24 31.58
N ASN A 490 17.71 -25.03 32.06
CA ASN A 490 17.65 -24.69 33.48
C ASN A 490 16.19 -24.62 33.92
N ASP A 491 16.02 -24.38 35.18
CA ASP A 491 14.71 -24.38 35.78
C ASP A 491 13.81 -23.29 35.19
N PHE A 492 12.49 -23.53 35.24
CA PHE A 492 11.49 -22.54 34.86
C PHE A 492 11.77 -21.22 35.53
N ILE A 493 11.52 -20.14 34.82
CA ILE A 493 11.72 -18.80 35.38
C ILE A 493 10.73 -17.81 34.73
N GLY A 494 10.08 -17.04 35.61
CA GLY A 494 9.15 -16.03 35.16
C GLY A 494 7.79 -16.49 34.73
N VAL A 495 7.51 -17.80 34.86
CA VAL A 495 6.30 -18.38 34.27
C VAL A 495 5.27 -18.87 35.30
N GLU A 496 5.61 -18.91 36.57
CA GLU A 496 4.71 -19.26 37.66
C GLU A 496 4.70 -18.08 38.63
N PHE A 497 3.54 -17.65 39.04
CA PHE A 497 3.41 -16.43 39.82
C PHE A 497 2.26 -16.55 40.81
N ASN A 498 2.12 -15.49 41.61
N ASN A 498 2.09 -15.51 41.63
CA ASN A 498 1.10 -15.54 42.65
CA ASN A 498 1.13 -15.46 42.70
C ASN A 498 -0.26 -15.32 42.01
C ASN A 498 -0.25 -15.17 42.18
N ASP A 499 -1.26 -15.82 42.69
CA ASP A 499 -2.64 -15.64 42.40
C ASP A 499 -3.11 -14.18 42.48
N ILE A 500 -4.02 -13.87 41.58
CA ILE A 500 -4.91 -12.70 41.65
C ILE A 500 -6.34 -13.22 41.63
N ASP A 501 -7.15 -12.80 42.59
CA ASP A 501 -8.56 -13.20 42.63
C ASP A 501 -9.34 -12.18 41.82
N PHE A 502 -9.66 -12.56 40.57
CA PHE A 502 -10.38 -11.66 39.70
C PHE A 502 -11.83 -11.44 40.11
N SER A 503 -12.39 -12.28 40.93
CA SER A 503 -13.72 -11.95 41.43
C SER A 503 -13.63 -10.73 42.38
N LYS A 504 -12.50 -10.59 43.11
CA LYS A 504 -12.29 -9.40 43.97
C LYS A 504 -11.94 -8.18 43.16
N ILE A 505 -11.14 -8.36 42.08
CA ILE A 505 -10.88 -7.26 41.14
C ILE A 505 -12.20 -6.74 40.57
N ALA A 506 -13.08 -7.66 40.16
CA ALA A 506 -14.38 -7.29 39.63
C ALA A 506 -15.20 -6.54 40.71
N ASP A 507 -15.20 -7.03 41.94
CA ASP A 507 -15.92 -6.32 42.98
C ASP A 507 -15.39 -4.92 43.12
N GLY A 508 -14.07 -4.74 43.04
CA GLY A 508 -13.48 -3.44 43.13
C GLY A 508 -13.91 -2.46 42.08
N VAL A 509 -14.19 -2.92 40.84
CA VAL A 509 -14.69 -2.05 39.81
C VAL A 509 -16.22 -2.05 39.74
N HIS A 510 -16.88 -2.73 40.69
CA HIS A 510 -18.30 -2.78 40.86
C HIS A 510 -19.00 -3.58 39.78
N MET A 511 -18.39 -4.74 39.50
CA MET A 511 -18.92 -5.75 38.59
C MET A 511 -19.22 -7.02 39.36
N GLN A 512 -20.41 -7.60 39.11
CA GLN A 512 -20.76 -8.90 39.73
C GLN A 512 -19.79 -9.98 39.25
N ALA A 513 -19.48 -10.91 40.13
CA ALA A 513 -18.47 -11.91 39.77
C ALA A 513 -18.59 -13.15 40.67
N PHE A 514 -17.89 -14.19 40.19
CA PHE A 514 -17.84 -15.50 40.81
C PHE A 514 -16.42 -16.01 40.65
N ARG A 515 -16.02 -16.83 41.63
CA ARG A 515 -14.79 -17.63 41.50
C ARG A 515 -15.12 -19.12 41.67
N VAL A 516 -14.62 -19.96 40.81
CA VAL A 516 -14.87 -21.40 40.86
C VAL A 516 -13.56 -22.13 40.73
N ASN A 517 -13.50 -23.30 41.35
CA ASN A 517 -12.31 -24.15 41.23
C ASN A 517 -12.66 -25.64 41.07
N LYS A 518 -13.92 -25.99 40.90
CA LYS A 518 -14.32 -27.37 40.77
C LYS A 518 -15.31 -27.51 39.62
N ILE A 519 -15.17 -28.64 38.88
CA ILE A 519 -16.02 -28.86 37.72
C ILE A 519 -17.50 -28.76 38.08
N GLU A 520 -17.85 -29.33 39.23
CA GLU A 520 -19.29 -29.40 39.60
C GLU A 520 -19.90 -28.03 39.89
N GLN A 521 -19.07 -27.00 40.10
CA GLN A 521 -19.58 -25.65 40.35
C GLN A 521 -20.03 -24.94 39.05
N LEU A 522 -19.61 -25.45 37.89
CA LEU A 522 -19.79 -24.64 36.67
C LEU A 522 -21.25 -24.39 36.31
N PRO A 523 -22.13 -25.39 36.28
CA PRO A 523 -23.44 -25.13 35.66
C PRO A 523 -24.19 -24.00 36.34
N ASP A 524 -24.25 -23.96 37.66
CA ASP A 524 -25.02 -22.90 38.31
C ASP A 524 -24.37 -21.54 38.13
N VAL A 525 -23.05 -21.47 38.20
CA VAL A 525 -22.39 -20.16 38.05
C VAL A 525 -22.62 -19.65 36.63
N PHE A 526 -22.43 -20.53 35.65
CA PHE A 526 -22.60 -20.08 34.27
C PHE A 526 -24.07 -19.67 33.99
N GLU A 527 -25.05 -20.35 34.57
N GLU A 527 -25.01 -20.38 34.59
CA GLU A 527 -26.44 -19.91 34.34
CA GLU A 527 -26.43 -20.04 34.45
C GLU A 527 -26.65 -18.54 34.98
C GLU A 527 -26.70 -18.66 35.03
N GLN A 528 -26.12 -18.35 36.21
CA GLN A 528 -26.26 -17.06 36.81
C GLN A 528 -25.63 -15.95 35.94
N ALA A 529 -24.43 -16.22 35.42
CA ALA A 529 -23.74 -15.24 34.59
C ALA A 529 -24.55 -14.95 33.33
N LYS A 530 -25.12 -15.97 32.71
N LYS A 530 -25.08 -15.97 32.70
CA LYS A 530 -25.88 -15.75 31.48
CA LYS A 530 -25.92 -15.79 31.49
C LYS A 530 -27.03 -14.78 31.75
C LYS A 530 -27.05 -14.82 31.73
N ALA A 531 -27.67 -14.98 32.91
CA ALA A 531 -28.79 -14.08 33.24
C ALA A 531 -28.34 -12.70 33.62
N ILE A 532 -27.26 -12.56 34.39
CA ILE A 532 -26.78 -11.23 34.78
C ILE A 532 -26.47 -10.43 33.51
N ALA A 533 -25.84 -11.10 32.53
CA ALA A 533 -25.43 -10.46 31.28
C ALA A 533 -26.58 -10.15 30.35
N GLN A 534 -27.81 -10.30 30.77
CA GLN A 534 -28.89 -9.66 30.05
C GLN A 534 -28.89 -8.17 30.24
N HIS A 535 -28.24 -7.69 31.32
CA HIS A 535 -28.25 -6.27 31.67
C HIS A 535 -26.96 -5.67 32.12
N GLU A 536 -26.00 -6.42 32.62
CA GLU A 536 -24.77 -5.87 33.17
C GLU A 536 -23.61 -6.83 32.95
N PRO A 537 -22.36 -6.32 32.94
CA PRO A 537 -21.21 -7.24 32.80
C PRO A 537 -21.12 -8.16 34.01
N VAL A 538 -20.39 -9.25 33.78
CA VAL A 538 -20.17 -10.24 34.83
C VAL A 538 -18.80 -10.85 34.60
N LEU A 539 -18.18 -11.35 35.68
CA LEU A 539 -16.90 -12.02 35.52
C LEU A 539 -16.95 -13.36 36.27
N ILE A 540 -16.39 -14.39 35.63
CA ILE A 540 -16.17 -15.71 36.24
C ILE A 540 -14.66 -15.91 36.27
N ASP A 541 -14.08 -16.11 37.43
CA ASP A 541 -12.69 -16.39 37.62
C ASP A 541 -12.60 -17.92 37.85
N ALA A 542 -12.10 -18.60 36.81
CA ALA A 542 -12.00 -20.06 36.78
C ALA A 542 -10.58 -20.45 37.19
N VAL A 543 -10.45 -21.02 38.39
CA VAL A 543 -9.19 -21.47 38.90
C VAL A 543 -8.95 -22.87 38.30
N ILE A 544 -8.02 -22.99 37.39
CA ILE A 544 -7.79 -24.19 36.63
C ILE A 544 -6.48 -24.82 36.98
N THR A 545 -6.35 -26.09 36.66
CA THR A 545 -5.10 -26.82 36.88
C THR A 545 -3.98 -26.35 35.95
N GLY A 546 -2.76 -26.77 36.33
CA GLY A 546 -1.60 -26.55 35.52
C GLY A 546 -1.34 -27.61 34.49
N ASP A 547 -2.29 -28.43 34.11
CA ASP A 547 -2.14 -29.47 33.09
C ASP A 547 -1.81 -28.79 31.77
N ARG A 548 -0.86 -29.32 31.05
CA ARG A 548 -0.50 -28.81 29.74
C ARG A 548 -1.51 -29.35 28.71
N PRO A 549 -2.06 -28.50 27.85
CA PRO A 549 -2.94 -29.04 26.81
C PRO A 549 -2.12 -29.86 25.81
N LEU A 550 -2.75 -30.88 25.24
CA LEU A 550 -2.06 -31.78 24.31
C LEU A 550 -1.35 -30.98 23.21
N PRO A 551 -0.08 -31.26 23.01
CA PRO A 551 0.66 -30.51 21.94
C PRO A 551 0.51 -31.20 20.63
N ALA A 552 -0.34 -30.62 19.78
CA ALA A 552 -0.63 -31.21 18.44
C ALA A 552 0.58 -31.23 17.54
N GLU A 553 1.58 -30.40 17.84
CA GLU A 553 2.85 -30.32 17.12
C GLU A 553 3.90 -31.31 17.68
N LYS A 554 3.54 -32.04 18.74
N LYS A 554 3.57 -32.05 18.74
CA LYS A 554 4.46 -32.94 19.43
CA LYS A 554 4.54 -33.00 19.30
C LYS A 554 3.74 -34.25 19.77
C LYS A 554 3.77 -34.24 19.75
N LEU A 555 3.08 -34.83 18.78
CA LEU A 555 2.28 -36.03 18.99
C LEU A 555 3.20 -37.22 19.30
N ARG A 556 2.82 -38.05 20.25
CA ARG A 556 3.55 -39.30 20.53
C ARG A 556 2.55 -40.43 20.66
N LEU A 557 2.05 -40.87 19.51
CA LEU A 557 1.05 -41.93 19.45
C LEU A 557 1.40 -43.00 18.43
N ASP A 558 2.37 -42.83 17.58
CA ASP A 558 2.63 -43.71 16.42
C ASP A 558 3.89 -44.49 16.78
N SER A 559 3.66 -45.78 17.04
CA SER A 559 4.85 -46.57 17.39
C SER A 559 5.84 -46.81 16.25
N ALA A 560 5.57 -46.39 15.01
CA ALA A 560 6.54 -46.35 13.93
C ALA A 560 7.47 -45.13 14.05
N MET A 561 7.03 -44.15 14.84
CA MET A 561 7.77 -42.91 14.99
C MET A 561 8.34 -42.66 16.38
N SER A 562 7.76 -43.27 17.41
CA SER A 562 8.00 -42.94 18.82
C SER A 562 8.13 -44.21 19.66
N SER A 563 8.91 -44.12 20.73
CA SER A 563 9.11 -45.22 21.65
C SER A 563 7.86 -45.54 22.47
N ALA A 564 7.76 -46.79 22.88
CA ALA A 564 6.59 -47.19 23.66
C ALA A 564 6.58 -46.35 24.92
N ALA A 565 7.73 -46.04 25.51
CA ALA A 565 7.81 -45.25 26.74
C ALA A 565 7.29 -43.81 26.53
N ASP A 566 7.64 -43.17 25.46
CA ASP A 566 7.21 -41.83 25.18
C ASP A 566 5.73 -41.83 24.84
N ILE A 567 5.20 -42.84 24.16
CA ILE A 567 3.78 -42.94 23.86
C ILE A 567 3.00 -43.08 25.15
N GLU A 568 3.45 -43.99 26.02
N GLU A 568 3.39 -44.00 26.07
CA GLU A 568 2.72 -44.23 27.27
CA GLU A 568 2.70 -44.17 27.34
C GLU A 568 2.74 -42.98 28.14
C GLU A 568 2.67 -42.84 28.08
N ALA A 569 3.87 -42.25 28.18
CA ALA A 569 3.92 -41.02 28.96
C ALA A 569 2.99 -39.94 28.39
N PHE A 570 2.92 -39.81 27.07
CA PHE A 570 2.04 -38.85 26.43
C PHE A 570 0.60 -39.19 26.72
N LYS A 571 0.21 -40.44 26.58
CA LYS A 571 -1.16 -40.82 26.81
C LYS A 571 -1.55 -40.50 28.22
N GLN A 572 -0.65 -40.80 29.17
CA GLN A 572 -0.97 -40.53 30.56
C GLN A 572 -1.09 -39.05 30.84
N ARG A 573 -0.15 -38.25 30.33
CA ARG A 573 -0.14 -36.83 30.66
C ARG A 573 -1.35 -36.12 30.08
N TYR A 574 -1.76 -36.51 28.88
CA TYR A 574 -2.80 -35.79 28.16
C TYR A 574 -4.11 -36.52 28.16
N GLU A 575 -4.24 -37.58 28.95
CA GLU A 575 -5.51 -38.31 29.04
C GLU A 575 -5.95 -38.79 27.66
N ALA A 576 -4.92 -39.27 26.91
CA ALA A 576 -5.06 -39.52 25.51
C ALA A 576 -4.99 -40.98 25.16
N GLN A 577 -5.33 -41.85 26.12
CA GLN A 577 -5.30 -43.30 25.95
C GLN A 577 -6.14 -43.74 24.74
N ASP A 578 -7.20 -43.02 24.39
CA ASP A 578 -8.06 -43.42 23.29
C ASP A 578 -7.75 -42.77 21.97
N LEU A 579 -6.76 -41.92 21.90
CA LEU A 579 -6.35 -41.35 20.64
C LEU A 579 -5.53 -42.34 19.81
N GLN A 580 -5.75 -42.38 18.51
N GLN A 580 -5.78 -42.40 18.51
CA GLN A 580 -4.96 -43.18 17.60
CA GLN A 580 -5.03 -43.14 17.53
C GLN A 580 -4.31 -42.26 16.60
C GLN A 580 -4.28 -42.20 16.60
N PRO A 581 -3.10 -42.58 16.14
CA PRO A 581 -2.44 -41.76 15.12
C PRO A 581 -3.17 -41.94 13.78
N LEU A 582 -3.01 -40.92 12.90
CA LEU A 582 -3.62 -41.00 11.59
C LEU A 582 -3.21 -42.28 10.88
N SER A 583 -1.96 -42.72 11.06
CA SER A 583 -1.53 -43.93 10.33
C SER A 583 -2.45 -45.12 10.59
N THR A 584 -3.06 -45.24 11.76
CA THR A 584 -4.00 -46.32 12.05
C THR A 584 -5.10 -46.34 11.00
N TYR A 585 -5.65 -45.16 10.73
CA TYR A 585 -6.76 -44.99 9.80
C TYR A 585 -6.30 -45.09 8.36
N LEU A 586 -5.12 -44.54 8.02
CA LEU A 586 -4.55 -44.75 6.70
C LEU A 586 -4.48 -46.23 6.38
N LYS A 587 -3.95 -47.01 7.37
CA LYS A 587 -3.77 -48.46 7.17
C LYS A 587 -5.09 -49.14 7.02
N GLN A 588 -6.10 -48.76 7.77
CA GLN A 588 -7.41 -49.42 7.62
C GLN A 588 -7.90 -49.30 6.20
N PHE A 589 -7.67 -48.17 5.58
CA PHE A 589 -8.21 -47.95 4.23
C PHE A 589 -7.15 -48.26 3.16
N GLY A 590 -6.04 -48.91 3.50
CA GLY A 590 -5.15 -49.46 2.50
C GLY A 590 -4.09 -48.49 2.05
N LEU A 591 -3.84 -47.39 2.76
N LEU A 591 -3.95 -47.38 2.75
CA LEU A 591 -2.81 -46.46 2.28
CA LEU A 591 -2.93 -46.38 2.43
C LEU A 591 -1.47 -46.44 3.01
C LEU A 591 -1.63 -46.52 3.21
N THR B 9 23.54 -31.19 -2.82
CA THR B 9 24.38 -30.22 -3.49
C THR B 9 24.01 -28.80 -3.06
N ASN B 10 24.97 -27.94 -3.24
CA ASN B 10 24.89 -26.60 -2.67
C ASN B 10 25.05 -25.55 -3.76
N ILE B 11 24.66 -24.35 -3.47
CA ILE B 11 24.82 -23.17 -4.31
C ILE B 11 25.23 -22.06 -3.39
N LEU B 12 26.08 -21.14 -3.86
CA LEU B 12 26.35 -19.94 -3.08
C LEU B 12 25.10 -19.11 -2.99
N ALA B 13 24.81 -18.54 -1.82
CA ALA B 13 23.61 -17.75 -1.66
C ALA B 13 23.59 -16.58 -2.63
N GLY B 14 24.72 -15.97 -2.90
CA GLY B 14 24.76 -14.89 -3.87
C GLY B 14 24.36 -15.31 -5.29
N ALA B 15 24.80 -16.52 -5.67
CA ALA B 15 24.39 -17.06 -6.96
C ALA B 15 22.91 -17.26 -7.04
N ALA B 16 22.31 -17.75 -5.96
CA ALA B 16 20.88 -17.90 -5.90
C ALA B 16 20.18 -16.55 -5.98
N VAL B 17 20.71 -15.53 -5.30
CA VAL B 17 20.12 -14.18 -5.41
C VAL B 17 20.11 -13.71 -6.86
N ILE B 18 21.23 -13.88 -7.60
CA ILE B 18 21.23 -13.46 -8.99
C ILE B 18 20.24 -14.26 -9.79
N LYS B 19 20.07 -15.55 -9.50
N LYS B 19 20.07 -15.54 -9.50
CA LYS B 19 19.05 -16.32 -10.23
CA LYS B 19 19.06 -16.36 -10.18
C LYS B 19 17.63 -15.84 -9.91
C LYS B 19 17.63 -15.93 -9.86
N VAL B 20 17.36 -15.35 -8.68
CA VAL B 20 16.07 -14.74 -8.39
C VAL B 20 15.87 -13.51 -9.30
N LEU B 21 16.88 -12.65 -9.42
CA LEU B 21 16.77 -11.49 -10.30
C LEU B 21 16.47 -11.94 -11.73
N GLU B 22 17.19 -12.97 -12.19
CA GLU B 22 16.97 -13.48 -13.53
C GLU B 22 15.58 -14.01 -13.73
N ALA B 23 15.05 -14.73 -12.71
CA ALA B 23 13.73 -15.31 -12.78
C ALA B 23 12.67 -14.23 -12.96
N TRP B 24 12.86 -13.08 -12.33
CA TRP B 24 11.98 -11.92 -12.45
C TRP B 24 12.26 -11.12 -13.71
N GLY B 25 13.18 -11.54 -14.55
CA GLY B 25 13.38 -10.84 -15.82
C GLY B 25 14.20 -9.58 -15.74
N VAL B 26 15.00 -9.39 -14.71
CA VAL B 26 15.78 -8.19 -14.62
C VAL B 26 16.89 -8.27 -15.63
N ASP B 27 16.94 -7.36 -16.60
CA ASP B 27 17.89 -7.34 -17.69
C ASP B 27 19.24 -6.70 -17.30
N HIS B 28 19.13 -5.60 -16.55
CA HIS B 28 20.28 -4.79 -16.23
C HIS B 28 20.08 -4.14 -14.86
N LEU B 29 21.19 -3.85 -14.18
CA LEU B 29 21.15 -3.20 -12.89
C LEU B 29 22.39 -2.33 -12.74
N TYR B 30 22.32 -1.39 -11.81
CA TYR B 30 23.33 -0.35 -11.72
C TYR B 30 23.97 -0.31 -10.35
N GLY B 31 25.25 0.07 -10.27
CA GLY B 31 25.86 0.39 -9.00
C GLY B 31 27.34 0.55 -9.11
N ILE B 32 28.00 0.71 -7.99
CA ILE B 32 29.45 0.88 -7.85
C ILE B 32 29.90 -0.13 -6.81
N PRO B 33 30.95 -0.90 -7.06
CA PRO B 33 31.36 -1.94 -6.08
C PRO B 33 32.06 -1.31 -4.87
N GLY B 34 32.17 -2.14 -3.85
CA GLY B 34 32.91 -1.88 -2.64
C GLY B 34 33.12 -3.17 -1.93
N GLY B 35 34.05 -3.20 -0.98
CA GLY B 35 34.27 -4.44 -0.21
C GLY B 35 33.02 -4.98 0.42
N SER B 36 32.15 -4.10 0.92
CA SER B 36 30.93 -4.44 1.60
C SER B 36 29.85 -5.01 0.66
N ILE B 37 30.08 -4.99 -0.64
CA ILE B 37 29.16 -5.58 -1.58
C ILE B 37 29.88 -6.45 -2.58
N ASN B 38 31.11 -6.87 -2.28
CA ASN B 38 31.91 -7.62 -3.25
C ASN B 38 31.42 -9.05 -3.43
N SER B 39 30.65 -9.60 -2.52
CA SER B 39 30.13 -10.96 -2.71
C SER B 39 28.93 -10.98 -3.65
N ILE B 40 28.11 -9.95 -3.69
CA ILE B 40 27.11 -9.79 -4.75
C ILE B 40 27.83 -9.51 -6.05
N MET B 41 28.85 -8.67 -6.03
CA MET B 41 29.62 -8.45 -7.22
C MET B 41 30.16 -9.74 -7.82
N ASP B 42 30.66 -10.61 -6.93
CA ASP B 42 31.24 -11.87 -7.37
C ASP B 42 30.21 -12.71 -8.10
N ALA B 43 28.97 -12.72 -7.59
CA ALA B 43 27.92 -13.50 -8.20
C ALA B 43 27.50 -12.91 -9.53
N LEU B 44 27.47 -11.58 -9.63
CA LEU B 44 27.20 -10.92 -10.90
C LEU B 44 28.25 -11.27 -11.94
N SER B 45 29.50 -11.34 -11.47
CA SER B 45 30.60 -11.53 -12.40
C SER B 45 30.48 -12.85 -13.14
N ALA B 46 29.93 -13.87 -12.51
CA ALA B 46 29.74 -15.18 -13.11
C ALA B 46 28.54 -15.26 -14.04
N GLU B 47 27.68 -14.24 -14.04
CA GLU B 47 26.42 -14.23 -14.77
C GLU B 47 26.29 -13.11 -15.78
N ARG B 48 27.41 -12.71 -16.38
CA ARG B 48 27.40 -11.66 -17.39
C ARG B 48 26.62 -11.94 -18.65
N ASP B 49 26.44 -13.20 -19.03
CA ASP B 49 25.66 -13.42 -20.24
C ASP B 49 24.17 -13.21 -19.97
N ARG B 50 23.69 -13.37 -18.74
N ARG B 50 23.70 -13.36 -18.73
CA ARG B 50 22.25 -13.34 -18.44
CA ARG B 50 22.26 -13.35 -18.50
C ARG B 50 21.79 -12.01 -17.90
C ARG B 50 21.78 -12.15 -17.72
N ILE B 51 22.63 -11.31 -17.11
CA ILE B 51 22.20 -10.10 -16.46
C ILE B 51 23.30 -9.09 -16.69
N HIS B 52 22.93 -7.87 -16.95
N HIS B 52 23.00 -7.88 -17.16
CA HIS B 52 23.91 -6.90 -17.43
CA HIS B 52 23.94 -6.83 -17.57
C HIS B 52 24.13 -5.80 -16.39
C HIS B 52 24.12 -5.88 -16.37
N TYR B 53 25.32 -5.86 -15.79
CA TYR B 53 25.72 -4.87 -14.78
C TYR B 53 26.28 -3.62 -15.45
N ILE B 54 25.70 -2.49 -15.06
CA ILE B 54 26.07 -1.16 -15.55
C ILE B 54 26.77 -0.43 -14.39
N GLN B 55 28.09 -0.25 -14.51
CA GLN B 55 28.87 0.51 -13.55
C GLN B 55 28.71 1.99 -13.85
N VAL B 56 27.99 2.70 -13.00
N VAL B 56 28.07 2.66 -12.91
CA VAL B 56 27.83 4.15 -13.03
CA VAL B 56 27.82 4.09 -13.02
C VAL B 56 29.02 4.80 -12.32
C VAL B 56 28.93 4.84 -12.31
N ARG B 57 29.05 6.16 -12.46
CA ARG B 57 30.11 6.94 -11.84
C ARG B 57 29.66 7.64 -10.54
N HIS B 58 28.36 7.63 -10.25
CA HIS B 58 27.83 8.11 -9.00
C HIS B 58 26.59 7.29 -8.74
N GLU B 59 26.41 6.78 -7.52
CA GLU B 59 25.31 5.88 -7.27
C GLU B 59 23.93 6.50 -7.42
N GLU B 60 23.78 7.79 -7.28
CA GLU B 60 22.51 8.45 -7.49
C GLU B 60 22.04 8.22 -8.92
N VAL B 61 22.96 8.17 -9.87
CA VAL B 61 22.61 7.93 -11.26
C VAL B 61 22.07 6.51 -11.45
N GLY B 62 22.66 5.55 -10.72
CA GLY B 62 22.12 4.20 -10.74
C GLY B 62 20.74 4.10 -10.18
N ALA B 63 20.46 4.78 -9.08
CA ALA B 63 19.13 4.80 -8.52
C ALA B 63 18.12 5.47 -9.44
N MET B 64 18.52 6.63 -9.98
N MET B 64 18.51 6.60 -10.03
CA MET B 64 17.65 7.33 -10.91
CA MET B 64 17.60 7.31 -10.92
C MET B 64 17.38 6.50 -12.14
C MET B 64 17.35 6.53 -12.20
N ALA B 65 18.39 5.83 -12.66
CA ALA B 65 18.22 4.99 -13.87
C ALA B 65 17.31 3.81 -13.56
N ALA B 66 17.43 3.22 -12.37
CA ALA B 66 16.53 2.12 -11.98
C ALA B 66 15.11 2.61 -11.94
N ALA B 67 14.86 3.79 -11.34
CA ALA B 67 13.53 4.37 -11.35
C ALA B 67 13.02 4.55 -12.75
N ALA B 68 13.89 5.12 -13.63
CA ALA B 68 13.49 5.36 -15.03
C ALA B 68 13.18 4.06 -15.78
N ASP B 69 13.93 2.98 -15.50
CA ASP B 69 13.63 1.70 -16.12
C ASP B 69 12.18 1.33 -15.85
N ALA B 70 11.77 1.46 -14.58
CA ALA B 70 10.40 1.11 -14.18
C ALA B 70 9.39 2.09 -14.74
N LYS B 71 9.70 3.38 -14.79
CA LYS B 71 8.79 4.33 -15.46
C LYS B 71 8.53 3.96 -16.89
N LEU B 72 9.55 3.54 -17.60
CA LEU B 72 9.46 3.26 -19.00
C LEU B 72 8.76 1.92 -19.27
N THR B 73 9.18 0.86 -18.60
CA THR B 73 8.78 -0.48 -18.94
C THR B 73 7.74 -1.11 -18.04
N GLY B 74 7.54 -0.57 -16.85
CA GLY B 74 6.71 -1.22 -15.84
C GLY B 74 7.31 -2.36 -15.07
N LYS B 75 8.58 -2.56 -15.21
N LYS B 75 8.41 -2.89 -15.42
CA LYS B 75 9.29 -3.76 -14.77
CA LYS B 75 9.36 -3.77 -14.80
C LYS B 75 10.30 -3.17 -13.76
C LYS B 75 10.24 -3.13 -13.74
N ILE B 76 10.48 -3.86 -12.67
CA ILE B 76 11.21 -3.38 -11.55
C ILE B 76 12.60 -2.97 -11.96
N GLY B 77 13.04 -1.79 -11.50
CA GLY B 77 14.41 -1.36 -11.67
C GLY B 77 15.25 -1.80 -10.48
N VAL B 78 16.56 -2.04 -10.72
CA VAL B 78 17.42 -2.56 -9.69
C VAL B 78 18.70 -1.75 -9.63
N CYS B 79 19.08 -1.36 -8.41
CA CYS B 79 20.30 -0.67 -8.18
C CYS B 79 20.92 -1.12 -6.86
N PHE B 80 22.17 -0.75 -6.65
CA PHE B 80 22.82 -1.06 -5.40
C PHE B 80 23.81 0.03 -5.07
N GLY B 81 24.19 0.04 -3.78
CA GLY B 81 25.22 0.90 -3.24
C GLY B 81 25.97 0.20 -2.14
N SER B 82 27.26 0.48 -2.05
CA SER B 82 28.11 -0.04 -0.99
C SER B 82 27.71 0.55 0.35
N ALA B 83 28.17 -0.08 1.43
CA ALA B 83 27.85 0.33 2.78
C ALA B 83 28.13 1.82 2.98
N GLY B 84 27.30 2.41 3.80
CA GLY B 84 27.45 3.82 4.15
C GLY B 84 27.23 4.69 2.94
N PRO B 85 28.28 5.36 2.47
CA PRO B 85 28.10 6.39 1.43
C PRO B 85 27.65 5.91 0.08
N GLY B 86 27.90 4.65 -0.29
CA GLY B 86 27.34 4.16 -1.56
C GLY B 86 25.83 4.17 -1.54
N GLY B 87 25.26 3.59 -0.49
CA GLY B 87 23.83 3.55 -0.32
C GLY B 87 23.20 4.93 -0.13
N THR B 88 23.81 5.81 0.68
CA THR B 88 23.18 7.08 0.88
C THR B 88 23.16 7.93 -0.39
N HIS B 89 24.12 7.66 -1.29
CA HIS B 89 24.07 8.32 -2.57
C HIS B 89 22.86 7.90 -3.41
N LEU B 90 22.24 6.78 -3.11
CA LEU B 90 21.07 6.36 -3.89
C LEU B 90 19.87 7.25 -3.64
N MET B 91 19.84 7.97 -2.53
N MET B 91 19.87 8.11 -2.64
CA MET B 91 18.60 8.57 -2.05
CA MET B 91 18.58 8.49 -2.06
C MET B 91 17.82 9.35 -3.06
C MET B 91 17.81 9.41 -2.99
N ASN B 92 18.43 10.24 -3.83
CA ASN B 92 17.57 11.07 -4.72
C ASN B 92 16.81 10.20 -5.72
N GLY B 93 17.41 9.08 -6.18
CA GLY B 93 16.67 8.18 -7.05
C GLY B 93 15.66 7.32 -6.35
N LEU B 94 15.93 6.93 -5.11
CA LEU B 94 14.94 6.15 -4.35
C LEU B 94 13.69 6.99 -4.03
N TYR B 95 13.93 8.26 -3.63
CA TYR B 95 12.78 9.14 -3.35
C TYR B 95 12.02 9.42 -4.62
N ASP B 96 12.72 9.53 -5.78
CA ASP B 96 12.03 9.68 -7.06
C ASP B 96 11.11 8.49 -7.29
N ALA B 97 11.64 7.27 -7.06
CA ALA B 97 10.83 6.08 -7.26
C ALA B 97 9.63 6.03 -6.31
N ARG B 98 9.83 6.43 -5.06
CA ARG B 98 8.73 6.46 -4.12
C ARG B 98 7.65 7.43 -4.60
N GLU B 99 8.02 8.64 -4.92
CA GLU B 99 7.08 9.70 -5.25
C GLU B 99 6.40 9.47 -6.61
N ASP B 100 7.13 8.90 -7.56
CA ASP B 100 6.57 8.52 -8.86
C ASP B 100 6.04 7.12 -8.85
N HIS B 101 5.94 6.49 -7.69
CA HIS B 101 5.30 5.21 -7.44
C HIS B 101 5.63 4.16 -8.52
N VAL B 102 6.92 3.90 -8.65
CA VAL B 102 7.42 2.84 -9.51
C VAL B 102 8.24 1.85 -8.71
N PRO B 103 8.22 0.58 -9.13
CA PRO B 103 8.94 -0.45 -8.36
C PRO B 103 10.42 -0.39 -8.60
N VAL B 104 11.20 -0.35 -7.50
CA VAL B 104 12.67 -0.39 -7.48
C VAL B 104 13.11 -1.26 -6.32
N LEU B 105 14.09 -2.10 -6.60
CA LEU B 105 14.84 -2.84 -5.62
C LEU B 105 16.22 -2.19 -5.46
N ALA B 106 16.58 -1.89 -4.22
CA ALA B 106 17.88 -1.37 -3.87
C ALA B 106 18.59 -2.33 -2.89
N LEU B 107 19.79 -2.75 -3.27
CA LEU B 107 20.61 -3.57 -2.40
C LEU B 107 21.69 -2.70 -1.80
N ILE B 108 21.86 -2.80 -0.48
CA ILE B 108 22.83 -1.99 0.25
C ILE B 108 23.87 -2.88 0.84
N GLY B 109 25.13 -2.61 0.58
CA GLY B 109 26.21 -3.35 1.22
C GLY B 109 26.21 -3.12 2.72
N GLN B 110 26.74 -4.10 3.45
CA GLN B 110 26.90 -4.00 4.90
C GLN B 110 28.11 -4.88 5.24
N PHE B 111 28.78 -4.54 6.31
N PHE B 111 28.81 -4.55 6.30
CA PHE B 111 29.82 -5.29 6.97
CA PHE B 111 29.90 -5.46 6.62
C PHE B 111 29.33 -6.72 7.24
C PHE B 111 29.34 -6.72 7.23
N GLY B 112 30.25 -7.69 7.30
CA GLY B 112 29.86 -9.03 7.65
C GLY B 112 29.27 -9.11 9.03
N THR B 113 28.47 -10.16 9.26
CA THR B 113 27.80 -10.34 10.53
C THR B 113 28.77 -10.42 11.72
N THR B 114 30.00 -10.85 11.49
CA THR B 114 30.96 -10.91 12.59
C THR B 114 31.47 -9.56 13.01
N GLY B 115 31.32 -8.51 12.19
CA GLY B 115 31.76 -7.18 12.53
C GLY B 115 30.67 -6.16 12.75
N MET B 116 29.42 -6.50 12.40
CA MET B 116 28.34 -5.58 12.64
C MET B 116 28.26 -5.27 14.12
N ASN B 117 27.92 -4.04 14.46
CA ASN B 117 27.79 -3.57 15.83
C ASN B 117 29.08 -3.54 16.60
N MET B 118 30.22 -3.56 15.90
CA MET B 118 31.51 -3.40 16.53
C MET B 118 32.08 -1.99 16.40
N ASP B 119 31.34 -1.10 15.73
CA ASP B 119 31.87 0.23 15.39
C ASP B 119 33.18 0.09 14.63
N THR B 120 33.11 -0.72 13.57
CA THR B 120 34.26 -0.87 12.68
C THR B 120 34.14 0.13 11.53
N PHE B 121 35.07 0.00 10.58
CA PHE B 121 35.18 0.98 9.50
C PHE B 121 33.94 1.02 8.67
N GLN B 122 33.36 2.21 8.56
N GLN B 122 33.34 2.15 8.34
CA GLN B 122 32.21 2.44 7.70
CA GLN B 122 32.15 2.28 7.50
C GLN B 122 31.05 1.48 8.01
C GLN B 122 30.97 1.46 8.01
N GLU B 123 30.98 1.10 9.29
CA GLU B 123 29.98 0.18 9.81
C GLU B 123 29.03 0.97 10.71
N MET B 124 27.76 0.83 10.39
CA MET B 124 26.70 1.52 11.10
CA MET B 124 26.71 1.48 11.12
C MET B 124 25.44 0.65 10.97
N ASN B 125 24.47 0.98 11.81
CA ASN B 125 23.11 0.39 11.65
C ASN B 125 22.50 1.07 10.46
N GLU B 126 22.42 0.38 9.32
CA GLU B 126 21.94 0.99 8.09
C GLU B 126 20.44 0.98 7.95
N ASN B 127 19.75 0.16 8.72
CA ASN B 127 18.29 0.04 8.54
C ASN B 127 17.56 1.37 8.72
N PRO B 128 17.87 2.21 9.73
N PRO B 128 17.83 2.17 9.75
CA PRO B 128 17.11 3.46 9.86
CA PRO B 128 17.10 3.45 9.87
C PRO B 128 17.31 4.43 8.71
C PRO B 128 17.31 4.41 8.72
N ILE B 129 18.38 4.29 7.93
CA ILE B 129 18.64 5.21 6.86
C ILE B 129 17.50 5.17 5.84
N TYR B 130 16.95 3.97 5.60
CA TYR B 130 16.04 3.72 4.50
C TYR B 130 14.59 3.58 4.92
N ALA B 131 14.33 3.75 6.22
CA ALA B 131 12.99 3.50 6.74
C ALA B 131 11.94 4.43 6.14
N ASP B 132 12.30 5.68 5.90
CA ASP B 132 11.29 6.58 5.37
C ASP B 132 11.01 6.36 3.89
N VAL B 133 12.03 6.08 3.09
CA VAL B 133 11.83 5.99 1.64
C VAL B 133 11.16 4.70 1.22
N ALA B 134 11.36 3.65 1.98
CA ALA B 134 11.10 2.31 1.54
C ALA B 134 9.74 1.74 1.94
N ASP B 135 9.09 1.06 1.03
CA ASP B 135 7.95 0.22 1.35
C ASP B 135 8.34 -1.00 2.17
N TYR B 136 9.53 -1.55 1.91
CA TYR B 136 10.04 -2.76 2.53
C TYR B 136 11.52 -2.47 2.80
N ASN B 137 11.99 -2.72 4.00
CA ASN B 137 13.32 -2.26 4.43
C ASN B 137 13.88 -3.17 5.49
N VAL B 138 14.73 -4.12 5.05
CA VAL B 138 15.20 -5.15 5.98
C VAL B 138 16.71 -5.34 5.83
N THR B 139 17.31 -5.74 6.97
CA THR B 139 18.67 -6.22 6.99
C THR B 139 18.65 -7.74 7.05
N ALA B 140 19.20 -8.38 6.04
CA ALA B 140 19.31 -9.85 6.00
C ALA B 140 20.30 -10.33 7.02
N VAL B 141 19.98 -11.49 7.63
CA VAL B 141 20.82 -12.00 8.73
C VAL B 141 21.12 -13.49 8.56
N ASN B 142 20.73 -14.08 7.42
CA ASN B 142 20.85 -15.52 7.19
C ASN B 142 21.06 -15.73 5.70
N ALA B 143 21.93 -16.65 5.33
CA ALA B 143 22.18 -16.93 3.92
C ALA B 143 21.08 -17.75 3.28
N ALA B 144 20.61 -18.80 3.97
CA ALA B 144 19.62 -19.69 3.38
C ALA B 144 18.31 -18.98 3.05
N THR B 145 17.93 -17.97 3.82
CA THR B 145 16.72 -17.23 3.53
C THR B 145 16.96 -16.02 2.63
N LEU B 146 18.18 -15.72 2.23
CA LEU B 146 18.45 -14.49 1.48
C LEU B 146 17.75 -14.51 0.14
N PRO B 147 17.74 -15.61 -0.62
CA PRO B 147 16.95 -15.58 -1.87
C PRO B 147 15.50 -15.23 -1.63
N HIS B 148 14.90 -15.80 -0.59
CA HIS B 148 13.51 -15.46 -0.25
C HIS B 148 13.33 -13.97 0.06
N VAL B 149 14.27 -13.42 0.83
CA VAL B 149 14.17 -12.00 1.17
C VAL B 149 14.22 -11.12 -0.08
N ILE B 150 15.08 -11.45 -1.04
CA ILE B 150 15.12 -10.71 -2.31
C ILE B 150 13.84 -10.87 -3.08
N ASP B 151 13.34 -12.12 -3.14
CA ASP B 151 12.08 -12.41 -3.80
C ASP B 151 10.92 -11.63 -3.21
N GLU B 152 10.88 -11.60 -1.88
CA GLU B 152 9.89 -10.84 -1.15
C GLU B 152 9.98 -9.37 -1.43
N ALA B 153 11.17 -8.82 -1.45
CA ALA B 153 11.41 -7.42 -1.76
C ALA B 153 10.84 -7.09 -3.16
N ILE B 154 11.15 -7.92 -4.15
CA ILE B 154 10.68 -7.68 -5.51
C ILE B 154 9.16 -7.74 -5.56
N ARG B 155 8.59 -8.80 -4.96
CA ARG B 155 7.15 -8.97 -5.02
C ARG B 155 6.41 -7.80 -4.33
N ARG B 156 6.94 -7.33 -3.20
CA ARG B 156 6.36 -6.17 -2.53
C ARG B 156 6.57 -4.89 -3.32
N ALA B 157 7.74 -4.66 -3.92
CA ALA B 157 7.96 -3.47 -4.71
C ALA B 157 6.91 -3.37 -5.83
N TYR B 158 6.67 -4.49 -6.50
CA TYR B 158 5.65 -4.52 -7.53
C TYR B 158 4.27 -4.25 -6.95
N ALA B 159 3.90 -5.04 -5.95
CA ALA B 159 2.54 -4.98 -5.41
C ALA B 159 2.21 -3.59 -4.88
N HIS B 160 3.19 -2.93 -4.28
CA HIS B 160 2.99 -1.69 -3.57
C HIS B 160 3.49 -0.47 -4.35
N GLN B 161 4.04 -0.73 -5.55
CA GLN B 161 4.50 0.31 -6.48
C GLN B 161 5.44 1.29 -5.78
N GLY B 162 6.54 0.74 -5.24
CA GLY B 162 7.52 1.57 -4.54
C GLY B 162 8.80 0.84 -4.36
N VAL B 163 9.57 1.32 -3.37
CA VAL B 163 10.94 0.93 -3.18
C VAL B 163 11.09 -0.15 -2.13
N ALA B 164 11.84 -1.19 -2.44
CA ALA B 164 12.21 -2.21 -1.48
C ALA B 164 13.71 -2.16 -1.31
N VAL B 165 14.20 -2.10 -0.08
CA VAL B 165 15.61 -2.03 0.25
C VAL B 165 15.99 -3.20 1.12
N VAL B 166 17.09 -3.86 0.74
CA VAL B 166 17.65 -4.93 1.49
C VAL B 166 19.11 -4.61 1.79
N GLN B 167 19.45 -4.53 3.07
CA GLN B 167 20.85 -4.42 3.50
C GLN B 167 21.41 -5.83 3.64
N ILE B 168 22.56 -6.09 2.99
CA ILE B 168 23.12 -7.43 2.91
C ILE B 168 24.50 -7.52 3.54
N PRO B 169 24.63 -8.09 4.73
CA PRO B 169 25.96 -8.33 5.29
C PRO B 169 26.78 -9.15 4.28
N VAL B 170 28.01 -8.72 4.02
CA VAL B 170 28.77 -9.21 2.88
C VAL B 170 29.16 -10.69 3.01
N ASP B 171 29.19 -11.24 4.21
CA ASP B 171 29.47 -12.65 4.36
C ASP B 171 28.39 -13.53 3.82
N LEU B 172 27.14 -13.12 3.86
CA LEU B 172 26.05 -14.05 3.54
C LEU B 172 26.12 -14.55 2.09
N PRO B 173 26.34 -13.71 1.10
CA PRO B 173 26.33 -14.23 -0.27
C PRO B 173 27.44 -15.18 -0.61
N TRP B 174 28.50 -15.28 0.20
CA TRP B 174 29.57 -16.26 0.03
C TRP B 174 29.31 -17.54 0.76
N GLN B 175 28.23 -17.68 1.50
CA GLN B 175 27.90 -18.94 2.16
C GLN B 175 27.18 -19.90 1.20
N GLN B 176 27.50 -21.16 1.32
CA GLN B 176 26.77 -22.21 0.63
C GLN B 176 25.44 -22.47 1.29
N ILE B 177 24.44 -22.69 0.47
CA ILE B 177 23.09 -23.02 0.93
C ILE B 177 22.61 -24.22 0.10
N PRO B 178 21.65 -24.99 0.55
CA PRO B 178 21.22 -26.16 -0.24
C PRO B 178 20.63 -25.71 -1.55
N ALA B 179 21.06 -26.42 -2.60
CA ALA B 179 20.74 -26.01 -3.96
C ALA B 179 19.23 -26.09 -4.23
N GLU B 180 18.55 -27.03 -3.59
CA GLU B 180 17.21 -27.36 -4.07
C GLU B 180 16.23 -26.56 -3.25
N ASP B 181 16.63 -25.74 -2.29
CA ASP B 181 15.57 -25.19 -1.41
C ASP B 181 15.04 -23.86 -1.86
N TRP B 182 15.81 -22.95 -2.40
CA TRP B 182 15.44 -21.59 -2.74
C TRP B 182 14.51 -21.63 -3.94
N TYR B 183 13.69 -20.60 -4.09
CA TYR B 183 12.89 -20.44 -5.29
C TYR B 183 12.61 -18.93 -5.50
N ALA B 184 12.13 -18.62 -6.69
CA ALA B 184 11.57 -17.30 -7.01
C ALA B 184 10.07 -17.49 -7.28
N SER B 185 9.30 -16.45 -6.96
CA SER B 185 7.86 -16.44 -7.20
C SER B 185 7.45 -15.62 -8.43
N ALA B 186 8.40 -15.31 -9.33
CA ALA B 186 8.10 -14.65 -10.57
C ALA B 186 7.05 -15.44 -11.35
N ASN B 187 7.08 -16.75 -11.28
CA ASN B 187 6.12 -17.57 -12.01
C ASN B 187 4.68 -17.33 -11.61
N SER B 188 4.45 -16.81 -10.41
CA SER B 188 3.10 -16.53 -9.91
C SER B 188 2.57 -15.13 -10.32
N TYR B 189 3.47 -14.28 -10.81
CA TYR B 189 3.09 -12.89 -11.02
C TYR B 189 2.04 -12.79 -12.11
N GLN B 190 1.07 -11.94 -11.90
CA GLN B 190 0.06 -11.68 -12.95
C GLN B 190 -0.61 -10.36 -12.65
N THR B 191 -1.37 -9.90 -13.62
CA THR B 191 -2.18 -8.70 -13.44
C THR B 191 -3.66 -9.05 -13.31
N PRO B 192 -4.42 -8.27 -12.49
CA PRO B 192 -5.82 -8.64 -12.19
C PRO B 192 -6.74 -8.44 -13.37
N LEU B 193 -7.74 -9.28 -13.43
CA LEU B 193 -8.91 -9.10 -14.28
C LEU B 193 -9.98 -8.37 -13.46
N LEU B 194 -10.42 -7.22 -13.95
CA LEU B 194 -11.36 -6.36 -13.21
C LEU B 194 -12.79 -6.52 -13.70
N PRO B 195 -13.76 -6.25 -12.83
CA PRO B 195 -15.15 -6.19 -13.32
C PRO B 195 -15.32 -5.02 -14.27
N GLU B 196 -16.48 -5.07 -14.98
CA GLU B 196 -16.86 -3.94 -15.81
C GLU B 196 -17.03 -2.71 -14.93
N PRO B 197 -16.78 -1.55 -15.55
N PRO B 197 -16.79 -1.45 -15.30
CA PRO B 197 -16.97 -0.28 -14.81
CA PRO B 197 -17.38 -0.36 -14.48
C PRO B 197 -18.40 -0.14 -14.27
C PRO B 197 -18.89 -0.53 -14.42
N ASP B 198 -18.59 0.26 -13.03
N ASP B 198 -19.59 -0.25 -13.30
CA ASP B 198 -19.89 0.31 -12.35
CA ASP B 198 -21.05 -0.47 -13.38
C ASP B 198 -20.97 0.96 -13.20
C ASP B 198 -21.80 0.49 -14.29
N VAL B 199 -22.01 0.23 -13.60
N VAL B 199 -22.77 0.01 -15.03
CA VAL B 199 -22.84 0.73 -14.70
CA VAL B 199 -23.39 0.73 -16.10
C VAL B 199 -23.58 1.95 -14.29
C VAL B 199 -24.10 1.90 -15.44
N GLN B 200 -24.24 1.92 -13.13
N GLN B 200 -24.65 1.71 -14.22
CA GLN B 200 -25.11 3.04 -12.81
CA GLN B 200 -25.49 2.74 -13.65
C GLN B 200 -24.35 4.31 -12.44
C GLN B 200 -24.63 3.95 -13.30
N ALA B 201 -23.18 4.13 -11.83
N ALA B 201 -23.42 3.69 -12.77
CA ALA B 201 -22.38 5.36 -11.50
CA ALA B 201 -22.62 4.83 -12.33
C ALA B 201 -21.85 5.98 -12.79
C ALA B 201 -22.02 5.60 -13.50
N VAL B 202 -21.45 5.16 -13.77
N VAL B 202 -21.67 4.83 -14.53
CA VAL B 202 -20.98 5.69 -15.05
CA VAL B 202 -21.10 5.46 -15.71
C VAL B 202 -22.11 6.28 -15.88
C VAL B 202 -22.15 6.33 -16.35
N THR B 203 -23.33 5.78 -16.12
CA THR B 203 -24.47 6.42 -16.75
C THR B 203 -24.75 7.78 -16.09
N ARG B 204 -24.73 7.86 -14.77
N ARG B 204 -24.78 7.84 -14.76
CA ARG B 204 -25.06 9.14 -14.16
CA ARG B 204 -25.00 9.05 -13.99
C ARG B 204 -23.92 10.13 -14.32
C ARG B 204 -23.94 10.09 -14.36
N LEU B 205 -22.67 9.67 -14.31
CA LEU B 205 -21.52 10.56 -14.58
C LEU B 205 -21.71 11.18 -15.95
N THR B 206 -22.04 10.32 -16.94
CA THR B 206 -22.17 10.72 -18.29
C THR B 206 -23.26 11.81 -18.45
N GLN B 207 -24.39 11.64 -17.79
CA GLN B 207 -25.43 12.65 -17.92
C GLN B 207 -24.93 13.98 -17.38
N THR B 208 -24.20 13.98 -16.26
CA THR B 208 -23.76 15.23 -15.66
C THR B 208 -22.77 15.92 -16.60
N LEU B 209 -21.90 15.13 -17.19
CA LEU B 209 -20.93 15.69 -18.14
C LEU B 209 -21.62 16.31 -19.35
N LEU B 210 -22.60 15.60 -19.91
CA LEU B 210 -23.27 16.09 -21.09
C LEU B 210 -24.18 17.27 -20.81
N ALA B 211 -24.70 17.41 -19.62
CA ALA B 211 -25.58 18.53 -19.27
C ALA B 211 -24.78 19.81 -19.10
N ALA B 212 -23.46 19.73 -18.96
CA ALA B 212 -22.65 20.91 -18.73
C ALA B 212 -22.68 21.87 -19.90
N GLU B 213 -22.55 23.16 -19.60
CA GLU B 213 -22.41 24.15 -20.64
CA GLU B 213 -22.39 24.19 -20.60
C GLU B 213 -20.96 24.38 -21.05
N ARG B 214 -20.03 24.19 -20.12
N ARG B 214 -20.00 24.18 -20.14
CA ARG B 214 -18.62 24.45 -20.32
CA ARG B 214 -18.60 24.45 -20.35
C ARG B 214 -17.77 23.30 -19.81
C ARG B 214 -17.77 23.28 -19.76
N PRO B 215 -17.95 22.09 -20.36
CA PRO B 215 -17.26 20.88 -19.86
C PRO B 215 -15.79 20.85 -20.26
N LEU B 216 -15.02 20.15 -19.40
CA LEU B 216 -13.65 19.76 -19.73
C LEU B 216 -13.41 18.33 -19.24
N ILE B 217 -12.57 17.61 -20.01
CA ILE B 217 -12.01 16.35 -19.52
C ILE B 217 -10.55 16.61 -19.19
N TYR B 218 -10.14 16.31 -17.97
CA TYR B 218 -8.83 16.64 -17.40
C TYR B 218 -8.19 15.36 -16.91
N TYR B 219 -7.28 14.82 -17.70
CA TYR B 219 -6.72 13.49 -17.44
C TYR B 219 -5.26 13.56 -17.05
N GLY B 220 -4.84 12.54 -16.32
CA GLY B 220 -3.45 12.30 -16.01
C GLY B 220 -2.98 10.96 -16.59
N ILE B 221 -1.83 10.51 -16.10
CA ILE B 221 -1.19 9.33 -16.67
C ILE B 221 -1.94 8.06 -16.26
N GLY B 222 -2.90 8.12 -15.33
CA GLY B 222 -3.76 6.96 -15.15
C GLY B 222 -4.61 6.66 -16.40
N ALA B 223 -4.71 7.60 -17.30
CA ALA B 223 -5.41 7.44 -18.57
C ALA B 223 -4.47 7.08 -19.70
N ARG B 224 -3.27 6.62 -19.41
CA ARG B 224 -2.28 6.35 -20.45
C ARG B 224 -2.75 5.33 -21.48
N LYS B 225 -3.64 4.41 -21.09
N LYS B 225 -3.69 4.45 -21.15
CA LYS B 225 -4.15 3.39 -22.03
CA LYS B 225 -4.13 3.45 -22.13
C LYS B 225 -5.37 3.89 -22.80
C LYS B 225 -5.36 3.92 -22.89
N ALA B 226 -5.79 5.14 -22.57
CA ALA B 226 -7.09 5.63 -23.04
C ALA B 226 -7.02 6.77 -24.02
N GLY B 227 -5.88 6.98 -24.70
CA GLY B 227 -5.75 8.05 -25.63
C GLY B 227 -6.75 8.09 -26.77
N LYS B 228 -7.03 6.92 -27.33
N LYS B 228 -7.04 6.92 -27.33
CA LYS B 228 -8.02 6.83 -28.39
CA LYS B 228 -8.03 6.87 -28.41
C LYS B 228 -9.40 7.28 -27.91
C LYS B 228 -9.40 7.29 -27.91
N GLU B 229 -9.81 6.75 -26.77
CA GLU B 229 -11.09 7.09 -26.20
C GLU B 229 -11.20 8.57 -25.82
N LEU B 230 -10.12 9.10 -25.25
CA LEU B 230 -10.13 10.52 -24.93
C LEU B 230 -10.38 11.40 -26.16
N GLU B 231 -9.60 11.12 -27.19
CA GLU B 231 -9.73 11.96 -28.39
C GLU B 231 -11.10 11.80 -29.03
N GLN B 232 -11.62 10.54 -29.04
N GLN B 232 -11.61 10.55 -29.08
CA GLN B 232 -12.91 10.37 -29.69
CA GLN B 232 -12.92 10.26 -29.64
C GLN B 232 -14.03 10.94 -28.85
C GLN B 232 -14.03 10.95 -28.85
N LEU B 233 -13.99 10.84 -27.53
CA LEU B 233 -14.96 11.52 -26.69
C LEU B 233 -14.95 13.02 -26.94
N SER B 234 -13.76 13.59 -26.96
CA SER B 234 -13.58 15.01 -27.22
C SER B 234 -14.24 15.42 -28.52
N LYS B 235 -13.88 14.73 -29.61
CA LYS B 235 -14.38 15.07 -30.93
C LYS B 235 -15.91 14.88 -31.03
N THR B 236 -16.40 13.76 -30.51
CA THR B 236 -17.82 13.46 -30.65
C THR B 236 -18.68 14.44 -29.86
N LEU B 237 -18.26 14.67 -28.61
CA LEU B 237 -19.04 15.46 -27.68
C LEU B 237 -18.73 16.96 -27.74
N LYS B 238 -17.66 17.34 -28.42
CA LYS B 238 -17.25 18.73 -28.46
C LYS B 238 -16.83 19.24 -27.07
N ILE B 239 -15.98 18.43 -26.42
CA ILE B 239 -15.44 18.72 -25.09
C ILE B 239 -13.95 18.84 -25.18
N PRO B 240 -13.38 20.02 -24.90
CA PRO B 240 -11.91 20.15 -24.94
C PRO B 240 -11.25 19.26 -23.90
N LEU B 241 -9.98 18.94 -24.22
CA LEU B 241 -9.13 18.11 -23.38
C LEU B 241 -8.00 18.92 -22.73
N MET B 242 -7.72 18.63 -21.47
CA MET B 242 -6.54 19.15 -20.81
C MET B 242 -5.94 17.98 -20.01
N SER B 243 -4.64 18.15 -19.66
CA SER B 243 -3.96 17.05 -18.99
C SER B 243 -3.03 17.55 -17.93
N THR B 244 -2.54 16.64 -17.11
CA THR B 244 -1.35 16.90 -16.30
C THR B 244 -0.19 16.99 -17.27
N TYR B 245 0.89 17.68 -16.84
CA TYR B 245 2.09 17.75 -17.69
C TYR B 245 2.57 16.35 -18.03
N PRO B 246 2.71 15.42 -17.11
CA PRO B 246 3.23 14.08 -17.47
C PRO B 246 2.37 13.36 -18.49
N ALA B 247 1.11 13.68 -18.57
CA ALA B 247 0.14 13.08 -19.52
C ALA B 247 0.21 13.71 -20.92
N LYS B 248 1.04 14.71 -21.13
CA LYS B 248 1.34 15.16 -22.48
C LYS B 248 1.72 13.93 -23.33
N GLY B 249 1.20 13.90 -24.56
CA GLY B 249 1.50 12.84 -25.49
C GLY B 249 0.56 11.65 -25.52
N ILE B 250 -0.25 11.48 -24.47
CA ILE B 250 -1.28 10.42 -24.49
C ILE B 250 -2.26 10.67 -25.64
N VAL B 251 -2.64 11.94 -25.82
CA VAL B 251 -3.30 12.42 -27.01
C VAL B 251 -2.28 13.26 -27.75
N ALA B 252 -2.18 13.13 -29.05
CA ALA B 252 -1.21 13.91 -29.80
C ALA B 252 -1.34 15.38 -29.54
N ASP B 253 -0.21 16.02 -29.36
CA ASP B 253 -0.19 17.47 -29.18
C ASP B 253 -0.88 18.22 -30.33
N ARG B 254 -0.83 17.66 -31.55
CA ARG B 254 -1.44 18.31 -32.70
C ARG B 254 -2.96 18.35 -32.63
N TYR B 255 -3.58 17.56 -31.77
CA TYR B 255 -5.03 17.50 -31.69
C TYR B 255 -5.57 18.91 -31.42
N PRO B 256 -6.44 19.46 -32.24
CA PRO B 256 -6.75 20.90 -32.10
C PRO B 256 -7.50 21.32 -30.84
N ALA B 257 -8.08 20.36 -30.11
CA ALA B 257 -8.78 20.68 -28.86
C ALA B 257 -8.01 20.18 -27.63
N TYR B 258 -6.70 19.92 -27.79
CA TYR B 258 -5.81 19.69 -26.66
C TYR B 258 -5.31 21.04 -26.14
N LEU B 259 -5.74 21.38 -24.90
CA LEU B 259 -5.42 22.67 -24.32
C LEU B 259 -4.09 22.74 -23.62
N GLY B 260 -3.52 21.61 -23.28
CA GLY B 260 -2.30 21.53 -22.51
C GLY B 260 -2.59 21.28 -21.03
N SER B 261 -1.62 21.63 -20.22
CA SER B 261 -1.65 21.47 -18.76
C SER B 261 -1.84 22.80 -18.04
N ALA B 262 -2.21 22.72 -16.78
CA ALA B 262 -2.50 23.86 -15.92
C ALA B 262 -1.33 24.14 -14.97
N ASN B 263 -1.46 25.29 -14.30
CA ASN B 263 -0.47 25.85 -13.34
C ASN B 263 0.66 26.54 -14.10
N ARG B 264 1.89 26.06 -13.96
CA ARG B 264 3.08 26.78 -14.42
C ARG B 264 3.80 26.01 -15.54
N VAL B 265 3.99 24.70 -15.33
CA VAL B 265 4.44 23.87 -16.43
C VAL B 265 3.13 23.50 -17.14
N ALA B 266 2.75 24.47 -18.00
CA ALA B 266 1.36 24.73 -18.32
C ALA B 266 1.33 25.45 -19.65
N GLN B 267 0.14 25.43 -20.23
CA GLN B 267 -0.14 26.15 -21.45
C GLN B 267 -1.35 27.07 -21.21
N LYS B 268 -1.28 28.26 -21.80
CA LYS B 268 -2.31 29.30 -21.58
C LYS B 268 -3.74 28.76 -21.75
N PRO B 269 -4.06 28.03 -22.82
CA PRO B 269 -5.47 27.68 -22.99
C PRO B 269 -6.03 26.82 -21.88
N ALA B 270 -5.22 25.95 -21.28
CA ALA B 270 -5.68 25.08 -20.22
C ALA B 270 -6.03 25.89 -18.97
N ASN B 271 -5.15 26.81 -18.57
CA ASN B 271 -5.46 27.60 -17.40
C ASN B 271 -6.76 28.41 -17.61
N GLU B 272 -6.88 29.02 -18.77
CA GLU B 272 -8.00 29.88 -19.03
C GLU B 272 -9.33 29.09 -19.06
N ALA B 273 -9.30 27.95 -19.76
CA ALA B 273 -10.53 27.15 -19.83
C ALA B 273 -10.92 26.60 -18.47
N LEU B 274 -9.95 26.15 -17.70
CA LEU B 274 -10.27 25.56 -16.41
C LEU B 274 -10.97 26.59 -15.53
N ALA B 275 -10.58 27.84 -15.58
CA ALA B 275 -11.18 28.88 -14.77
C ALA B 275 -12.65 29.08 -15.12
N GLN B 276 -13.04 28.78 -16.33
CA GLN B 276 -14.40 28.98 -16.83
C GLN B 276 -15.28 27.74 -16.77
N ALA B 277 -14.69 26.54 -16.61
CA ALA B 277 -15.48 25.31 -16.77
C ALA B 277 -16.49 25.17 -15.67
N ASP B 278 -17.67 24.63 -16.03
CA ASP B 278 -18.66 24.32 -15.02
C ASP B 278 -18.59 22.86 -14.56
N VAL B 279 -18.10 21.94 -15.40
CA VAL B 279 -18.02 20.52 -15.02
C VAL B 279 -16.67 20.04 -15.52
N VAL B 280 -15.94 19.35 -14.63
CA VAL B 280 -14.68 18.72 -14.95
C VAL B 280 -14.80 17.24 -14.70
N LEU B 281 -14.41 16.46 -15.72
CA LEU B 281 -14.20 15.01 -15.56
C LEU B 281 -12.71 14.78 -15.35
N PHE B 282 -12.37 14.42 -14.12
CA PHE B 282 -11.00 14.26 -13.59
C PHE B 282 -10.71 12.80 -13.62
N VAL B 283 -9.82 12.38 -14.57
N VAL B 283 -9.84 12.36 -14.55
CA VAL B 283 -9.66 10.93 -14.80
CA VAL B 283 -9.60 10.99 -15.01
C VAL B 283 -8.18 10.55 -14.74
C VAL B 283 -8.16 10.55 -14.74
N GLY B 284 -7.91 9.57 -13.88
CA GLY B 284 -6.55 9.06 -13.79
C GLY B 284 -5.54 10.18 -13.42
N ASN B 285 -5.93 10.99 -12.45
CA ASN B 285 -5.31 12.28 -12.24
C ASN B 285 -5.11 12.53 -10.74
N ASN B 286 -3.88 12.88 -10.37
CA ASN B 286 -3.59 13.26 -9.01
C ASN B 286 -2.84 14.59 -8.95
N TYR B 287 -3.22 15.50 -9.82
CA TYR B 287 -2.68 16.86 -9.93
C TYR B 287 -2.41 17.48 -8.57
N PRO B 288 -1.13 17.76 -8.23
CA PRO B 288 -0.79 18.15 -6.86
C PRO B 288 -1.05 19.60 -6.55
N PHE B 289 -1.42 20.38 -7.54
CA PHE B 289 -1.69 21.79 -7.37
C PHE B 289 -3.16 22.07 -7.15
N ALA B 290 -4.00 21.05 -7.14
CA ALA B 290 -5.45 21.29 -7.14
C ALA B 290 -5.90 22.23 -6.02
N GLU B 291 -5.55 21.91 -4.78
CA GLU B 291 -6.00 22.67 -3.63
C GLU B 291 -5.23 23.97 -3.53
N VAL B 292 -3.89 23.92 -3.58
CA VAL B 292 -3.11 25.12 -3.33
C VAL B 292 -3.39 26.20 -4.33
N SER B 293 -3.71 25.84 -5.58
CA SER B 293 -4.00 26.81 -6.61
C SER B 293 -5.48 27.14 -6.72
N LYS B 294 -6.32 26.49 -5.90
CA LYS B 294 -7.75 26.72 -5.99
C LYS B 294 -8.25 26.46 -7.43
N ALA B 295 -7.70 25.44 -8.07
CA ALA B 295 -7.98 25.16 -9.45
C ALA B 295 -9.47 25.02 -9.76
N PHE B 296 -10.19 24.41 -8.87
CA PHE B 296 -11.59 24.06 -9.06
C PHE B 296 -12.53 24.95 -8.27
N LYS B 297 -12.10 26.12 -7.89
CA LYS B 297 -12.92 26.96 -7.04
C LYS B 297 -14.25 27.33 -7.71
N ASN B 298 -14.28 27.47 -9.03
N ASN B 298 -14.35 27.38 -9.02
CA ASN B 298 -15.37 27.90 -9.89
CA ASN B 298 -15.68 27.76 -9.52
C ASN B 298 -16.25 26.72 -10.30
C ASN B 298 -16.29 26.68 -10.38
N THR B 299 -15.74 25.48 -10.20
CA THR B 299 -16.33 24.31 -10.86
C THR B 299 -17.64 23.96 -10.15
N ARG B 300 -18.72 23.71 -10.90
CA ARG B 300 -20.00 23.38 -10.34
C ARG B 300 -20.06 21.89 -9.96
N TYR B 301 -19.76 21.01 -10.88
CA TYR B 301 -19.75 19.56 -10.63
C TYR B 301 -18.38 19.03 -11.00
N PHE B 302 -17.92 18.12 -10.15
CA PHE B 302 -16.60 17.51 -10.27
C PHE B 302 -16.81 16.01 -10.27
N LEU B 303 -16.38 15.38 -11.36
CA LEU B 303 -16.60 13.96 -11.63
C LEU B 303 -15.24 13.30 -11.68
N GLN B 304 -15.11 12.10 -11.18
CA GLN B 304 -13.78 11.45 -11.13
C GLN B 304 -13.89 10.01 -11.55
N ILE B 305 -12.84 9.54 -12.24
CA ILE B 305 -12.60 8.14 -12.50
C ILE B 305 -11.17 7.82 -12.02
N ASP B 306 -11.00 6.86 -11.14
CA ASP B 306 -9.65 6.51 -10.67
C ASP B 306 -9.72 5.03 -10.21
N ILE B 307 -8.56 4.39 -10.33
N ILE B 307 -8.58 4.36 -10.32
CA ILE B 307 -8.39 2.99 -9.95
CA ILE B 307 -8.49 2.95 -9.92
C ILE B 307 -8.10 2.80 -8.47
C ILE B 307 -8.11 2.79 -8.47
N ASP B 308 -7.73 3.87 -7.78
CA ASP B 308 -7.22 3.78 -6.41
C ASP B 308 -8.20 4.38 -5.41
N PRO B 309 -8.77 3.59 -4.51
CA PRO B 309 -9.70 4.17 -3.51
C PRO B 309 -9.09 5.34 -2.75
N ALA B 310 -7.77 5.32 -2.52
CA ALA B 310 -7.13 6.39 -1.80
C ALA B 310 -7.25 7.75 -2.47
N LYS B 311 -7.62 7.77 -3.75
CA LYS B 311 -7.70 9.00 -4.51
C LYS B 311 -9.13 9.53 -4.61
N LEU B 312 -10.12 8.74 -4.18
CA LEU B 312 -11.53 9.10 -4.48
C LEU B 312 -11.96 10.30 -3.63
N GLY B 313 -12.25 11.42 -4.30
CA GLY B 313 -12.60 12.65 -3.61
C GLY B 313 -11.40 13.33 -2.98
N LYS B 314 -10.19 12.97 -3.35
CA LYS B 314 -9.03 13.52 -2.68
C LYS B 314 -8.77 14.99 -2.95
N ARG B 315 -8.87 15.41 -4.23
CA ARG B 315 -8.39 16.71 -4.65
C ARG B 315 -9.45 17.80 -4.66
N HIS B 316 -10.71 17.41 -4.57
CA HIS B 316 -11.82 18.33 -4.58
C HIS B 316 -13.04 17.55 -4.14
N LYS B 317 -14.03 18.20 -3.55
CA LYS B 317 -15.31 17.57 -3.27
C LYS B 317 -15.88 17.04 -4.58
N THR B 318 -16.19 15.75 -4.58
CA THR B 318 -16.53 15.06 -5.79
C THR B 318 -17.99 14.63 -5.79
N ASP B 319 -18.69 14.99 -6.88
CA ASP B 319 -20.09 14.63 -7.02
C ASP B 319 -20.31 13.20 -7.31
N ILE B 320 -19.52 12.64 -8.24
CA ILE B 320 -19.55 11.22 -8.59
C ILE B 320 -18.11 10.77 -8.79
N ALA B 321 -17.69 9.76 -8.06
CA ALA B 321 -16.34 9.20 -8.18
C ALA B 321 -16.48 7.75 -8.50
N VAL B 322 -16.08 7.33 -9.66
CA VAL B 322 -16.16 5.95 -10.13
C VAL B 322 -14.80 5.29 -9.90
N LEU B 323 -14.82 4.19 -9.14
CA LEU B 323 -13.63 3.39 -8.89
C LEU B 323 -13.58 2.38 -10.04
N ALA B 324 -12.70 2.55 -10.99
CA ALA B 324 -12.63 1.78 -12.21
C ALA B 324 -11.37 2.16 -12.98
N ASP B 325 -11.09 1.29 -13.96
CA ASP B 325 -10.04 1.56 -14.92
C ASP B 325 -10.45 2.70 -15.87
N ALA B 326 -9.51 3.59 -16.17
CA ALA B 326 -9.78 4.72 -17.01
C ALA B 326 -10.21 4.33 -18.43
N GLN B 327 -9.44 3.49 -19.11
N GLN B 327 -9.46 3.47 -19.11
CA GLN B 327 -9.79 3.09 -20.47
CA GLN B 327 -9.76 3.24 -20.52
C GLN B 327 -11.14 2.42 -20.45
C GLN B 327 -11.09 2.51 -20.68
N LYS B 328 -11.34 1.43 -19.59
N LYS B 328 -11.36 1.54 -19.82
CA LYS B 328 -12.61 0.70 -19.67
CA LYS B 328 -12.65 0.86 -19.88
C LYS B 328 -13.79 1.67 -19.45
C LYS B 328 -13.83 1.76 -19.55
N THR B 329 -13.64 2.63 -18.55
CA THR B 329 -14.72 3.54 -18.22
C THR B 329 -14.96 4.51 -19.35
N LEU B 330 -13.91 5.09 -19.91
CA LEU B 330 -14.05 6.01 -21.01
C LEU B 330 -14.64 5.33 -22.27
N ALA B 331 -14.26 4.06 -22.50
CA ALA B 331 -14.90 3.30 -23.54
C ALA B 331 -16.40 3.09 -23.26
N ALA B 332 -16.75 2.84 -22.01
CA ALA B 332 -18.13 2.63 -21.65
C ALA B 332 -18.96 3.94 -21.82
N ILE B 333 -18.36 5.08 -21.55
CA ILE B 333 -19.01 6.37 -21.80
C ILE B 333 -19.20 6.55 -23.32
N LEU B 334 -18.15 6.33 -24.07
CA LEU B 334 -18.20 6.49 -25.52
C LEU B 334 -19.30 5.62 -26.10
N ALA B 335 -19.50 4.40 -25.62
CA ALA B 335 -20.49 3.48 -26.13
C ALA B 335 -21.90 3.95 -25.82
N GLN B 336 -22.15 4.89 -24.95
CA GLN B 336 -23.49 5.36 -24.61
C GLN B 336 -23.79 6.80 -25.08
N VAL B 337 -22.89 7.40 -25.87
CA VAL B 337 -23.06 8.78 -26.37
C VAL B 337 -22.96 8.74 -27.89
N SER B 338 -23.30 9.90 -28.47
CA SER B 338 -23.21 10.09 -29.94
C SER B 338 -23.01 11.59 -30.17
N GLU B 339 -22.85 11.90 -31.44
CA GLU B 339 -22.47 13.22 -31.91
C GLU B 339 -23.29 14.33 -31.27
N ARG B 340 -22.58 15.38 -30.84
CA ARG B 340 -23.17 16.67 -30.52
C ARG B 340 -22.65 17.70 -31.50
N GLU B 341 -23.50 18.61 -31.94
CA GLU B 341 -22.99 19.68 -32.79
C GLU B 341 -22.05 20.58 -32.05
N SER B 342 -21.14 21.19 -32.81
CA SER B 342 -20.27 22.25 -32.31
C SER B 342 -21.03 23.25 -31.46
N THR B 343 -20.44 23.66 -30.36
CA THR B 343 -20.95 24.66 -29.48
C THR B 343 -20.05 25.90 -29.44
N PRO B 344 -20.59 27.03 -28.96
CA PRO B 344 -19.73 28.21 -28.71
C PRO B 344 -18.54 27.90 -27.82
N TRP B 345 -18.72 27.12 -26.77
CA TRP B 345 -17.61 26.79 -25.87
C TRP B 345 -16.50 26.10 -26.64
N TRP B 346 -16.79 25.10 -27.46
CA TRP B 346 -15.93 24.33 -28.30
C TRP B 346 -15.19 25.27 -29.23
N GLN B 347 -15.95 26.11 -29.95
CA GLN B 347 -15.35 26.99 -30.95
C GLN B 347 -14.41 28.00 -30.26
N ALA B 348 -14.78 28.53 -29.13
CA ALA B 348 -13.92 29.50 -28.42
C ALA B 348 -12.59 28.86 -28.03
N ASN B 349 -12.69 27.63 -27.49
CA ASN B 349 -11.46 26.94 -27.10
C ASN B 349 -10.58 26.58 -28.32
N LEU B 350 -11.23 26.14 -29.41
CA LEU B 350 -10.45 25.87 -30.63
C LEU B 350 -9.67 27.12 -31.06
N ALA B 351 -10.35 28.26 -31.04
CA ALA B 351 -9.76 29.52 -31.50
C ALA B 351 -8.61 29.93 -30.57
N ASN B 352 -8.81 29.74 -29.27
CA ASN B 352 -7.82 30.07 -28.27
C ASN B 352 -6.55 29.23 -28.48
N VAL B 353 -6.74 27.93 -28.71
CA VAL B 353 -5.60 27.04 -28.98
C VAL B 353 -4.85 27.46 -30.24
N LYS B 354 -5.61 27.78 -31.31
N LYS B 354 -5.59 27.77 -31.32
CA LYS B 354 -4.91 28.21 -32.54
CA LYS B 354 -4.95 28.19 -32.57
C LYS B 354 -4.07 29.46 -32.30
C LYS B 354 -4.08 29.43 -32.29
N ASN B 355 -4.61 30.41 -31.55
CA ASN B 355 -3.87 31.63 -31.24
C ASN B 355 -2.61 31.33 -30.45
N TRP B 356 -2.72 30.45 -29.49
CA TRP B 356 -1.59 30.08 -28.65
C TRP B 356 -0.53 29.37 -29.46
N ARG B 357 -0.97 28.45 -30.32
N ARG B 357 -0.95 28.42 -30.30
CA ARG B 357 0.00 27.72 -31.16
CA ARG B 357 0.03 27.69 -31.08
C ARG B 357 0.76 28.64 -32.09
C ARG B 357 0.71 28.60 -32.09
N ALA B 358 0.05 29.64 -32.58
CA ALA B 358 0.68 30.63 -33.47
C ALA B 358 1.78 31.40 -32.72
N TYR B 359 1.46 31.70 -31.43
CA TYR B 359 2.51 32.35 -30.60
C TYR B 359 3.71 31.48 -30.43
N LEU B 360 3.50 30.21 -30.08
CA LEU B 360 4.66 29.32 -29.90
C LEU B 360 5.40 29.16 -31.21
N ALA B 361 4.72 29.04 -32.34
CA ALA B 361 5.40 28.91 -33.61
C ALA B 361 6.22 30.17 -33.92
N SER B 362 5.70 31.35 -33.56
CA SER B 362 6.45 32.57 -33.83
C SER B 362 7.80 32.56 -33.09
N LEU B 363 7.82 32.00 -31.90
CA LEU B 363 9.07 31.88 -31.17
C LEU B 363 9.98 30.89 -31.86
N GLU B 364 9.45 29.71 -32.20
CA GLU B 364 10.23 28.66 -32.84
C GLU B 364 10.84 29.06 -34.17
N ASP B 365 10.12 29.90 -34.93
CA ASP B 365 10.39 30.14 -36.31
C ASP B 365 11.35 31.24 -36.61
N LYS B 366 11.85 31.85 -35.56
CA LYS B 366 12.96 32.80 -35.82
C LYS B 366 14.13 32.06 -36.46
N GLN B 367 14.83 32.74 -37.34
CA GLN B 367 15.83 32.10 -38.21
C GLN B 367 17.26 32.55 -37.91
N GLU B 368 17.38 33.68 -37.18
CA GLU B 368 18.71 34.23 -36.94
C GLU B 368 18.65 35.04 -35.64
N GLY B 369 19.83 35.14 -35.01
CA GLY B 369 19.96 35.94 -33.82
C GLY B 369 20.28 35.16 -32.58
N PRO B 370 20.20 35.86 -31.46
CA PRO B 370 20.56 35.19 -30.16
C PRO B 370 19.65 34.02 -29.85
N LEU B 371 20.30 32.91 -29.52
CA LEU B 371 19.60 31.68 -29.34
C LEU B 371 18.73 31.71 -28.08
N GLN B 372 17.49 31.28 -28.19
CA GLN B 372 16.58 31.07 -27.11
C GLN B 372 16.22 29.59 -27.00
N ALA B 373 15.70 29.21 -25.85
CA ALA B 373 15.26 27.82 -25.67
C ALA B 373 14.28 27.40 -26.74
N TYR B 374 13.44 28.32 -27.19
CA TYR B 374 12.35 27.98 -28.11
C TYR B 374 12.87 27.40 -29.40
N GLN B 375 13.93 27.99 -29.93
CA GLN B 375 14.44 27.50 -31.21
C GLN B 375 15.21 26.20 -31.06
N VAL B 376 15.89 26.04 -29.92
CA VAL B 376 16.55 24.77 -29.63
C VAL B 376 15.51 23.62 -29.67
N LEU B 377 14.35 23.84 -29.09
CA LEU B 377 13.35 22.78 -29.09
C LEU B 377 12.76 22.54 -30.47
N ARG B 378 12.63 23.63 -31.27
CA ARG B 378 12.23 23.41 -32.65
C ARG B 378 13.25 22.52 -33.37
N ALA B 379 14.53 22.77 -33.09
CA ALA B 379 15.57 21.97 -33.75
C ALA B 379 15.52 20.50 -33.31
N VAL B 380 15.21 20.26 -32.05
CA VAL B 380 14.97 18.89 -31.57
C VAL B 380 13.82 18.28 -32.36
N ASN B 381 12.69 18.99 -32.45
CA ASN B 381 11.55 18.47 -33.21
C ASN B 381 11.94 18.08 -34.64
N LYS B 382 12.78 18.91 -35.27
N LYS B 382 12.78 18.91 -35.24
CA LYS B 382 13.10 18.64 -36.65
CA LYS B 382 13.15 18.67 -36.62
C LYS B 382 13.99 17.43 -36.82
C LYS B 382 13.97 17.41 -36.81
N ILE B 383 14.71 16.97 -35.82
CA ILE B 383 15.50 15.72 -35.96
C ILE B 383 14.88 14.55 -35.25
N ALA B 384 13.73 14.73 -34.61
CA ALA B 384 13.18 13.65 -33.79
C ALA B 384 12.44 12.62 -34.64
N GLU B 385 12.69 11.37 -34.38
N GLU B 385 12.69 11.37 -34.38
CA GLU B 385 11.94 10.27 -34.94
CA GLU B 385 11.96 10.24 -34.92
C GLU B 385 10.56 10.19 -34.30
C GLU B 385 10.59 10.12 -34.27
N PRO B 386 9.61 9.57 -34.99
CA PRO B 386 8.23 9.56 -34.44
C PRO B 386 8.08 8.80 -33.15
N ASP B 387 8.96 7.86 -32.83
CA ASP B 387 8.87 7.10 -31.61
C ASP B 387 10.00 7.44 -30.64
N ALA B 388 10.55 8.63 -30.75
CA ALA B 388 11.64 9.02 -29.85
C ALA B 388 11.13 9.03 -28.39
N ILE B 389 12.11 8.79 -27.52
CA ILE B 389 11.97 8.85 -26.09
C ILE B 389 12.74 10.06 -25.55
N TYR B 390 12.13 10.81 -24.66
CA TYR B 390 12.74 12.00 -24.06
C TYR B 390 12.87 11.80 -22.55
N SER B 391 14.11 11.84 -22.10
CA SER B 391 14.42 12.00 -20.67
C SER B 391 14.66 13.46 -20.41
N ILE B 392 13.85 14.04 -19.55
CA ILE B 392 13.80 15.48 -19.32
C ILE B 392 14.23 15.74 -17.87
N ASP B 393 15.16 16.68 -17.69
CA ASP B 393 15.61 17.10 -16.37
C ASP B 393 14.55 18.03 -15.76
N VAL B 394 14.97 18.82 -14.77
CA VAL B 394 14.02 19.57 -13.93
C VAL B 394 14.40 21.05 -13.96
N GLY B 395 13.43 21.91 -14.31
CA GLY B 395 13.64 23.33 -14.41
C GLY B 395 12.82 23.93 -15.51
N ASP B 396 13.31 25.03 -16.07
CA ASP B 396 12.58 25.61 -17.20
C ASP B 396 12.42 24.61 -18.34
N ILE B 397 13.28 23.59 -18.46
CA ILE B 397 13.09 22.63 -19.53
C ILE B 397 11.72 21.93 -19.43
N ASN B 398 11.19 21.69 -18.24
CA ASN B 398 9.88 21.05 -18.21
C ASN B 398 8.83 21.96 -18.85
N LEU B 399 8.90 23.26 -18.49
CA LEU B 399 7.97 24.26 -19.02
C LEU B 399 8.11 24.34 -20.53
N ASN B 400 9.34 24.53 -21.02
CA ASN B 400 9.54 24.72 -22.46
C ASN B 400 9.30 23.45 -23.26
N ALA B 401 9.72 22.30 -22.78
CA ALA B 401 9.46 21.07 -23.50
C ALA B 401 7.96 20.78 -23.56
N ASN B 402 7.25 21.06 -22.46
CA ASN B 402 5.82 20.87 -22.44
C ASN B 402 5.13 21.66 -23.55
N ARG B 403 5.59 22.89 -23.78
CA ARG B 403 4.99 23.73 -24.81
C ARG B 403 5.42 23.35 -26.19
N HIS B 404 6.70 23.02 -26.41
CA HIS B 404 7.25 22.92 -27.77
C HIS B 404 7.38 21.53 -28.30
N LEU B 405 7.63 20.49 -27.49
CA LEU B 405 7.74 19.18 -28.10
C LEU B 405 6.42 18.76 -28.75
N LYS B 406 6.51 18.13 -29.91
CA LYS B 406 5.33 17.71 -30.67
C LYS B 406 5.21 16.22 -30.51
N LEU B 407 4.55 15.76 -29.47
CA LEU B 407 4.49 14.35 -29.11
C LEU B 407 3.19 13.74 -29.62
N THR B 408 3.32 12.40 -29.77
CA THR B 408 2.20 11.57 -30.14
C THR B 408 2.16 10.34 -29.27
N PRO B 409 1.19 9.50 -29.39
CA PRO B 409 1.17 8.27 -28.63
C PRO B 409 2.37 7.38 -28.78
N SER B 410 3.12 7.44 -29.84
CA SER B 410 4.29 6.62 -30.06
CA SER B 410 4.31 6.70 -30.14
C SER B 410 5.51 7.15 -29.33
N ASN B 411 5.51 8.33 -28.79
CA ASN B 411 6.64 8.82 -27.95
C ASN B 411 6.48 8.36 -26.52
N ARG B 412 7.59 8.47 -25.80
CA ARG B 412 7.55 8.48 -24.34
C ARG B 412 8.36 9.68 -23.85
N HIS B 413 7.92 10.23 -22.72
CA HIS B 413 8.77 11.23 -22.03
C HIS B 413 8.68 10.95 -20.54
N ILE B 414 9.82 11.11 -19.87
CA ILE B 414 9.90 10.92 -18.42
C ILE B 414 10.71 12.08 -17.83
N THR B 415 10.31 12.42 -16.60
CA THR B 415 11.07 13.28 -15.69
C THR B 415 10.82 12.78 -14.27
N SER B 416 11.36 13.51 -13.31
CA SER B 416 11.05 13.28 -11.89
C SER B 416 9.77 14.07 -11.60
N ASN B 417 8.61 13.42 -11.72
CA ASN B 417 7.36 14.19 -11.79
C ASN B 417 7.04 14.98 -10.54
N LEU B 418 7.29 14.37 -9.35
CA LEU B 418 6.75 14.90 -8.11
C LEU B 418 7.84 15.22 -7.09
N PHE B 419 8.80 14.32 -6.91
CA PHE B 419 9.98 14.67 -6.15
C PHE B 419 10.78 15.76 -6.83
N ALA B 420 10.73 15.73 -8.14
CA ALA B 420 11.38 16.74 -9.01
C ALA B 420 12.86 16.89 -8.69
N THR B 421 13.58 15.77 -8.58
CA THR B 421 15.02 15.87 -8.44
C THR B 421 15.69 16.26 -9.76
N MET B 422 16.46 17.34 -9.71
CA MET B 422 17.39 17.64 -10.74
C MET B 422 18.38 16.49 -10.93
N GLY B 423 18.92 16.42 -12.13
CA GLY B 423 19.95 15.49 -12.51
C GLY B 423 19.45 14.25 -13.22
N VAL B 424 18.12 14.08 -13.34
N VAL B 424 18.14 14.14 -13.34
CA VAL B 424 17.56 12.87 -13.88
CA VAL B 424 17.46 12.96 -13.86
C VAL B 424 17.68 12.75 -15.40
C VAL B 424 17.57 12.82 -15.38
N GLY B 425 18.01 13.85 -16.10
CA GLY B 425 18.08 13.74 -17.55
C GLY B 425 19.04 12.67 -18.04
N ILE B 426 20.30 12.72 -17.54
CA ILE B 426 21.31 11.75 -17.94
C ILE B 426 20.92 10.35 -17.59
N PRO B 427 20.60 9.99 -16.34
CA PRO B 427 20.23 8.62 -16.02
C PRO B 427 18.99 8.13 -16.76
N GLY B 428 17.99 8.98 -16.91
CA GLY B 428 16.78 8.54 -17.60
C GLY B 428 17.08 8.15 -19.04
N ALA B 429 17.99 8.88 -19.67
CA ALA B 429 18.40 8.57 -21.01
C ALA B 429 19.19 7.28 -21.12
N ILE B 430 20.09 7.07 -20.14
CA ILE B 430 20.79 5.79 -20.03
C ILE B 430 19.81 4.63 -19.95
N ALA B 431 18.82 4.73 -19.04
CA ALA B 431 17.84 3.67 -18.94
C ALA B 431 17.06 3.50 -20.24
N ALA B 432 16.65 4.60 -20.85
CA ALA B 432 15.86 4.50 -22.07
C ALA B 432 16.64 3.76 -23.16
N LYS B 433 17.92 4.10 -23.35
CA LYS B 433 18.67 3.45 -24.39
C LYS B 433 18.94 1.97 -24.06
N LEU B 434 19.16 1.63 -22.78
CA LEU B 434 19.32 0.25 -22.41
C LEU B 434 18.08 -0.58 -22.69
N ASN B 435 16.90 -0.04 -22.45
CA ASN B 435 15.67 -0.75 -22.72
C ASN B 435 15.31 -0.78 -24.22
N TYR B 436 15.68 0.26 -24.94
CA TYR B 436 15.21 0.46 -26.29
C TYR B 436 16.36 0.85 -27.20
N PRO B 437 17.28 -0.08 -27.44
N PRO B 437 17.30 -0.07 -27.42
CA PRO B 437 18.48 0.33 -28.17
CA PRO B 437 18.50 0.27 -28.21
C PRO B 437 18.25 0.77 -29.62
C PRO B 437 18.17 0.89 -29.55
N GLU B 438 17.09 0.44 -30.18
CA GLU B 438 16.75 0.84 -31.53
C GLU B 438 15.91 2.10 -31.57
N ARG B 439 15.62 2.72 -30.45
CA ARG B 439 14.81 3.93 -30.46
C ARG B 439 15.70 5.12 -30.18
N GLN B 440 15.40 6.25 -30.83
CA GLN B 440 16.13 7.49 -30.58
C GLN B 440 15.80 7.99 -29.16
N VAL B 441 16.82 8.44 -28.46
CA VAL B 441 16.70 8.89 -27.08
C VAL B 441 17.36 10.26 -26.94
N PHE B 442 16.62 11.19 -26.38
CA PHE B 442 17.13 12.51 -26.01
C PHE B 442 17.24 12.64 -24.50
N ASN B 443 18.24 13.37 -24.04
CA ASN B 443 18.32 13.94 -22.72
C ASN B 443 18.23 15.44 -22.87
N LEU B 444 17.13 16.04 -22.40
CA LEU B 444 16.98 17.48 -22.45
C LEU B 444 17.17 18.02 -21.05
N ALA B 445 18.18 18.83 -20.80
CA ALA B 445 18.51 19.22 -19.45
C ALA B 445 18.98 20.65 -19.41
N GLY B 446 18.60 21.35 -18.34
CA GLY B 446 19.25 22.63 -18.03
C GLY B 446 20.67 22.42 -17.57
N ASP B 447 21.41 23.51 -17.57
CA ASP B 447 22.81 23.48 -17.14
C ASP B 447 22.96 23.09 -15.69
N GLY B 448 22.08 23.56 -14.82
CA GLY B 448 22.13 23.21 -13.41
C GLY B 448 21.95 21.73 -13.16
N GLY B 449 20.95 21.14 -13.82
CA GLY B 449 20.66 19.72 -13.65
C GLY B 449 21.68 18.84 -14.35
N ALA B 450 22.10 19.22 -15.55
CA ALA B 450 23.15 18.47 -16.24
C ALA B 450 24.43 18.45 -15.39
N SER B 451 24.77 19.57 -14.77
N SER B 451 24.75 19.57 -14.75
CA SER B 451 26.00 19.61 -13.99
CA SER B 451 25.93 19.70 -13.91
C SER B 451 25.91 18.68 -12.80
C SER B 451 25.91 18.66 -12.81
N MET B 452 24.74 18.45 -12.21
CA MET B 452 24.67 17.57 -11.04
C MET B 452 25.05 16.15 -11.37
N THR B 453 24.76 15.67 -12.58
CA THR B 453 25.05 14.30 -12.96
C THR B 453 25.99 14.17 -14.12
N MET B 454 26.80 15.23 -14.40
N MET B 454 26.72 15.26 -14.38
CA MET B 454 27.56 15.29 -15.61
CA MET B 454 27.56 15.33 -15.55
C MET B 454 28.55 14.15 -15.76
C MET B 454 28.52 14.17 -15.72
N GLN B 455 29.09 13.64 -14.62
CA GLN B 455 30.10 12.60 -14.72
C GLN B 455 29.59 11.37 -15.43
N ASP B 456 28.25 11.12 -15.34
CA ASP B 456 27.67 9.93 -15.96
C ASP B 456 27.41 10.10 -17.46
N LEU B 457 27.80 11.24 -18.04
CA LEU B 457 28.03 11.23 -19.47
C LEU B 457 29.05 10.17 -19.87
N ALA B 458 30.04 9.91 -18.98
CA ALA B 458 31.00 8.89 -19.26
C ALA B 458 30.36 7.51 -19.32
N THR B 459 29.27 7.25 -18.66
CA THR B 459 28.59 5.96 -18.70
C THR B 459 27.95 5.76 -20.06
N GLN B 460 27.41 6.83 -20.67
CA GLN B 460 26.91 6.71 -22.03
C GLN B 460 28.04 6.31 -23.00
N VAL B 461 29.21 6.91 -22.82
CA VAL B 461 30.36 6.54 -23.66
C VAL B 461 30.79 5.08 -23.42
N GLN B 462 30.94 4.72 -22.14
CA GLN B 462 31.44 3.41 -21.77
C GLN B 462 30.58 2.29 -22.30
N TYR B 463 29.29 2.47 -22.30
CA TYR B 463 28.34 1.46 -22.73
C TYR B 463 27.84 1.74 -24.15
N HIS B 464 28.44 2.69 -24.85
CA HIS B 464 28.10 2.99 -26.24
C HIS B 464 26.60 3.21 -26.43
N LEU B 465 26.01 4.04 -25.57
CA LEU B 465 24.59 4.35 -25.55
C LEU B 465 24.35 5.61 -26.35
N PRO B 466 23.80 5.57 -27.56
CA PRO B 466 23.79 6.79 -28.40
C PRO B 466 22.70 7.80 -28.09
N VAL B 467 22.75 8.35 -26.90
CA VAL B 467 21.88 9.41 -26.43
C VAL B 467 22.25 10.74 -27.14
N ILE B 468 21.22 11.52 -27.50
CA ILE B 468 21.40 12.90 -27.90
C ILE B 468 21.12 13.79 -26.69
N ASN B 469 22.24 14.31 -26.12
CA ASN B 469 22.15 15.20 -24.96
C ASN B 469 22.06 16.63 -25.43
N VAL B 470 21.10 17.39 -24.93
CA VAL B 470 20.95 18.82 -25.25
C VAL B 470 20.90 19.57 -23.93
N VAL B 471 21.94 20.37 -23.71
CA VAL B 471 22.05 21.15 -22.48
C VAL B 471 21.66 22.58 -22.78
N PHE B 472 20.78 23.13 -21.96
CA PHE B 472 20.26 24.48 -22.12
C PHE B 472 21.04 25.38 -21.14
N THR B 473 22.08 26.05 -21.67
CA THR B 473 23.03 26.79 -20.84
C THR B 473 22.58 28.24 -20.80
N ASN B 474 21.93 28.63 -19.70
CA ASN B 474 21.58 30.02 -19.42
C ASN B 474 22.44 30.62 -18.31
N CYS B 475 23.34 29.87 -17.72
CA CYS B 475 24.16 30.31 -16.59
C CYS B 475 23.28 30.74 -15.42
N GLN B 476 22.16 30.04 -15.26
CA GLN B 476 21.20 30.33 -14.22
C GLN B 476 20.54 29.08 -13.72
N TYR B 477 19.98 29.14 -12.54
CA TYR B 477 18.83 28.31 -12.11
C TYR B 477 17.61 29.12 -12.50
N GLY B 478 17.26 29.12 -13.79
CA GLY B 478 16.30 30.05 -14.29
C GLY B 478 14.93 29.90 -13.64
N PHE B 479 14.50 28.66 -13.46
CA PHE B 479 13.19 28.42 -12.85
C PHE B 479 13.11 29.09 -11.48
N ILE B 480 14.22 29.07 -10.71
CA ILE B 480 14.29 29.65 -9.38
C ILE B 480 14.49 31.15 -9.43
N LYS B 481 15.26 31.66 -10.37
CA LYS B 481 15.44 33.08 -10.56
C LYS B 481 14.08 33.75 -10.73
N ASP B 482 13.23 33.16 -11.58
CA ASP B 482 11.92 33.73 -11.82
C ASP B 482 11.04 33.71 -10.56
N GLU B 483 11.19 32.66 -9.75
CA GLU B 483 10.51 32.63 -8.45
C GLU B 483 10.96 33.78 -7.58
N GLN B 484 12.28 33.99 -7.46
CA GLN B 484 12.80 35.10 -6.67
C GLN B 484 12.31 36.44 -7.20
N GLU B 485 12.20 36.57 -8.53
CA GLU B 485 11.67 37.81 -9.09
C GLU B 485 10.26 38.06 -8.53
N ASP B 486 9.49 36.99 -8.40
CA ASP B 486 8.10 37.07 -8.00
C ASP B 486 7.90 37.31 -6.52
N THR B 487 8.76 36.71 -5.66
CA THR B 487 8.51 36.75 -4.23
C THR B 487 9.55 37.54 -3.42
N ASN B 488 10.76 37.65 -3.87
CA ASN B 488 11.86 38.10 -2.97
C ASN B 488 11.93 39.59 -2.97
N GLN B 489 12.15 40.15 -1.79
N GLN B 489 12.23 40.22 -1.84
CA GLN B 489 12.36 41.55 -1.57
CA GLN B 489 12.34 41.67 -1.81
C GLN B 489 13.73 42.04 -2.09
C GLN B 489 13.78 42.17 -1.99
N ASN B 490 14.73 41.27 -1.75
CA ASN B 490 16.15 41.64 -1.95
C ASN B 490 16.64 41.07 -3.27
N ASP B 491 17.91 41.35 -3.58
CA ASP B 491 18.44 41.03 -4.87
C ASP B 491 18.47 39.52 -5.09
N PHE B 492 18.50 39.12 -6.37
CA PHE B 492 18.70 37.74 -6.75
C PHE B 492 19.92 37.15 -6.02
N ILE B 493 19.81 35.90 -5.61
CA ILE B 493 20.92 35.27 -4.89
C ILE B 493 20.93 33.77 -5.22
N GLY B 494 22.12 33.28 -5.58
CA GLY B 494 22.32 31.89 -5.87
C GLY B 494 21.75 31.39 -7.18
N VAL B 495 21.25 32.25 -8.04
CA VAL B 495 20.52 31.86 -9.21
C VAL B 495 21.22 32.20 -10.51
N GLU B 496 22.29 32.99 -10.49
CA GLU B 496 23.13 33.32 -11.63
C GLU B 496 24.54 32.89 -11.30
N PHE B 497 25.20 32.17 -12.22
CA PHE B 497 26.46 31.55 -11.92
C PHE B 497 27.35 31.51 -13.15
N ASN B 498 28.58 31.03 -12.97
N ASN B 498 28.58 31.06 -12.94
CA ASN B 498 29.58 31.03 -14.00
CA ASN B 498 29.51 31.02 -14.04
C ASN B 498 29.40 29.88 -14.98
C ASN B 498 29.13 29.93 -15.04
N ASP B 499 29.60 30.12 -16.26
CA ASP B 499 29.50 29.21 -17.33
C ASP B 499 30.27 27.92 -17.09
N ILE B 500 29.69 26.81 -17.53
CA ILE B 500 30.38 25.55 -17.81
C ILE B 500 30.19 25.24 -19.28
N ASP B 501 31.28 24.96 -19.98
CA ASP B 501 31.22 24.57 -21.38
C ASP B 501 31.06 23.04 -21.47
N PHE B 502 29.80 22.62 -21.67
CA PHE B 502 29.51 21.20 -21.71
C PHE B 502 30.09 20.53 -22.95
N SER B 503 30.45 21.28 -24.00
CA SER B 503 31.14 20.62 -25.08
C SER B 503 32.50 20.17 -24.64
N LYS B 504 33.15 20.91 -23.74
CA LYS B 504 34.45 20.53 -23.21
C LYS B 504 34.33 19.42 -22.18
N ILE B 505 33.26 19.45 -21.36
CA ILE B 505 32.97 18.35 -20.48
C ILE B 505 32.81 17.06 -21.28
N ALA B 506 32.02 17.14 -22.34
CA ALA B 506 31.85 15.99 -23.23
C ALA B 506 33.15 15.48 -23.79
N ASP B 507 33.97 16.42 -24.28
CA ASP B 507 35.29 16.03 -24.76
C ASP B 507 36.08 15.30 -23.68
N GLY B 508 36.02 15.77 -22.46
CA GLY B 508 36.70 15.14 -21.36
C GLY B 508 36.28 13.70 -21.09
N VAL B 509 35.01 13.37 -21.32
CA VAL B 509 34.55 11.98 -21.19
C VAL B 509 34.58 11.20 -22.51
N HIS B 510 35.14 11.86 -23.53
CA HIS B 510 35.35 11.25 -24.83
C HIS B 510 34.05 11.05 -25.61
N MET B 511 33.20 12.04 -25.56
CA MET B 511 31.93 12.14 -26.30
C MET B 511 32.02 13.27 -27.30
N GLN B 512 31.61 13.06 -28.53
CA GLN B 512 31.52 14.12 -29.53
C GLN B 512 30.51 15.15 -29.09
N ALA B 513 30.80 16.42 -29.39
CA ALA B 513 29.95 17.51 -28.90
C ALA B 513 30.12 18.79 -29.71
N PHE B 514 29.14 19.67 -29.52
CA PHE B 514 29.07 20.95 -30.17
C PHE B 514 28.61 21.97 -29.14
N ARG B 515 28.99 23.24 -29.33
CA ARG B 515 28.42 24.36 -28.59
C ARG B 515 27.91 25.37 -29.60
N VAL B 516 26.71 25.84 -29.41
CA VAL B 516 26.06 26.83 -30.26
C VAL B 516 25.49 27.98 -29.44
N ASN B 517 25.47 29.18 -30.00
CA ASN B 517 24.89 30.34 -29.35
C ASN B 517 24.04 31.23 -30.27
N LYS B 518 23.82 30.79 -31.49
N LYS B 518 23.82 30.83 -31.51
CA LYS B 518 23.11 31.59 -32.51
CA LYS B 518 22.95 31.59 -32.39
C LYS B 518 22.06 30.69 -33.17
C LYS B 518 22.02 30.63 -33.12
N ILE B 519 20.87 31.22 -33.44
CA ILE B 519 19.80 30.47 -34.06
C ILE B 519 20.26 29.84 -35.36
N GLU B 520 21.00 30.60 -36.15
CA GLU B 520 21.35 30.11 -37.48
C GLU B 520 22.31 28.93 -37.43
N GLN B 521 22.95 28.64 -36.29
CA GLN B 521 23.83 27.53 -36.17
C GLN B 521 23.11 26.19 -35.99
N LEU B 522 21.82 26.21 -35.64
CA LEU B 522 21.14 25.02 -35.18
C LEU B 522 21.05 23.95 -36.29
N PRO B 523 20.58 24.25 -37.50
CA PRO B 523 20.24 23.12 -38.38
C PRO B 523 21.43 22.20 -38.63
N ASP B 524 22.59 22.76 -38.95
N ASP B 524 22.61 22.75 -38.94
CA ASP B 524 23.77 21.98 -39.28
CA ASP B 524 23.68 21.84 -39.29
C ASP B 524 24.22 21.13 -38.09
C ASP B 524 24.20 21.09 -38.07
N VAL B 525 24.23 21.71 -36.90
CA VAL B 525 24.67 21.00 -35.70
C VAL B 525 23.71 19.87 -35.35
N PHE B 526 22.41 20.17 -35.41
CA PHE B 526 21.43 19.10 -35.09
C PHE B 526 21.47 18.00 -36.12
N GLU B 527 21.68 18.29 -37.41
N GLU B 527 21.69 18.32 -37.40
CA GLU B 527 21.80 17.21 -38.40
CA GLU B 527 21.85 17.31 -38.43
C GLU B 527 23.02 16.36 -38.10
C GLU B 527 23.02 16.40 -38.12
N GLN B 528 24.16 16.98 -37.74
CA GLN B 528 25.34 16.21 -37.42
C GLN B 528 25.07 15.36 -36.21
N ALA B 529 24.42 15.88 -35.19
CA ALA B 529 24.15 15.11 -33.98
C ALA B 529 23.25 13.94 -34.29
N LYS B 530 22.25 14.12 -35.12
N LYS B 530 22.25 14.13 -35.12
CA LYS B 530 21.32 13.05 -35.47
CA LYS B 530 21.30 13.09 -35.48
C LYS B 530 22.08 11.88 -36.10
C LYS B 530 22.09 11.91 -36.07
N ALA B 531 23.07 12.20 -36.93
CA ALA B 531 23.89 11.22 -37.60
C ALA B 531 24.88 10.52 -36.65
N ILE B 532 25.54 11.33 -35.80
CA ILE B 532 26.46 10.68 -34.83
C ILE B 532 25.73 9.69 -33.99
N ALA B 533 24.52 10.03 -33.57
CA ALA B 533 23.73 9.21 -32.68
C ALA B 533 23.10 7.98 -33.32
N GLN B 534 23.45 7.72 -34.59
CA GLN B 534 23.23 6.38 -35.10
C GLN B 534 24.15 5.37 -34.48
N HIS B 535 25.26 5.81 -33.90
CA HIS B 535 26.24 4.89 -33.33
C HIS B 535 26.86 5.25 -31.99
N GLU B 536 26.90 6.55 -31.61
CA GLU B 536 27.56 6.98 -30.40
C GLU B 536 26.80 8.12 -29.76
N PRO B 537 26.95 8.34 -28.45
CA PRO B 537 26.33 9.51 -27.85
C PRO B 537 26.93 10.81 -28.41
N VAL B 538 26.16 11.88 -28.22
CA VAL B 538 26.57 13.21 -28.65
C VAL B 538 25.95 14.20 -27.68
N LEU B 539 26.60 15.39 -27.62
CA LEU B 539 26.06 16.43 -26.78
C LEU B 539 26.10 17.74 -27.55
N ILE B 540 25.02 18.50 -27.40
CA ILE B 540 24.89 19.88 -27.90
C ILE B 540 24.69 20.76 -26.70
N ASP B 541 25.60 21.73 -26.54
CA ASP B 541 25.52 22.72 -25.48
C ASP B 541 24.96 23.99 -26.11
N ALA B 542 23.71 24.29 -25.82
CA ALA B 542 23.01 25.40 -26.39
C ALA B 542 23.02 26.58 -25.40
N VAL B 543 23.81 27.62 -25.75
CA VAL B 543 23.93 28.84 -24.96
C VAL B 543 22.74 29.71 -25.26
N ILE B 544 21.83 29.82 -24.32
CA ILE B 544 20.55 30.50 -24.51
C ILE B 544 20.46 31.76 -23.71
N THR B 545 19.57 32.67 -24.12
CA THR B 545 19.31 33.89 -23.42
C THR B 545 18.67 33.63 -22.06
N GLY B 546 18.69 34.70 -21.26
CA GLY B 546 18.02 34.79 -19.98
C GLY B 546 16.59 35.27 -20.01
N ASP B 547 15.92 35.19 -21.15
CA ASP B 547 14.56 35.61 -21.30
C ASP B 547 13.65 34.71 -20.46
N ARG B 548 12.75 35.30 -19.71
CA ARG B 548 11.80 34.53 -18.93
C ARG B 548 10.71 33.97 -19.85
N PRO B 549 10.39 32.68 -19.79
CA PRO B 549 9.27 32.19 -20.60
C PRO B 549 7.96 32.71 -20.06
N LEU B 550 6.98 32.86 -20.98
CA LEU B 550 5.68 33.40 -20.60
C LEU B 550 5.11 32.66 -19.40
N PRO B 551 4.67 33.37 -18.37
CA PRO B 551 4.10 32.67 -17.23
C PRO B 551 2.60 32.49 -17.41
N ALA B 552 2.22 31.26 -17.73
CA ALA B 552 0.80 30.95 -17.96
C ALA B 552 -0.03 31.11 -16.72
N GLU B 553 0.56 31.11 -15.54
CA GLU B 553 -0.09 31.34 -14.26
C GLU B 553 -0.19 32.79 -13.89
N LYS B 554 0.39 33.69 -14.67
N LYS B 554 0.35 33.69 -14.70
CA LYS B 554 0.41 35.15 -14.48
CA LYS B 554 0.27 35.13 -14.45
C LYS B 554 0.08 35.84 -15.80
C LYS B 554 0.01 35.89 -15.74
N LEU B 555 -0.99 35.44 -16.47
CA LEU B 555 -1.37 36.08 -17.71
C LEU B 555 -1.87 37.48 -17.46
N ARG B 556 -1.46 38.42 -18.32
CA ARG B 556 -1.97 39.81 -18.26
C ARG B 556 -2.33 40.20 -19.70
N LEU B 557 -3.51 39.77 -20.13
CA LEU B 557 -4.01 40.01 -21.45
C LEU B 557 -5.46 40.47 -21.48
N ASP B 558 -6.23 40.38 -20.40
CA ASP B 558 -7.64 40.60 -20.40
C ASP B 558 -7.94 41.95 -19.75
N SER B 559 -8.46 42.87 -20.57
N SER B 559 -8.46 42.88 -20.56
CA SER B 559 -8.64 44.23 -20.10
CA SER B 559 -8.72 44.25 -20.12
C SER B 559 -9.75 44.35 -19.06
C SER B 559 -9.63 44.27 -18.91
N ALA B 560 -10.54 43.30 -18.83
CA ALA B 560 -11.51 43.30 -17.75
C ALA B 560 -10.82 42.88 -16.48
N MET B 561 -9.65 42.27 -16.54
N MET B 561 -9.63 42.31 -16.51
CA MET B 561 -8.99 41.63 -15.43
CA MET B 561 -9.00 41.77 -15.31
C MET B 561 -7.74 42.38 -15.00
C MET B 561 -7.74 42.50 -14.91
N SER B 562 -7.07 43.06 -15.91
CA SER B 562 -5.77 43.68 -15.77
C SER B 562 -5.78 45.09 -16.35
N SER B 563 -4.91 45.91 -15.74
CA SER B 563 -4.70 47.26 -16.32
C SER B 563 -4.07 47.22 -17.67
N ALA B 564 -4.37 48.31 -18.43
CA ALA B 564 -3.75 48.49 -19.73
C ALA B 564 -2.21 48.53 -19.59
N ALA B 565 -1.68 49.17 -18.56
CA ALA B 565 -0.25 49.22 -18.38
C ALA B 565 0.31 47.83 -18.12
N ASP B 566 -0.32 47.01 -17.29
CA ASP B 566 0.14 45.66 -17.03
C ASP B 566 0.11 44.81 -18.28
N ILE B 567 -0.93 44.96 -19.07
CA ILE B 567 -1.06 44.20 -20.32
C ILE B 567 0.04 44.59 -21.29
N GLU B 568 0.27 45.89 -21.45
N GLU B 568 0.31 45.88 -21.41
CA GLU B 568 1.33 46.40 -22.36
CA GLU B 568 1.34 46.24 -22.38
C GLU B 568 2.69 45.82 -21.96
C GLU B 568 2.74 45.80 -21.97
N ALA B 569 2.99 45.83 -20.65
CA ALA B 569 4.28 45.33 -20.17
C ALA B 569 4.42 43.81 -20.42
N PHE B 570 3.35 43.06 -20.16
CA PHE B 570 3.36 41.61 -20.37
C PHE B 570 3.60 41.31 -21.83
N LYS B 571 2.81 42.00 -22.71
CA LYS B 571 2.98 41.75 -24.14
C LYS B 571 4.41 42.01 -24.59
N GLN B 572 5.01 43.10 -24.08
CA GLN B 572 6.37 43.45 -24.46
C GLN B 572 7.35 42.37 -24.00
N ARG B 573 7.30 42.03 -22.71
CA ARG B 573 8.31 41.12 -22.17
C ARG B 573 8.25 39.76 -22.83
N TYR B 574 7.03 39.26 -23.10
CA TYR B 574 6.86 37.88 -23.51
C TYR B 574 6.62 37.76 -25.02
N GLU B 575 6.85 38.82 -25.79
CA GLU B 575 6.73 38.77 -27.23
C GLU B 575 5.29 38.35 -27.60
N ALA B 576 4.33 38.81 -26.81
CA ALA B 576 2.97 38.30 -26.78
C ALA B 576 1.94 39.28 -27.33
N GLN B 577 2.41 40.20 -28.16
CA GLN B 577 1.50 41.21 -28.72
C GLN B 577 0.30 40.63 -29.43
N ASP B 578 0.42 39.45 -30.04
CA ASP B 578 -0.66 38.85 -30.80
C ASP B 578 -1.46 37.82 -30.03
N LEU B 579 -1.15 37.57 -28.79
CA LEU B 579 -2.01 36.70 -27.96
C LEU B 579 -3.24 37.47 -27.56
N GLN B 580 -4.40 36.77 -27.63
N GLN B 580 -4.40 36.79 -27.64
CA GLN B 580 -5.66 37.29 -27.14
CA GLN B 580 -5.63 37.33 -27.09
C GLN B 580 -6.09 36.49 -25.92
C GLN B 580 -6.09 36.48 -25.93
N PRO B 581 -6.76 37.10 -24.97
CA PRO B 581 -7.28 36.36 -23.85
C PRO B 581 -8.47 35.50 -24.27
N LEU B 582 -8.74 34.44 -23.52
CA LEU B 582 -9.86 33.55 -23.85
C LEU B 582 -11.17 34.34 -23.99
N SER B 583 -11.34 35.35 -23.11
CA SER B 583 -12.59 36.10 -23.16
C SER B 583 -12.89 36.71 -24.54
N THR B 584 -11.86 37.03 -25.31
CA THR B 584 -12.11 37.53 -26.66
C THR B 584 -12.83 36.49 -27.50
N TYR B 585 -12.40 35.25 -27.41
CA TYR B 585 -13.03 34.17 -28.17
C TYR B 585 -14.39 33.77 -27.61
N LEU B 586 -14.55 33.79 -26.27
CA LEU B 586 -15.83 33.56 -25.70
C LEU B 586 -16.86 34.57 -26.27
N LYS B 587 -16.48 35.83 -26.27
CA LYS B 587 -17.35 36.87 -26.77
C LYS B 587 -17.66 36.69 -28.24
N GLN B 588 -16.62 36.31 -28.99
CA GLN B 588 -16.80 36.13 -30.43
C GLN B 588 -17.89 35.14 -30.74
N PHE B 589 -17.93 34.07 -29.95
CA PHE B 589 -18.93 33.00 -30.19
C PHE B 589 -20.13 33.16 -29.31
N GLY B 590 -20.32 34.29 -28.65
CA GLY B 590 -21.59 34.63 -27.97
C GLY B 590 -21.72 34.19 -26.53
N LEU B 591 -20.65 33.88 -25.79
CA LEU B 591 -20.69 33.52 -24.37
C LEU B 591 -20.48 34.61 -23.34
C PYR C . 4.40 -39.65 16.62
O PYR C . 5.39 -38.89 16.22
OXT PYR C . 4.44 -40.65 17.36
CA PYR C . 2.96 -39.35 16.19
O3 PYR C . 1.98 -39.79 16.79
CB PYR C . 2.84 -38.55 15.14
C PYR D . 4.04 -21.58 18.57
O PYR D . 4.60 -21.60 19.74
OXT PYR D . 4.39 -22.22 17.55
CA PYR D . 2.83 -20.61 18.40
O3 PYR D . 1.69 -21.10 18.17
CB PYR D . 3.05 -19.23 18.56
P PO4 E . 6.98 -14.96 22.36
O1 PO4 E . 7.95 -13.97 22.88
O2 PO4 E . 6.33 -15.87 23.35
O3 PO4 E . 7.73 -15.81 21.35
O4 PO4 E . 5.88 -14.23 21.69
C1 GOL F . -18.01 5.49 4.66
O1 GOL F . -18.37 6.70 5.35
C2 GOL F . -17.71 4.51 5.80
O2 GOL F . -16.65 4.88 6.71
C3 GOL F . -17.43 3.16 5.15
O3 GOL F . -17.65 2.14 6.18
C1 GOL G . -27.16 -7.79 26.75
O1 GOL G . -26.17 -6.87 26.22
C2 GOL G . -28.32 -7.72 25.70
O2 GOL G . -27.78 -8.38 24.50
C3 GOL G . -29.47 -8.69 26.14
O3 GOL G . -30.54 -8.55 25.15
C1 GOL H . -1.02 10.36 -2.05
O1 GOL H . -1.20 11.06 -3.29
C2 GOL H . -1.13 8.83 -2.21
O2 GOL H . -2.46 8.52 -2.50
C3 GOL H . -0.80 7.94 -1.02
O3 GOL H . -1.09 6.55 -1.29
MG MG I . -2.09 -17.95 32.88
O1A TDM J . -1.77 -16.31 31.76
PA TDM J . -1.79 -16.07 30.27
O2A TDM J . -2.58 -14.89 29.81
O3A TDM J . -2.34 -17.36 29.51
PB TDM J . -2.08 -18.96 29.79
O2B TDM J . -1.48 -19.07 31.17
O3B TDM J . -1.18 -19.43 28.70
O1B TDM J . -3.49 -19.49 29.73
O7 TDM J . -0.27 -16.00 29.82
C7 TDM J . 0.05 -15.67 28.44
C6 TDM J . 1.53 -15.98 28.30
C5 TDM J . 2.14 -15.42 27.02
S1 TDM J . 1.58 -16.01 25.47
C2 TDM J . 2.57 -14.87 24.62
C27 TDM J . 3.03 -15.27 23.23
C29 TDM J . 1.91 -16.00 22.47
O28 TDM J . 3.41 -14.14 22.50
N3 TDM J . 3.46 -14.26 25.56
C4 TDM J . 3.12 -14.54 26.89
CM4 TDM J . 3.91 -13.87 28.01
C7' TDM J . 4.42 -13.17 25.17
C5' TDM J . 3.84 -11.76 25.41
C4' TDM J . 2.75 -11.25 24.59
N4' TDM J . 2.24 -11.93 23.58
N3' TDM J . 2.22 -10.01 24.86
C2' TDM J . 2.82 -9.28 25.83
CM2 TDM J . 2.27 -7.90 26.12
N1' TDM J . 3.87 -9.68 26.51
C6' TDM J . 4.39 -10.95 26.31
PA FAD K . -4.29 -13.28 7.30
O1A FAD K . -5.02 -12.04 7.66
O2A FAD K . -2.87 -13.40 7.69
O5B FAD K . -4.34 -13.55 5.73
C5B FAD K . -5.57 -13.41 4.98
C4B FAD K . -5.17 -13.69 3.56
O4B FAD K . -6.39 -13.62 2.77
C3B FAD K . -4.17 -12.63 2.94
O3B FAD K . -3.15 -13.31 2.18
C2B FAD K . -5.12 -11.81 2.08
O2B FAD K . -4.48 -11.13 1.00
C1B FAD K . -6.13 -12.81 1.60
N9A FAD K . -7.42 -12.23 1.18
C8A FAD K . -8.14 -11.27 1.84
N7A FAD K . -9.35 -11.07 1.24
C5A FAD K . -9.40 -11.98 0.20
C6A FAD K . -10.38 -12.27 -0.77
N6A FAD K . -11.51 -11.62 -0.89
N1A FAD K . -10.09 -13.30 -1.63
C2A FAD K . -8.90 -13.95 -1.60
N3A FAD K . -7.92 -13.70 -0.67
C4A FAD K . -8.24 -12.71 0.19
N1 FAD K . -2.66 -19.74 13.50
C2 FAD K . -2.60 -21.05 13.13
O2 FAD K . -3.27 -21.46 12.14
N3 FAD K . -1.83 -21.92 13.86
C4 FAD K . -1.15 -21.58 14.99
O4 FAD K . -0.43 -22.43 15.61
C4X FAD K . -1.26 -20.23 15.41
N5 FAD K . -0.51 -19.75 16.47
C5X FAD K . -1.04 -18.66 17.12
C6 FAD K . -0.75 -18.39 18.45
C7 FAD K . -1.29 -17.29 19.14
C7M FAD K . -0.96 -17.05 20.60
C8 FAD K . -2.16 -16.43 18.42
C8M FAD K . -2.77 -15.23 19.11
C9 FAD K . -2.43 -16.71 17.09
C9A FAD K . -1.88 -17.78 16.41
N10 FAD K . -2.14 -18.07 15.03
C10 FAD K . -2.01 -19.36 14.61
C1' FAD K . -2.60 -17.05 14.10
C2' FAD K . -1.47 -16.75 13.11
O2' FAD K . -0.44 -15.93 13.78
C3' FAD K . -1.93 -16.05 11.82
O3' FAD K . -2.62 -14.83 12.17
C4' FAD K . -2.95 -16.90 11.05
O4' FAD K . -2.50 -18.29 10.90
C5' FAD K . -3.11 -16.32 9.65
O5' FAD K . -4.50 -16.50 9.29
P FAD K . -5.06 -16.07 7.89
O1P FAD K . -4.16 -16.47 6.79
O2P FAD K . -6.47 -16.55 7.88
O3P FAD K . -5.13 -14.46 7.95
C1 GOL L . 18.87 -24.89 24.07
O1 GOL L . 19.53 -25.81 24.95
C2 GOL L . 18.14 -25.63 22.97
O2 GOL L . 16.95 -26.20 23.54
C3 GOL L . 17.54 -24.58 22.01
O3 GOL L . 16.30 -25.13 21.53
C PYR M . -5.64 37.31 -18.02
O PYR M . -6.01 36.17 -17.64
OXT PYR M . -5.32 37.58 -19.18
CA PYR M . -5.51 38.48 -17.03
O3 PYR M . -5.39 39.60 -17.53
CB PYR M . -5.52 38.20 -15.63
C PYR N . 5.39 26.12 -9.63
O PYR N . 6.33 26.97 -9.38
OXT PYR N . 4.16 26.30 -9.38
CA PYR N . 5.78 24.73 -10.23
O3 PYR N . 5.41 24.49 -11.36
CB PYR N . 6.53 23.86 -9.47
P PO4 O . 11.72 24.26 -4.79
O1 PO4 O . 12.61 24.18 -3.64
O2 PO4 O . 12.25 25.11 -5.95
O3 PO4 O . 11.46 22.89 -5.37
O4 PO4 O . 10.43 24.87 -4.30
C1 GOL P . 15.84 -4.66 -16.79
C1 GOL P . 15.42 -3.42 -15.74
O1 GOL P . 16.63 -4.05 -15.85
O1 GOL P . 15.18 -3.75 -14.40
C2 GOL P . 14.40 -4.15 -16.79
C2 GOL P . 14.67 -3.88 -16.94
O2 GOL P . 13.80 -5.45 -16.72
O2 GOL P . 14.54 -5.34 -16.77
C3 GOL P . 14.01 -3.21 -17.90
C3 GOL P . 13.29 -3.12 -16.74
O3 GOL P . 13.51 -1.91 -17.44
O3 GOL P . 13.10 -3.00 -18.16
C1 GOL Q . 6.00 42.60 -15.04
O1 GOL Q . 6.89 42.66 -13.92
C2 GOL Q . 6.78 42.13 -16.31
O2 GOL Q . 7.03 40.78 -16.05
C3 GOL Q . 5.76 41.99 -17.48
O3 GOL Q . 4.54 41.12 -17.24
C1 GOL R . 20.28 3.54 -34.34
O1 GOL R . 19.57 2.42 -34.97
C2 GOL R . 20.26 3.31 -32.84
O2 GOL R . 18.89 3.42 -32.39
C3 GOL R . 21.17 4.28 -32.07
O3 GOL R . 21.06 3.76 -30.71
C1 GOL S . 2.17 6.99 -22.43
O1 GOL S . 2.55 6.00 -21.47
C2 GOL S . 1.35 6.15 -23.43
O2 GOL S . 2.38 5.30 -23.97
C3 GOL S . 0.95 7.19 -24.49
O3 GOL S . 0.81 6.42 -25.71
MG MG T . 20.00 26.87 -16.05
O1A TDM U . 19.79 25.28 -14.84
PA TDM U . 18.63 24.43 -14.44
O2A TDM U . 18.81 22.97 -14.50
O3A TDM U . 17.39 24.78 -15.35
PB TDM U . 16.82 26.24 -15.90
O2B TDM U . 16.61 25.95 -17.35
O3B TDM U . 17.95 27.24 -15.72
O1B TDM U . 15.60 26.54 -15.11
O7 TDM U . 18.19 24.91 -13.02
C7 TDM U . 17.09 24.16 -12.26
C6 TDM U . 16.75 25.08 -11.14
C5 TDM U . 15.86 24.36 -10.10
S1 TDM U . 14.28 23.86 -10.54
C2 TDM U . 14.00 23.10 -9.00
C27 TDM U . 12.57 23.03 -8.52
C29 TDM U . 11.64 22.69 -9.66
O28 TDM U . 12.50 21.99 -7.57
N3 TDM U . 15.08 23.51 -8.14
C4 TDM U . 16.14 24.16 -8.82
CM4 TDM U . 17.41 24.51 -8.06
C7' TDM U . 15.22 23.02 -6.75
C5' TDM U . 16.17 21.77 -6.69
C4' TDM U . 15.75 20.49 -7.17
N4' TDM U . 14.55 20.28 -7.71
N3' TDM U . 16.65 19.44 -7.14
C2' TDM U . 17.81 19.61 -6.47
CM2 TDM U . 18.77 18.44 -6.40
N1' TDM U . 18.13 20.74 -5.88
C6' TDM U . 17.31 21.84 -5.98
PA FAD V . 0.12 10.75 -10.94
O1A FAD V . 1.06 9.60 -11.09
O2A FAD V . 0.31 11.68 -9.81
O5B FAD V . -1.37 10.20 -10.79
C5B FAD V . -1.85 9.14 -11.64
C4B FAD V . -3.32 8.93 -11.16
O4B FAD V . -3.90 7.94 -12.06
C3B FAD V . -3.45 8.40 -9.74
O3B FAD V . -4.52 9.06 -9.04
C2B FAD V . -3.74 6.93 -9.97
O2B FAD V . -4.41 6.23 -8.94
C1B FAD V . -4.58 6.96 -11.27
N9A FAD V . -4.52 5.68 -12.04
C8A FAD V . -3.44 4.90 -12.31
N7A FAD V . -3.75 3.91 -13.18
C5A FAD V . -5.10 4.10 -13.46
C6A FAD V . -6.01 3.39 -14.24
N6A FAD V . -5.67 2.32 -14.95
N1A FAD V . -7.28 3.88 -14.32
C2A FAD V . -7.65 4.94 -13.57
N3A FAD V . -6.86 5.66 -12.76
C4A FAD V . -5.59 5.18 -12.72
N1 FAD V . 2.27 19.19 -13.63
C2 FAD V . 1.32 20.01 -14.11
O2 FAD V . 0.29 19.56 -14.68
N3 FAD V . 1.44 21.38 -13.98
C4 FAD V . 2.55 21.98 -13.43
O4 FAD V . 2.65 23.25 -13.33
C4X FAD V . 3.57 21.10 -12.99
N5 FAD V . 4.72 21.62 -12.35
C5X FAD V . 5.86 20.81 -12.43
C6 FAD V . 7.12 21.38 -12.33
C7 FAD V . 8.28 20.58 -12.42
C7M FAD V . 9.67 21.22 -12.27
C8 FAD V . 8.13 19.21 -12.62
C8M FAD V . 9.36 18.30 -12.74
C9 FAD V . 6.86 18.62 -12.71
C9A FAD V . 5.71 19.42 -12.60
N10 FAD V . 4.41 18.89 -12.72
C10 FAD V . 3.40 19.72 -13.12
C1' FAD V . 4.12 17.47 -12.48
C2' FAD V . 3.30 17.36 -11.16
O2' FAD V . 4.20 17.53 -10.02
C3' FAD V . 2.56 16.02 -10.99
O3' FAD V . 3.49 14.94 -11.09
C4' FAD V . 1.53 15.82 -12.14
O4' FAD V . 0.70 16.98 -12.33
C5' FAD V . 0.59 14.67 -11.74
O5' FAD V . 0.32 13.95 -12.96
P FAD V . -0.67 12.71 -12.99
O1P FAD V . -1.86 12.96 -12.15
O2P FAD V . -0.80 12.40 -14.43
O3P FAD V . 0.19 11.50 -12.34
#